data_5XBN
# 
_entry.id   5XBN 
# 
_audit_conform.dict_name       mmcif_pdbx.dic 
_audit_conform.dict_version    5.398 
_audit_conform.dict_location   http://mmcif.pdb.org/dictionaries/ascii/mmcif_pdbx.dic 
# 
loop_
_database_2.database_id 
_database_2.database_code 
_database_2.pdbx_database_accession 
_database_2.pdbx_DOI 
PDB   5XBN         pdb_00005xbn 10.2210/pdb5xbn/pdb 
WWPDB D_1300003249 ?            ?                   
# 
loop_
_pdbx_audit_revision_history.ordinal 
_pdbx_audit_revision_history.data_content_type 
_pdbx_audit_revision_history.major_revision 
_pdbx_audit_revision_history.minor_revision 
_pdbx_audit_revision_history.revision_date 
1 'Structure model' 1 0 2018-03-28 
2 'Structure model' 1 1 2024-11-13 
# 
_pdbx_audit_revision_details.ordinal             1 
_pdbx_audit_revision_details.revision_ordinal    1 
_pdbx_audit_revision_details.data_content_type   'Structure model' 
_pdbx_audit_revision_details.provider            repository 
_pdbx_audit_revision_details.type                'Initial release' 
_pdbx_audit_revision_details.description         ? 
_pdbx_audit_revision_details.details             ? 
# 
loop_
_pdbx_audit_revision_group.ordinal 
_pdbx_audit_revision_group.revision_ordinal 
_pdbx_audit_revision_group.data_content_type 
_pdbx_audit_revision_group.group 
1 2 'Structure model' 'Data collection'     
2 2 'Structure model' 'Database references' 
3 2 'Structure model' 'Structure summary'   
# 
loop_
_pdbx_audit_revision_category.ordinal 
_pdbx_audit_revision_category.revision_ordinal 
_pdbx_audit_revision_category.data_content_type 
_pdbx_audit_revision_category.category 
1 2 'Structure model' chem_comp_atom            
2 2 'Structure model' chem_comp_bond            
3 2 'Structure model' database_2                
4 2 'Structure model' pdbx_entry_details        
5 2 'Structure model' pdbx_modification_feature 
# 
loop_
_pdbx_audit_revision_item.ordinal 
_pdbx_audit_revision_item.revision_ordinal 
_pdbx_audit_revision_item.data_content_type 
_pdbx_audit_revision_item.item 
1 2 'Structure model' '_database_2.pdbx_DOI'                
2 2 'Structure model' '_database_2.pdbx_database_accession' 
# 
_pdbx_database_status.status_code                     REL 
_pdbx_database_status.status_code_sf                  REL 
_pdbx_database_status.status_code_mr                  ? 
_pdbx_database_status.entry_id                        5XBN 
_pdbx_database_status.recvd_initial_deposition_date   2017-03-20 
_pdbx_database_status.SG_entry                        N 
_pdbx_database_status.deposit_site                    PDBJ 
_pdbx_database_status.process_site                    PDBJ 
_pdbx_database_status.status_code_cs                  ? 
_pdbx_database_status.methods_development_category    ? 
_pdbx_database_status.pdb_format_compatible           Y 
_pdbx_database_status.status_code_nmr_data            ? 
# 
_pdbx_database_related.content_type   unspecified 
_pdbx_database_related.db_id          5XBV 
_pdbx_database_related.db_name        PDB 
_pdbx_database_related.details        . 
# 
loop_
_audit_author.name 
_audit_author.pdbx_ordinal 
_audit_author.identifier_ORCID 
'Dong, Y.H.' 1 ? 
'Yang, X.Y.' 2 ? 
'Wang, W.J.' 3 ? 
# 
_citation.abstract                  ? 
_citation.abstract_id_CAS           ? 
_citation.book_id_ISBN              ? 
_citation.book_publisher            ? 
_citation.book_publisher_city       ? 
_citation.book_title                ? 
_citation.coordinate_linkage        ? 
_citation.country                   ? 
_citation.database_id_Medline       ? 
_citation.details                   ? 
_citation.id                        primary 
_citation.journal_abbrev            'To Be Published' 
_citation.journal_id_ASTM           ? 
_citation.journal_id_CSD            0353 
_citation.journal_id_ISSN           ? 
_citation.journal_full              ? 
_citation.journal_issue             ? 
_citation.journal_volume            ? 
_citation.language                  ? 
_citation.page_first                ? 
_citation.page_last                 ? 
_citation.title                     'crystal structure of Wss1 from saccharomyces cerevisiae' 
_citation.year                      ? 
_citation.database_id_CSD           ? 
_citation.pdbx_database_id_DOI      ? 
_citation.pdbx_database_id_PubMed   ? 
_citation.unpublished_flag          ? 
# 
loop_
_citation_author.citation_id 
_citation_author.name 
_citation_author.ordinal 
_citation_author.identifier_ORCID 
primary 'Dong, Y.H.' 1 ? 
primary 'Yang, X.Y.' 2 ? 
# 
loop_
_entity.id 
_entity.type 
_entity.src_method 
_entity.pdbx_description 
_entity.formula_weight 
_entity.pdbx_number_of_molecules 
_entity.pdbx_ec 
_entity.pdbx_mutation 
_entity.pdbx_fragment 
_entity.details 
1 polymer     man Wss1p      17657.355 1  ? ? 'UNP residues 1-148' ? 
2 non-polymer syn 'ZINC ION' 65.409    1  ? ? ?                    ? 
3 water       nat water      18.015    80 ? ? ?                    ? 
# 
_entity_poly.entity_id                      1 
_entity_poly.type                           'polypeptide(L)' 
_entity_poly.nstd_linkage                   no 
_entity_poly.nstd_monomer                   yes 
_entity_poly.pdbx_seq_one_letter_code       
;(MSE)KAEGIKSPSAKYHD(MSE)AGSQRIPHKNPHIQKVAVLQSKPNKEDALNLIKEIAHKVSYL(MSE)KENHFKVTN
LVEFYPRDQRLLG(MSE)NVNHGSKI(MSE)LRLRCSTDEFQFLP(MSE)ECI(MSE)GT(MSE)LHELTHNLFGPHDKK
FYNKLDELIGRQWVIEQRGL
;
_entity_poly.pdbx_seq_one_letter_code_can   
;MKAEGIKSPSAKYHDMAGSQRIPHKNPHIQKVAVLQSKPNKEDALNLIKEIAHKVSYLMKENHFKVTNLVEFYPRDQRLL
GMNVNHGSKIMLRLRCSTDEFQFLPMECIMGTMLHELTHNLFGPHDKKFYNKLDELIGRQWVIEQRGL
;
_entity_poly.pdbx_strand_id                 A 
_entity_poly.pdbx_target_identifier         ? 
# 
loop_
_pdbx_entity_nonpoly.entity_id 
_pdbx_entity_nonpoly.name 
_pdbx_entity_nonpoly.comp_id 
2 'ZINC ION' ZN  
3 water      HOH 
# 
loop_
_entity_poly_seq.entity_id 
_entity_poly_seq.num 
_entity_poly_seq.mon_id 
_entity_poly_seq.hetero 
1 1   MSE n 
1 2   LYS n 
1 3   ALA n 
1 4   GLU n 
1 5   GLY n 
1 6   ILE n 
1 7   LYS n 
1 8   SER n 
1 9   PRO n 
1 10  SER n 
1 11  ALA n 
1 12  LYS n 
1 13  TYR n 
1 14  HIS n 
1 15  ASP n 
1 16  MSE n 
1 17  ALA n 
1 18  GLY n 
1 19  SER n 
1 20  GLN n 
1 21  ARG n 
1 22  ILE n 
1 23  PRO n 
1 24  HIS n 
1 25  LYS n 
1 26  ASN n 
1 27  PRO n 
1 28  HIS n 
1 29  ILE n 
1 30  GLN n 
1 31  LYS n 
1 32  VAL n 
1 33  ALA n 
1 34  VAL n 
1 35  LEU n 
1 36  GLN n 
1 37  SER n 
1 38  LYS n 
1 39  PRO n 
1 40  ASN n 
1 41  LYS n 
1 42  GLU n 
1 43  ASP n 
1 44  ALA n 
1 45  LEU n 
1 46  ASN n 
1 47  LEU n 
1 48  ILE n 
1 49  LYS n 
1 50  GLU n 
1 51  ILE n 
1 52  ALA n 
1 53  HIS n 
1 54  LYS n 
1 55  VAL n 
1 56  SER n 
1 57  TYR n 
1 58  LEU n 
1 59  MSE n 
1 60  LYS n 
1 61  GLU n 
1 62  ASN n 
1 63  HIS n 
1 64  PHE n 
1 65  LYS n 
1 66  VAL n 
1 67  THR n 
1 68  ASN n 
1 69  LEU n 
1 70  VAL n 
1 71  GLU n 
1 72  PHE n 
1 73  TYR n 
1 74  PRO n 
1 75  ARG n 
1 76  ASP n 
1 77  GLN n 
1 78  ARG n 
1 79  LEU n 
1 80  LEU n 
1 81  GLY n 
1 82  MSE n 
1 83  ASN n 
1 84  VAL n 
1 85  ASN n 
1 86  HIS n 
1 87  GLY n 
1 88  SER n 
1 89  LYS n 
1 90  ILE n 
1 91  MSE n 
1 92  LEU n 
1 93  ARG n 
1 94  LEU n 
1 95  ARG n 
1 96  CYS n 
1 97  SER n 
1 98  THR n 
1 99  ASP n 
1 100 GLU n 
1 101 PHE n 
1 102 GLN n 
1 103 PHE n 
1 104 LEU n 
1 105 PRO n 
1 106 MSE n 
1 107 GLU n 
1 108 CYS n 
1 109 ILE n 
1 110 MSE n 
1 111 GLY n 
1 112 THR n 
1 113 MSE n 
1 114 LEU n 
1 115 HIS n 
1 116 GLU n 
1 117 LEU n 
1 118 THR n 
1 119 HIS n 
1 120 ASN n 
1 121 LEU n 
1 122 PHE n 
1 123 GLY n 
1 124 PRO n 
1 125 HIS n 
1 126 ASP n 
1 127 LYS n 
1 128 LYS n 
1 129 PHE n 
1 130 TYR n 
1 131 ASN n 
1 132 LYS n 
1 133 LEU n 
1 134 ASP n 
1 135 GLU n 
1 136 LEU n 
1 137 ILE n 
1 138 GLY n 
1 139 ARG n 
1 140 GLN n 
1 141 TRP n 
1 142 VAL n 
1 143 ILE n 
1 144 GLU n 
1 145 GLN n 
1 146 ARG n 
1 147 GLY n 
1 148 LEU n 
# 
_entity_src_gen.entity_id                          1 
_entity_src_gen.pdbx_src_id                        1 
_entity_src_gen.pdbx_alt_source_flag               sample 
_entity_src_gen.pdbx_seq_type                      'Biological sequence' 
_entity_src_gen.pdbx_beg_seq_num                   1 
_entity_src_gen.pdbx_end_seq_num                   148 
_entity_src_gen.gene_src_common_name               
;Baker's yeast
;
_entity_src_gen.gene_src_genus                     ? 
_entity_src_gen.pdbx_gene_src_gene                 FOSTERSO_2154 
_entity_src_gen.gene_src_species                   ? 
_entity_src_gen.gene_src_strain                    FostersO 
_entity_src_gen.gene_src_tissue                    ? 
_entity_src_gen.gene_src_tissue_fraction           ? 
_entity_src_gen.gene_src_details                   ? 
_entity_src_gen.pdbx_gene_src_fragment             ? 
_entity_src_gen.pdbx_gene_src_scientific_name      'Saccharomyces cerevisiae FostersO' 
_entity_src_gen.pdbx_gene_src_ncbi_taxonomy_id     764101 
_entity_src_gen.pdbx_gene_src_variant              ? 
_entity_src_gen.pdbx_gene_src_cell_line            ? 
_entity_src_gen.pdbx_gene_src_atcc                 ? 
_entity_src_gen.pdbx_gene_src_organ                ? 
_entity_src_gen.pdbx_gene_src_organelle            ? 
_entity_src_gen.pdbx_gene_src_cell                 ? 
_entity_src_gen.pdbx_gene_src_cellular_location    ? 
_entity_src_gen.host_org_common_name               ? 
_entity_src_gen.pdbx_host_org_scientific_name      'Escherichia coli' 
_entity_src_gen.pdbx_host_org_ncbi_taxonomy_id     562 
_entity_src_gen.host_org_genus                     ? 
_entity_src_gen.pdbx_host_org_gene                 ? 
_entity_src_gen.pdbx_host_org_organ                ? 
_entity_src_gen.host_org_species                   ? 
_entity_src_gen.pdbx_host_org_tissue               ? 
_entity_src_gen.pdbx_host_org_tissue_fraction      ? 
_entity_src_gen.pdbx_host_org_strain               ? 
_entity_src_gen.pdbx_host_org_variant              ? 
_entity_src_gen.pdbx_host_org_cell_line            ? 
_entity_src_gen.pdbx_host_org_atcc                 ? 
_entity_src_gen.pdbx_host_org_culture_collection   ? 
_entity_src_gen.pdbx_host_org_cell                 ? 
_entity_src_gen.pdbx_host_org_organelle            ? 
_entity_src_gen.pdbx_host_org_cellular_location    ? 
_entity_src_gen.pdbx_host_org_vector_type          ? 
_entity_src_gen.pdbx_host_org_vector               ? 
_entity_src_gen.host_org_details                   ? 
_entity_src_gen.expression_system_id               ? 
_entity_src_gen.plasmid_name                       ? 
_entity_src_gen.plasmid_details                    ? 
_entity_src_gen.pdbx_description                   ? 
# 
loop_
_chem_comp.id 
_chem_comp.type 
_chem_comp.mon_nstd_flag 
_chem_comp.name 
_chem_comp.pdbx_synonyms 
_chem_comp.formula 
_chem_comp.formula_weight 
ALA 'L-peptide linking' y ALANINE          ? 'C3 H7 N O2'     89.093  
ARG 'L-peptide linking' y ARGININE         ? 'C6 H15 N4 O2 1' 175.209 
ASN 'L-peptide linking' y ASPARAGINE       ? 'C4 H8 N2 O3'    132.118 
ASP 'L-peptide linking' y 'ASPARTIC ACID'  ? 'C4 H7 N O4'     133.103 
CYS 'L-peptide linking' y CYSTEINE         ? 'C3 H7 N O2 S'   121.158 
GLN 'L-peptide linking' y GLUTAMINE        ? 'C5 H10 N2 O3'   146.144 
GLU 'L-peptide linking' y 'GLUTAMIC ACID'  ? 'C5 H9 N O4'     147.129 
GLY 'peptide linking'   y GLYCINE          ? 'C2 H5 N O2'     75.067  
HIS 'L-peptide linking' y HISTIDINE        ? 'C6 H10 N3 O2 1' 156.162 
HOH non-polymer         . WATER            ? 'H2 O'           18.015  
ILE 'L-peptide linking' y ISOLEUCINE       ? 'C6 H13 N O2'    131.173 
LEU 'L-peptide linking' y LEUCINE          ? 'C6 H13 N O2'    131.173 
LYS 'L-peptide linking' y LYSINE           ? 'C6 H15 N2 O2 1' 147.195 
MSE 'L-peptide linking' n SELENOMETHIONINE ? 'C5 H11 N O2 Se' 196.106 
PHE 'L-peptide linking' y PHENYLALANINE    ? 'C9 H11 N O2'    165.189 
PRO 'L-peptide linking' y PROLINE          ? 'C5 H9 N O2'     115.130 
SER 'L-peptide linking' y SERINE           ? 'C3 H7 N O3'     105.093 
THR 'L-peptide linking' y THREONINE        ? 'C4 H9 N O3'     119.119 
TRP 'L-peptide linking' y TRYPTOPHAN       ? 'C11 H12 N2 O2'  204.225 
TYR 'L-peptide linking' y TYROSINE         ? 'C9 H11 N O3'    181.189 
VAL 'L-peptide linking' y VALINE           ? 'C5 H11 N O2'    117.146 
ZN  non-polymer         . 'ZINC ION'       ? 'Zn 2'           65.409  
# 
loop_
_pdbx_poly_seq_scheme.asym_id 
_pdbx_poly_seq_scheme.entity_id 
_pdbx_poly_seq_scheme.seq_id 
_pdbx_poly_seq_scheme.mon_id 
_pdbx_poly_seq_scheme.ndb_seq_num 
_pdbx_poly_seq_scheme.pdb_seq_num 
_pdbx_poly_seq_scheme.auth_seq_num 
_pdbx_poly_seq_scheme.pdb_mon_id 
_pdbx_poly_seq_scheme.auth_mon_id 
_pdbx_poly_seq_scheme.pdb_strand_id 
_pdbx_poly_seq_scheme.pdb_ins_code 
_pdbx_poly_seq_scheme.hetero 
A 1 1   MSE 1   1   ?   ?   ?   A . n 
A 1 2   LYS 2   2   ?   ?   ?   A . n 
A 1 3   ALA 3   3   ?   ?   ?   A . n 
A 1 4   GLU 4   4   ?   ?   ?   A . n 
A 1 5   GLY 5   5   ?   ?   ?   A . n 
A 1 6   ILE 6   6   ?   ?   ?   A . n 
A 1 7   LYS 7   7   ?   ?   ?   A . n 
A 1 8   SER 8   8   ?   ?   ?   A . n 
A 1 9   PRO 9   9   ?   ?   ?   A . n 
A 1 10  SER 10  10  ?   ?   ?   A . n 
A 1 11  ALA 11  11  ?   ?   ?   A . n 
A 1 12  LYS 12  12  ?   ?   ?   A . n 
A 1 13  TYR 13  13  ?   ?   ?   A . n 
A 1 14  HIS 14  14  ?   ?   ?   A . n 
A 1 15  ASP 15  15  ?   ?   ?   A . n 
A 1 16  MSE 16  16  ?   ?   ?   A . n 
A 1 17  ALA 17  17  ?   ?   ?   A . n 
A 1 18  GLY 18  18  ?   ?   ?   A . n 
A 1 19  SER 19  19  ?   ?   ?   A . n 
A 1 20  GLN 20  20  ?   ?   ?   A . n 
A 1 21  ARG 21  21  21  ARG ARG A . n 
A 1 22  ILE 22  22  22  ILE ILE A . n 
A 1 23  PRO 23  23  23  PRO PRO A . n 
A 1 24  HIS 24  24  24  HIS HIS A . n 
A 1 25  LYS 25  25  25  LYS LYS A . n 
A 1 26  ASN 26  26  26  ASN ASN A . n 
A 1 27  PRO 27  27  27  PRO PRO A . n 
A 1 28  HIS 28  28  28  HIS HIS A . n 
A 1 29  ILE 29  29  29  ILE ILE A . n 
A 1 30  GLN 30  30  30  GLN GLN A . n 
A 1 31  LYS 31  31  31  LYS LYS A . n 
A 1 32  VAL 32  32  32  VAL VAL A . n 
A 1 33  ALA 33  33  33  ALA ALA A . n 
A 1 34  VAL 34  34  34  VAL VAL A . n 
A 1 35  LEU 35  35  35  LEU LEU A . n 
A 1 36  GLN 36  36  36  GLN GLN A . n 
A 1 37  SER 37  37  37  SER SER A . n 
A 1 38  LYS 38  38  38  LYS LYS A . n 
A 1 39  PRO 39  39  39  PRO PRO A . n 
A 1 40  ASN 40  40  40  ASN ASN A . n 
A 1 41  LYS 41  41  41  LYS LYS A . n 
A 1 42  GLU 42  42  42  GLU GLU A . n 
A 1 43  ASP 43  43  43  ASP ASP A . n 
A 1 44  ALA 44  44  44  ALA ALA A . n 
A 1 45  LEU 45  45  45  LEU LEU A . n 
A 1 46  ASN 46  46  46  ASN ASN A . n 
A 1 47  LEU 47  47  47  LEU LEU A . n 
A 1 48  ILE 48  48  48  ILE ILE A . n 
A 1 49  LYS 49  49  49  LYS LYS A . n 
A 1 50  GLU 50  50  50  GLU GLU A . n 
A 1 51  ILE 51  51  51  ILE ILE A . n 
A 1 52  ALA 52  52  52  ALA ALA A . n 
A 1 53  HIS 53  53  53  HIS HIS A . n 
A 1 54  LYS 54  54  54  LYS LYS A . n 
A 1 55  VAL 55  55  55  VAL VAL A . n 
A 1 56  SER 56  56  56  SER SER A . n 
A 1 57  TYR 57  57  57  TYR TYR A . n 
A 1 58  LEU 58  58  58  LEU LEU A . n 
A 1 59  MSE 59  59  59  MSE MSE A . n 
A 1 60  LYS 60  60  60  LYS LYS A . n 
A 1 61  GLU 61  61  61  GLU GLU A . n 
A 1 62  ASN 62  62  62  ASN ASN A . n 
A 1 63  HIS 63  63  63  HIS HIS A . n 
A 1 64  PHE 64  64  64  PHE PHE A . n 
A 1 65  LYS 65  65  65  LYS LYS A . n 
A 1 66  VAL 66  66  66  VAL VAL A . n 
A 1 67  THR 67  67  67  THR THR A . n 
A 1 68  ASN 68  68  68  ASN ASN A . n 
A 1 69  LEU 69  69  69  LEU LEU A . n 
A 1 70  VAL 70  70  70  VAL VAL A . n 
A 1 71  GLU 71  71  71  GLU GLU A . n 
A 1 72  PHE 72  72  72  PHE PHE A . n 
A 1 73  TYR 73  73  73  TYR TYR A . n 
A 1 74  PRO 74  74  74  PRO PRO A . n 
A 1 75  ARG 75  75  75  ARG ARG A . n 
A 1 76  ASP 76  76  76  ASP ASP A . n 
A 1 77  GLN 77  77  77  GLN GLN A . n 
A 1 78  ARG 78  78  78  ARG ARG A . n 
A 1 79  LEU 79  79  79  LEU LEU A . n 
A 1 80  LEU 80  80  80  LEU LEU A . n 
A 1 81  GLY 81  81  81  GLY GLY A . n 
A 1 82  MSE 82  82  82  MSE MSE A . n 
A 1 83  ASN 83  83  83  ASN ASN A . n 
A 1 84  VAL 84  84  84  VAL VAL A . n 
A 1 85  ASN 85  85  85  ASN ASN A . n 
A 1 86  HIS 86  86  86  HIS HIS A . n 
A 1 87  GLY 87  87  87  GLY GLY A . n 
A 1 88  SER 88  88  88  SER SER A . n 
A 1 89  LYS 89  89  89  LYS LYS A . n 
A 1 90  ILE 90  90  90  ILE ILE A . n 
A 1 91  MSE 91  91  91  MSE MSE A . n 
A 1 92  LEU 92  92  92  LEU LEU A . n 
A 1 93  ARG 93  93  93  ARG ARG A . n 
A 1 94  LEU 94  94  94  LEU LEU A . n 
A 1 95  ARG 95  95  95  ARG ARG A . n 
A 1 96  CYS 96  96  96  CYS CYS A . n 
A 1 97  SER 97  97  97  SER SER A . n 
A 1 98  THR 98  98  98  THR THR A . n 
A 1 99  ASP 99  99  99  ASP ASP A . n 
A 1 100 GLU 100 100 100 GLU GLU A . n 
A 1 101 PHE 101 101 101 PHE PHE A . n 
A 1 102 GLN 102 102 102 GLN GLN A . n 
A 1 103 PHE 103 103 103 PHE PHE A . n 
A 1 104 LEU 104 104 104 LEU LEU A . n 
A 1 105 PRO 105 105 105 PRO PRO A . n 
A 1 106 MSE 106 106 106 MSE MSE A . n 
A 1 107 GLU 107 107 107 GLU GLU A . n 
A 1 108 CYS 108 108 108 CYS CYS A . n 
A 1 109 ILE 109 109 109 ILE ILE A . n 
A 1 110 MSE 110 110 110 MSE MSE A . n 
A 1 111 GLY 111 111 111 GLY GLY A . n 
A 1 112 THR 112 112 112 THR THR A . n 
A 1 113 MSE 113 113 113 MSE MSE A . n 
A 1 114 LEU 114 114 114 LEU LEU A . n 
A 1 115 HIS 115 115 115 HIS HIS A . n 
A 1 116 GLU 116 116 116 GLU GLU A . n 
A 1 117 LEU 117 117 117 LEU LEU A . n 
A 1 118 THR 118 118 118 THR THR A . n 
A 1 119 HIS 119 119 119 HIS HIS A . n 
A 1 120 ASN 120 120 120 ASN ASN A . n 
A 1 121 LEU 121 121 121 LEU LEU A . n 
A 1 122 PHE 122 122 122 PHE PHE A . n 
A 1 123 GLY 123 123 123 GLY GLY A . n 
A 1 124 PRO 124 124 124 PRO PRO A . n 
A 1 125 HIS 125 125 125 HIS HIS A . n 
A 1 126 ASP 126 126 126 ASP ASP A . n 
A 1 127 LYS 127 127 127 LYS LYS A . n 
A 1 128 LYS 128 128 128 LYS LYS A . n 
A 1 129 PHE 129 129 129 PHE PHE A . n 
A 1 130 TYR 130 130 130 TYR TYR A . n 
A 1 131 ASN 131 131 131 ASN ASN A . n 
A 1 132 LYS 132 132 132 LYS LYS A . n 
A 1 133 LEU 133 133 133 LEU LEU A . n 
A 1 134 ASP 134 134 134 ASP ASP A . n 
A 1 135 GLU 135 135 135 GLU GLU A . n 
A 1 136 LEU 136 136 136 LEU LEU A . n 
A 1 137 ILE 137 137 137 ILE ILE A . n 
A 1 138 GLY 138 138 138 GLY GLY A . n 
A 1 139 ARG 139 139 139 ARG ARG A . n 
A 1 140 GLN 140 140 140 GLN GLN A . n 
A 1 141 TRP 141 141 141 TRP TRP A . n 
A 1 142 VAL 142 142 142 VAL VAL A . n 
A 1 143 ILE 143 143 143 ILE ILE A . n 
A 1 144 GLU 144 144 144 GLU GLU A . n 
A 1 145 GLN 145 145 145 GLN GLN A . n 
A 1 146 ARG 146 146 146 ARG ARG A . n 
A 1 147 GLY 147 147 147 GLY GLY A . n 
A 1 148 LEU 148 148 148 LEU LEU A . n 
# 
loop_
_pdbx_nonpoly_scheme.asym_id 
_pdbx_nonpoly_scheme.entity_id 
_pdbx_nonpoly_scheme.mon_id 
_pdbx_nonpoly_scheme.ndb_seq_num 
_pdbx_nonpoly_scheme.pdb_seq_num 
_pdbx_nonpoly_scheme.auth_seq_num 
_pdbx_nonpoly_scheme.pdb_mon_id 
_pdbx_nonpoly_scheme.auth_mon_id 
_pdbx_nonpoly_scheme.pdb_strand_id 
_pdbx_nonpoly_scheme.pdb_ins_code 
B 2 ZN  1  201 1  ZN  ZN  A . 
C 3 HOH 1  301 52 HOH HOH A . 
C 3 HOH 2  302 38 HOH HOH A . 
C 3 HOH 3  303 68 HOH HOH A . 
C 3 HOH 4  304 9  HOH HOH A . 
C 3 HOH 5  305 14 HOH HOH A . 
C 3 HOH 6  306 43 HOH HOH A . 
C 3 HOH 7  307 51 HOH HOH A . 
C 3 HOH 8  308 12 HOH HOH A . 
C 3 HOH 9  309 37 HOH HOH A . 
C 3 HOH 10 310 36 HOH HOH A . 
C 3 HOH 11 311 28 HOH HOH A . 
C 3 HOH 12 312 67 HOH HOH A . 
C 3 HOH 13 313 73 HOH HOH A . 
C 3 HOH 14 314 60 HOH HOH A . 
C 3 HOH 15 315 41 HOH HOH A . 
C 3 HOH 16 316 6  HOH HOH A . 
C 3 HOH 17 317 30 HOH HOH A . 
C 3 HOH 18 318 34 HOH HOH A . 
C 3 HOH 19 319 26 HOH HOH A . 
C 3 HOH 20 320 46 HOH HOH A . 
C 3 HOH 21 321 2  HOH HOH A . 
C 3 HOH 22 322 5  HOH HOH A . 
C 3 HOH 23 323 17 HOH HOH A . 
C 3 HOH 24 324 61 HOH HOH A . 
C 3 HOH 25 325 3  HOH HOH A . 
C 3 HOH 26 326 40 HOH HOH A . 
C 3 HOH 27 327 7  HOH HOH A . 
C 3 HOH 28 328 27 HOH HOH A . 
C 3 HOH 29 329 8  HOH HOH A . 
C 3 HOH 30 330 21 HOH HOH A . 
C 3 HOH 31 331 48 HOH HOH A . 
C 3 HOH 32 332 56 HOH HOH A . 
C 3 HOH 33 333 1  HOH HOH A . 
C 3 HOH 34 334 23 HOH HOH A . 
C 3 HOH 35 335 29 HOH HOH A . 
C 3 HOH 36 336 42 HOH HOH A . 
C 3 HOH 37 337 75 HOH HOH A . 
C 3 HOH 38 338 32 HOH HOH A . 
C 3 HOH 39 339 50 HOH HOH A . 
C 3 HOH 40 340 64 HOH HOH A . 
C 3 HOH 41 341 47 HOH HOH A . 
C 3 HOH 42 342 66 HOH HOH A . 
C 3 HOH 43 343 58 HOH HOH A . 
C 3 HOH 44 344 72 HOH HOH A . 
C 3 HOH 45 345 15 HOH HOH A . 
C 3 HOH 46 346 69 HOH HOH A . 
C 3 HOH 47 347 16 HOH HOH A . 
C 3 HOH 48 348 78 HOH HOH A . 
C 3 HOH 49 349 44 HOH HOH A . 
C 3 HOH 50 350 22 HOH HOH A . 
C 3 HOH 51 351 19 HOH HOH A . 
C 3 HOH 52 352 57 HOH HOH A . 
C 3 HOH 53 353 13 HOH HOH A . 
C 3 HOH 54 354 70 HOH HOH A . 
C 3 HOH 55 355 10 HOH HOH A . 
C 3 HOH 56 356 35 HOH HOH A . 
C 3 HOH 57 357 55 HOH HOH A . 
C 3 HOH 58 358 20 HOH HOH A . 
C 3 HOH 59 359 53 HOH HOH A . 
C 3 HOH 60 360 25 HOH HOH A . 
C 3 HOH 61 361 2  HOH HOH A . 
C 3 HOH 62 362 71 HOH HOH A . 
C 3 HOH 63 363 82 HOH HOH A . 
C 3 HOH 64 364 77 HOH HOH A . 
C 3 HOH 65 365 62 HOH HOH A . 
C 3 HOH 66 366 80 HOH HOH A . 
C 3 HOH 67 367 74 HOH HOH A . 
C 3 HOH 68 368 49 HOH HOH A . 
C 3 HOH 69 369 11 HOH HOH A . 
C 3 HOH 70 370 31 HOH HOH A . 
C 3 HOH 71 371 63 HOH HOH A . 
C 3 HOH 72 372 39 HOH HOH A . 
C 3 HOH 73 373 45 HOH HOH A . 
C 3 HOH 74 374 33 HOH HOH A . 
C 3 HOH 75 375 24 HOH HOH A . 
C 3 HOH 76 376 76 HOH HOH A . 
C 3 HOH 77 377 81 HOH HOH A . 
C 3 HOH 78 378 59 HOH HOH A . 
C 3 HOH 79 379 79 HOH HOH A . 
C 3 HOH 80 380 83 HOH HOH A . 
# 
loop_
_pdbx_unobs_or_zero_occ_atoms.id 
_pdbx_unobs_or_zero_occ_atoms.PDB_model_num 
_pdbx_unobs_or_zero_occ_atoms.polymer_flag 
_pdbx_unobs_or_zero_occ_atoms.occupancy_flag 
_pdbx_unobs_or_zero_occ_atoms.auth_asym_id 
_pdbx_unobs_or_zero_occ_atoms.auth_comp_id 
_pdbx_unobs_or_zero_occ_atoms.auth_seq_id 
_pdbx_unobs_or_zero_occ_atoms.PDB_ins_code 
_pdbx_unobs_or_zero_occ_atoms.auth_atom_id 
_pdbx_unobs_or_zero_occ_atoms.label_alt_id 
_pdbx_unobs_or_zero_occ_atoms.label_asym_id 
_pdbx_unobs_or_zero_occ_atoms.label_comp_id 
_pdbx_unobs_or_zero_occ_atoms.label_seq_id 
_pdbx_unobs_or_zero_occ_atoms.label_atom_id 
1 1 Y 1 A ARG 78 ? CD  ? A ARG 78 CD  
2 1 Y 1 A ARG 78 ? NE  ? A ARG 78 NE  
3 1 Y 1 A ARG 78 ? CZ  ? A ARG 78 CZ  
4 1 Y 1 A ARG 78 ? NH1 ? A ARG 78 NH1 
5 1 Y 1 A ARG 78 ? NH2 ? A ARG 78 NH2 
# 
loop_
_software.citation_id 
_software.classification 
_software.compiler_name 
_software.compiler_version 
_software.contact_author 
_software.contact_author_email 
_software.date 
_software.description 
_software.dependencies 
_software.hardware 
_software.language 
_software.location 
_software.mods 
_software.name 
_software.os 
_software.os_version 
_software.type 
_software.version 
_software.pdbx_ordinal 
? refinement       ? ? ? ? ? ? ? ? ? ? ? PHENIX   ? ? ? 1.9_1692 1 
? 'data reduction' ? ? ? ? ? ? ? ? ? ? ? HKL-3000 ? ? ? .        2 
? 'data scaling'   ? ? ? ? ? ? ? ? ? ? ? HKL-3000 ? ? ? .        3 
? phasing          ? ? ? ? ? ? ? ? ? ? ? PHENIX   ? ? ? .        4 
# 
_cell.angle_alpha                  90.00 
_cell.angle_alpha_esd              ? 
_cell.angle_beta                   90.00 
_cell.angle_beta_esd               ? 
_cell.angle_gamma                  120.00 
_cell.angle_gamma_esd              ? 
_cell.entry_id                     5XBN 
_cell.details                      ? 
_cell.formula_units_Z              ? 
_cell.length_a                     75.195 
_cell.length_a_esd                 ? 
_cell.length_b                     75.195 
_cell.length_b_esd                 ? 
_cell.length_c                     43.739 
_cell.length_c_esd                 ? 
_cell.volume                       ? 
_cell.volume_esd                   ? 
_cell.Z_PDB                        6 
_cell.reciprocal_angle_alpha       ? 
_cell.reciprocal_angle_beta        ? 
_cell.reciprocal_angle_gamma       ? 
_cell.reciprocal_angle_alpha_esd   ? 
_cell.reciprocal_angle_beta_esd    ? 
_cell.reciprocal_angle_gamma_esd   ? 
_cell.reciprocal_length_a          ? 
_cell.reciprocal_length_b          ? 
_cell.reciprocal_length_c          ? 
_cell.reciprocal_length_a_esd      ? 
_cell.reciprocal_length_b_esd      ? 
_cell.reciprocal_length_c_esd      ? 
_cell.pdbx_unique_axis             ? 
# 
_symmetry.entry_id                         5XBN 
_symmetry.cell_setting                     ? 
_symmetry.Int_Tables_number                169 
_symmetry.space_group_name_Hall            ? 
_symmetry.space_group_name_H-M             'P 61' 
_symmetry.pdbx_full_space_group_name_H-M   ? 
# 
_exptl.absorpt_coefficient_mu     ? 
_exptl.absorpt_correction_T_max   ? 
_exptl.absorpt_correction_T_min   ? 
_exptl.absorpt_correction_type    ? 
_exptl.absorpt_process_details    ? 
_exptl.entry_id                   5XBN 
_exptl.crystals_number            1 
_exptl.details                    ? 
_exptl.method                     'X-RAY DIFFRACTION' 
_exptl.method_details             ? 
# 
_exptl_crystal.colour                      ? 
_exptl_crystal.density_diffrn              ? 
_exptl_crystal.density_Matthews            2.02 
_exptl_crystal.density_method              ? 
_exptl_crystal.density_percent_sol         39.16 
_exptl_crystal.description                 ? 
_exptl_crystal.F_000                       ? 
_exptl_crystal.id                          1 
_exptl_crystal.preparation                 ? 
_exptl_crystal.size_max                    ? 
_exptl_crystal.size_mid                    ? 
_exptl_crystal.size_min                    ? 
_exptl_crystal.size_rad                    ? 
_exptl_crystal.colour_lustre               ? 
_exptl_crystal.colour_modifier             ? 
_exptl_crystal.colour_primary              ? 
_exptl_crystal.density_meas                ? 
_exptl_crystal.density_meas_esd            ? 
_exptl_crystal.density_meas_gt             ? 
_exptl_crystal.density_meas_lt             ? 
_exptl_crystal.density_meas_temp           ? 
_exptl_crystal.density_meas_temp_esd       ? 
_exptl_crystal.density_meas_temp_gt        ? 
_exptl_crystal.density_meas_temp_lt        ? 
_exptl_crystal.pdbx_crystal_image_url      ? 
_exptl_crystal.pdbx_crystal_image_format   ? 
_exptl_crystal.pdbx_mosaicity              ? 
_exptl_crystal.pdbx_mosaicity_esd          ? 
# 
_exptl_crystal_grow.apparatus       ? 
_exptl_crystal_grow.atmosphere      ? 
_exptl_crystal_grow.crystal_id      1 
_exptl_crystal_grow.details         ? 
_exptl_crystal_grow.method          'VAPOR DIFFUSION, SITTING DROP' 
_exptl_crystal_grow.method_ref      ? 
_exptl_crystal_grow.pH              ? 
_exptl_crystal_grow.pressure        ? 
_exptl_crystal_grow.pressure_esd    ? 
_exptl_crystal_grow.seeding         ? 
_exptl_crystal_grow.seeding_ref     ? 
_exptl_crystal_grow.temp            293 
_exptl_crystal_grow.temp_details    ? 
_exptl_crystal_grow.temp_esd        ? 
_exptl_crystal_grow.time            ? 
_exptl_crystal_grow.pdbx_details    '20%(w/v) PEG-3500, 8%(v/v) Tacsimate, pH 7.0' 
_exptl_crystal_grow.pdbx_pH_range   ? 
# 
_diffrn.ambient_environment    ? 
_diffrn.ambient_temp           100 
_diffrn.ambient_temp_details   ? 
_diffrn.ambient_temp_esd       ? 
_diffrn.crystal_id             1 
_diffrn.crystal_support        ? 
_diffrn.crystal_treatment      ? 
_diffrn.details                ? 
_diffrn.id                     1 
_diffrn.ambient_pressure       ? 
_diffrn.ambient_pressure_esd   ? 
_diffrn.ambient_pressure_gt    ? 
_diffrn.ambient_pressure_lt    ? 
_diffrn.ambient_temp_gt        ? 
_diffrn.ambient_temp_lt        ? 
# 
_diffrn_detector.details                      ? 
_diffrn_detector.detector                     PIXEL 
_diffrn_detector.diffrn_id                    1 
_diffrn_detector.type                         'DECTRIS PILATUS 6M' 
_diffrn_detector.area_resol_mean              ? 
_diffrn_detector.dtime                        ? 
_diffrn_detector.pdbx_frames_total            ? 
_diffrn_detector.pdbx_collection_time_total   ? 
_diffrn_detector.pdbx_collection_date         2016-05-20 
# 
_diffrn_radiation.collimation                      ? 
_diffrn_radiation.diffrn_id                        1 
_diffrn_radiation.filter_edge                      ? 
_diffrn_radiation.inhomogeneity                    ? 
_diffrn_radiation.monochromator                    ? 
_diffrn_radiation.polarisn_norm                    ? 
_diffrn_radiation.polarisn_ratio                   ? 
_diffrn_radiation.probe                            ? 
_diffrn_radiation.type                             ? 
_diffrn_radiation.xray_symbol                      ? 
_diffrn_radiation.wavelength_id                    1 
_diffrn_radiation.pdbx_monochromatic_or_laue_m_l   M 
_diffrn_radiation.pdbx_wavelength_list             ? 
_diffrn_radiation.pdbx_wavelength                  ? 
_diffrn_radiation.pdbx_diffrn_protocol             'SINGLE WAVELENGTH' 
_diffrn_radiation.pdbx_analyzer                    ? 
_diffrn_radiation.pdbx_scattering_type             x-ray 
# 
_diffrn_radiation_wavelength.id           1 
_diffrn_radiation_wavelength.wavelength   0.9793 
_diffrn_radiation_wavelength.wt           1.0 
# 
_diffrn_source.current                     ? 
_diffrn_source.details                     ? 
_diffrn_source.diffrn_id                   1 
_diffrn_source.power                       ? 
_diffrn_source.size                        ? 
_diffrn_source.source                      SYNCHROTRON 
_diffrn_source.target                      ? 
_diffrn_source.type                        'SSRF BEAMLINE BL17U' 
_diffrn_source.voltage                     ? 
_diffrn_source.take-off_angle              ? 
_diffrn_source.pdbx_wavelength_list        0.9793 
_diffrn_source.pdbx_wavelength             ? 
_diffrn_source.pdbx_synchrotron_beamline   BL17U 
_diffrn_source.pdbx_synchrotron_site       SSRF 
# 
_reflns.B_iso_Wilson_estimate            ? 
_reflns.entry_id                         5XBN 
_reflns.data_reduction_details           ? 
_reflns.data_reduction_method            ? 
_reflns.d_resolution_high                1.76 
_reflns.d_resolution_low                 50 
_reflns.details                          ? 
_reflns.limit_h_max                      ? 
_reflns.limit_h_min                      ? 
_reflns.limit_k_max                      ? 
_reflns.limit_k_min                      ? 
_reflns.limit_l_max                      ? 
_reflns.limit_l_min                      ? 
_reflns.number_all                       ? 
_reflns.number_obs                       28156 
_reflns.observed_criterion               ? 
_reflns.observed_criterion_F_max         ? 
_reflns.observed_criterion_F_min         ? 
_reflns.observed_criterion_I_max         ? 
_reflns.observed_criterion_I_min         ? 
_reflns.observed_criterion_sigma_F       ? 
_reflns.observed_criterion_sigma_I       ? 
_reflns.percent_possible_obs             99.9 
_reflns.R_free_details                   ? 
_reflns.Rmerge_F_all                     ? 
_reflns.Rmerge_F_obs                     ? 
_reflns.Friedel_coverage                 ? 
_reflns.number_gt                        ? 
_reflns.threshold_expression             ? 
_reflns.pdbx_redundancy                  21.5 
_reflns.pdbx_Rmerge_I_obs                ? 
_reflns.pdbx_Rmerge_I_all                ? 
_reflns.pdbx_Rsym_value                  ? 
_reflns.pdbx_netI_over_av_sigmaI         ? 
_reflns.pdbx_netI_over_sigmaI            82.913 
_reflns.pdbx_res_netI_over_av_sigmaI_2   ? 
_reflns.pdbx_res_netI_over_sigmaI_2      ? 
_reflns.pdbx_chi_squared                 ? 
_reflns.pdbx_scaling_rejects             ? 
_reflns.pdbx_d_res_high_opt              ? 
_reflns.pdbx_d_res_low_opt               ? 
_reflns.pdbx_d_res_opt_method            ? 
_reflns.phase_calculation_details        ? 
_reflns.pdbx_Rrim_I_all                  ? 
_reflns.pdbx_Rpim_I_all                  ? 
_reflns.pdbx_d_opt                       ? 
_reflns.pdbx_number_measured_all         ? 
_reflns.pdbx_diffrn_id                   1 
_reflns.pdbx_ordinal                     1 
_reflns.pdbx_CC_half                     ? 
_reflns.pdbx_R_split                     ? 
# 
_reflns_shell.d_res_high                  . 
_reflns_shell.d_res_low                   ? 
_reflns_shell.meanI_over_sigI_all         ? 
_reflns_shell.meanI_over_sigI_obs         ? 
_reflns_shell.number_measured_all         ? 
_reflns_shell.number_measured_obs         ? 
_reflns_shell.number_possible             ? 
_reflns_shell.number_unique_all           ? 
_reflns_shell.number_unique_obs           ? 
_reflns_shell.percent_possible_all        ? 
_reflns_shell.percent_possible_obs        ? 
_reflns_shell.Rmerge_F_all                ? 
_reflns_shell.Rmerge_F_obs                ? 
_reflns_shell.Rmerge_I_all                ? 
_reflns_shell.Rmerge_I_obs                ? 
_reflns_shell.meanI_over_sigI_gt          ? 
_reflns_shell.meanI_over_uI_all           ? 
_reflns_shell.meanI_over_uI_gt            ? 
_reflns_shell.number_measured_gt          ? 
_reflns_shell.number_unique_gt            ? 
_reflns_shell.percent_possible_gt         ? 
_reflns_shell.Rmerge_F_gt                 ? 
_reflns_shell.Rmerge_I_gt                 ? 
_reflns_shell.pdbx_redundancy             ? 
_reflns_shell.pdbx_Rsym_value             ? 
_reflns_shell.pdbx_chi_squared            ? 
_reflns_shell.pdbx_netI_over_sigmaI_all   ? 
_reflns_shell.pdbx_netI_over_sigmaI_obs   ? 
_reflns_shell.pdbx_Rrim_I_all             ? 
_reflns_shell.pdbx_Rpim_I_all             ? 
_reflns_shell.pdbx_rejects                ? 
_reflns_shell.pdbx_ordinal                1 
_reflns_shell.pdbx_diffrn_id              1 
_reflns_shell.pdbx_CC_half                ? 
_reflns_shell.pdbx_R_split                ? 
# 
_refine.aniso_B[1][1]                            ? 
_refine.aniso_B[1][2]                            ? 
_refine.aniso_B[1][3]                            ? 
_refine.aniso_B[2][2]                            ? 
_refine.aniso_B[2][3]                            ? 
_refine.aniso_B[3][3]                            ? 
_refine.B_iso_max                                ? 
_refine.B_iso_mean                               ? 
_refine.B_iso_min                                ? 
_refine.correlation_coeff_Fo_to_Fc               ? 
_refine.correlation_coeff_Fo_to_Fc_free          ? 
_refine.details                                  
;AUTHORS TREATED THE DATA SET AS AN ANOMALOUS ONE IN REFINEMENT, HOWEVER, IT WAS TREATED AS A NATIVE ONE IN DATA COLLECTION STATISTICS.
;
_refine.diff_density_max                         ? 
_refine.diff_density_max_esd                     ? 
_refine.diff_density_min                         ? 
_refine.diff_density_min_esd                     ? 
_refine.diff_density_rms                         ? 
_refine.diff_density_rms_esd                     ? 
_refine.entry_id                                 5XBN 
_refine.pdbx_refine_id                           'X-RAY DIFFRACTION' 
_refine.ls_abs_structure_details                 ? 
_refine.ls_abs_structure_Flack                   ? 
_refine.ls_abs_structure_Flack_esd               ? 
_refine.ls_abs_structure_Rogers                  ? 
_refine.ls_abs_structure_Rogers_esd              ? 
_refine.ls_d_res_high                            1.761 
_refine.ls_d_res_low                             37.597 
_refine.ls_extinction_coef                       ? 
_refine.ls_extinction_coef_esd                   ? 
_refine.ls_extinction_expression                 ? 
_refine.ls_extinction_method                     ? 
_refine.ls_goodness_of_fit_all                   ? 
_refine.ls_goodness_of_fit_all_esd               ? 
_refine.ls_goodness_of_fit_obs                   ? 
_refine.ls_goodness_of_fit_obs_esd               ? 
_refine.ls_hydrogen_treatment                    ? 
_refine.ls_matrix_type                           ? 
_refine.ls_number_constraints                    ? 
_refine.ls_number_parameters                     ? 
_refine.ls_number_reflns_all                     ? 
_refine.ls_number_reflns_obs                     27333 
_refine.ls_number_reflns_R_free                  2749 
_refine.ls_number_reflns_R_work                  ? 
_refine.ls_number_restraints                     ? 
_refine.ls_percent_reflns_obs                    99.79 
_refine.ls_percent_reflns_R_free                 10.06 
_refine.ls_R_factor_all                          ? 
_refine.ls_R_factor_obs                          0.1853 
_refine.ls_R_factor_R_free                       0.2137 
_refine.ls_R_factor_R_free_error                 ? 
_refine.ls_R_factor_R_free_error_details         ? 
_refine.ls_R_factor_R_work                       0.1822 
_refine.ls_R_Fsqd_factor_obs                     ? 
_refine.ls_R_I_factor_obs                        ? 
_refine.ls_redundancy_reflns_all                 ? 
_refine.ls_redundancy_reflns_obs                 ? 
_refine.ls_restrained_S_all                      ? 
_refine.ls_restrained_S_obs                      ? 
_refine.ls_shift_over_esd_max                    ? 
_refine.ls_shift_over_esd_mean                   ? 
_refine.ls_structure_factor_coef                 ? 
_refine.ls_weighting_details                     ? 
_refine.ls_weighting_scheme                      ? 
_refine.ls_wR_factor_all                         ? 
_refine.ls_wR_factor_obs                         ? 
_refine.ls_wR_factor_R_free                      ? 
_refine.ls_wR_factor_R_work                      ? 
_refine.occupancy_max                            ? 
_refine.occupancy_min                            ? 
_refine.solvent_model_details                    ? 
_refine.solvent_model_param_bsol                 ? 
_refine.solvent_model_param_ksol                 ? 
_refine.ls_R_factor_gt                           ? 
_refine.ls_goodness_of_fit_gt                    ? 
_refine.ls_goodness_of_fit_ref                   ? 
_refine.ls_shift_over_su_max                     ? 
_refine.ls_shift_over_su_max_lt                  ? 
_refine.ls_shift_over_su_mean                    ? 
_refine.ls_shift_over_su_mean_lt                 ? 
_refine.pdbx_ls_sigma_I                          ? 
_refine.pdbx_ls_sigma_F                          1.34 
_refine.pdbx_ls_sigma_Fsqd                       ? 
_refine.pdbx_data_cutoff_high_absF               ? 
_refine.pdbx_data_cutoff_high_rms_absF           ? 
_refine.pdbx_data_cutoff_low_absF                ? 
_refine.pdbx_isotropic_thermal_model             ? 
_refine.pdbx_ls_cross_valid_method               'FREE R-VALUE' 
_refine.pdbx_method_to_determine_struct          SAD 
_refine.pdbx_starting_model                      ? 
_refine.pdbx_stereochemistry_target_values       ? 
_refine.pdbx_R_Free_selection_details            ? 
_refine.pdbx_stereochem_target_val_spec_case     ? 
_refine.pdbx_overall_ESU_R                       ? 
_refine.pdbx_overall_ESU_R_Free                  ? 
_refine.pdbx_solvent_vdw_probe_radii             1.11 
_refine.pdbx_solvent_ion_probe_radii             ? 
_refine.pdbx_solvent_shrinkage_radii             0.90 
_refine.pdbx_real_space_R                        ? 
_refine.pdbx_density_correlation                 ? 
_refine.pdbx_pd_number_of_powder_patterns        ? 
_refine.pdbx_pd_number_of_points                 ? 
_refine.pdbx_pd_meas_number_of_points            ? 
_refine.pdbx_pd_proc_ls_prof_R_factor            ? 
_refine.pdbx_pd_proc_ls_prof_wR_factor           ? 
_refine.pdbx_pd_Marquardt_correlation_coeff      ? 
_refine.pdbx_pd_Fsqrd_R_factor                   ? 
_refine.pdbx_pd_ls_matrix_band_width             ? 
_refine.pdbx_overall_phase_error                 21.31 
_refine.pdbx_overall_SU_R_free_Cruickshank_DPI   ? 
_refine.pdbx_overall_SU_R_free_Blow_DPI          ? 
_refine.pdbx_overall_SU_R_Blow_DPI               ? 
_refine.pdbx_TLS_residual_ADP_flag               ? 
_refine.pdbx_diffrn_id                           1 
_refine.overall_SU_B                             ? 
_refine.overall_SU_ML                            0.17 
_refine.overall_SU_R_Cruickshank_DPI             ? 
_refine.overall_SU_R_free                        ? 
_refine.overall_FOM_free_R_set                   ? 
_refine.overall_FOM_work_R_set                   ? 
_refine.pdbx_average_fsc_overall                 ? 
_refine.pdbx_average_fsc_work                    ? 
_refine.pdbx_average_fsc_free                    ? 
# 
_refine_hist.pdbx_refine_id                   'X-RAY DIFFRACTION' 
_refine_hist.cycle_id                         LAST 
_refine_hist.pdbx_number_atoms_protein        1057 
_refine_hist.pdbx_number_atoms_nucleic_acid   0 
_refine_hist.pdbx_number_atoms_ligand         1 
_refine_hist.number_atoms_solvent             80 
_refine_hist.number_atoms_total               1138 
_refine_hist.d_res_high                       1.761 
_refine_hist.d_res_low                        37.597 
# 
loop_
_refine_ls_restr.pdbx_refine_id 
_refine_ls_restr.criterion 
_refine_ls_restr.dev_ideal 
_refine_ls_restr.dev_ideal_target 
_refine_ls_restr.number 
_refine_ls_restr.rejects 
_refine_ls_restr.type 
_refine_ls_restr.weight 
_refine_ls_restr.pdbx_restraint_function 
'X-RAY DIFFRACTION' ? 0.007  ? 1081 ? f_bond_d           ? ? 
'X-RAY DIFFRACTION' ? 1.022  ? 1453 ? f_angle_d          ? ? 
'X-RAY DIFFRACTION' ? 13.247 ? 419  ? f_dihedral_angle_d ? ? 
'X-RAY DIFFRACTION' ? 0.044  ? 157  ? f_chiral_restr     ? ? 
'X-RAY DIFFRACTION' ? 0.004  ? 186  ? f_plane_restr      ? ? 
# 
loop_
_refine_ls_shell.pdbx_refine_id 
_refine_ls_shell.d_res_high 
_refine_ls_shell.d_res_low 
_refine_ls_shell.number_reflns_all 
_refine_ls_shell.number_reflns_obs 
_refine_ls_shell.number_reflns_R_free 
_refine_ls_shell.number_reflns_R_work 
_refine_ls_shell.percent_reflns_obs 
_refine_ls_shell.percent_reflns_R_free 
_refine_ls_shell.R_factor_all 
_refine_ls_shell.R_factor_obs 
_refine_ls_shell.R_factor_R_free 
_refine_ls_shell.R_factor_R_free_error 
_refine_ls_shell.R_factor_R_work 
_refine_ls_shell.redundancy_reflns_all 
_refine_ls_shell.redundancy_reflns_obs 
_refine_ls_shell.wR_factor_all 
_refine_ls_shell.wR_factor_obs 
_refine_ls_shell.wR_factor_R_free 
_refine_ls_shell.wR_factor_R_work 
_refine_ls_shell.pdbx_total_number_of_bins_used 
_refine_ls_shell.pdbx_phase_error 
_refine_ls_shell.pdbx_fsc_work 
_refine_ls_shell.pdbx_fsc_free 
'X-RAY DIFFRACTION' 1.7607 1.7911  . . 134 1201 99.00  . . . 0.2711 . 0.2437 . . . . . . . . . . 
'X-RAY DIFFRACTION' 1.7911 1.8237  . . 146 1251 100.00 . . . 0.2141 . 0.2097 . . . . . . . . . . 
'X-RAY DIFFRACTION' 1.8237 1.8588  . . 136 1220 100.00 . . . 0.2561 . 0.1933 . . . . . . . . . . 
'X-RAY DIFFRACTION' 1.8588 1.8967  . . 144 1212 100.00 . . . 0.1980 . 0.1848 . . . . . . . . . . 
'X-RAY DIFFRACTION' 1.8967 1.9379  . . 148 1240 100.00 . . . 0.2358 . 0.1873 . . . . . . . . . . 
'X-RAY DIFFRACTION' 1.9379 1.9830  . . 140 1252 100.00 . . . 0.1954 . 0.1925 . . . . . . . . . . 
'X-RAY DIFFRACTION' 1.9830 2.0326  . . 128 1238 100.00 . . . 0.2424 . 0.1871 . . . . . . . . . . 
'X-RAY DIFFRACTION' 2.0326 2.0876  . . 134 1207 100.00 . . . 0.1995 . 0.1909 . . . . . . . . . . 
'X-RAY DIFFRACTION' 2.0876 2.1490  . . 132 1248 100.00 . . . 0.2348 . 0.1953 . . . . . . . . . . 
'X-RAY DIFFRACTION' 2.1490 2.2183  . . 132 1236 100.00 . . . 0.2442 . 0.1856 . . . . . . . . . . 
'X-RAY DIFFRACTION' 2.2183 2.2976  . . 132 1237 100.00 . . . 0.2499 . 0.1927 . . . . . . . . . . 
'X-RAY DIFFRACTION' 2.2976 2.3896  . . 126 1220 100.00 . . . 0.2423 . 0.1929 . . . . . . . . . . 
'X-RAY DIFFRACTION' 2.3896 2.4983  . . 140 1253 100.00 . . . 0.2145 . 0.2000 . . . . . . . . . . 
'X-RAY DIFFRACTION' 2.4983 2.6300  . . 142 1199 100.00 . . . 0.2221 . 0.1887 . . . . . . . . . . 
'X-RAY DIFFRACTION' 2.6300 2.7947  . . 138 1264 100.00 . . . 0.2619 . 0.1927 . . . . . . . . . . 
'X-RAY DIFFRACTION' 2.7947 3.0104  . . 138 1225 100.00 . . . 0.2423 . 0.1953 . . . . . . . . . . 
'X-RAY DIFFRACTION' 3.0104 3.3132  . . 144 1221 100.00 . . . 0.2093 . 0.1915 . . . . . . . . . . 
'X-RAY DIFFRACTION' 3.3132 3.7923  . . 128 1237 100.00 . . . 0.1930 . 0.1619 . . . . . . . . . . 
'X-RAY DIFFRACTION' 3.7923 4.7763  . . 142 1227 100.00 . . . 0.1688 . 0.1423 . . . . . . . . . . 
'X-RAY DIFFRACTION' 4.7763 37.6061 . . 145 1196 98.00  . . . 0.2036 . 0.1906 . . . . . . . . . . 
# 
_struct.entry_id                     5XBN 
_struct.title                        'crystal structure of Wss1 from saccharomyces cerevisiae' 
_struct.pdbx_model_details           ? 
_struct.pdbx_formula_weight          ? 
_struct.pdbx_formula_weight_method   ? 
_struct.pdbx_model_type_details      ? 
_struct.pdbx_CASP_flag               N 
# 
_struct_keywords.entry_id        5XBN 
_struct_keywords.text            'protease, HYDROLASE' 
_struct_keywords.pdbx_keywords   HYDROLASE 
# 
loop_
_struct_asym.id 
_struct_asym.pdbx_blank_PDB_chainid_flag 
_struct_asym.pdbx_modified 
_struct_asym.entity_id 
_struct_asym.details 
A N N 1 ? 
B N N 2 ? 
C N N 3 ? 
# 
_struct_ref.id                         1 
_struct_ref.db_name                    UNP 
_struct_ref.db_code                    E7NIN2_YEASO 
_struct_ref.pdbx_db_accession          E7NIN2 
_struct_ref.pdbx_db_isoform            ? 
_struct_ref.entity_id                  1 
_struct_ref.pdbx_seq_one_letter_code   
;MKAEGIKSPSAKYHDMAGSQRIPHKNPHIQKVAVLQSKPNKEDALNLIKEIAHKVSYLMKENHFKVTNLVEFYPRDQRLL
GMNVNHGSKIMLRLRCSTDEFQFLPMECIMGTMLHELTHNLFGPHDKKFYNKLDELIGRQWVIEQRGL
;
_struct_ref.pdbx_align_begin           1 
# 
_struct_ref_seq.align_id                      1 
_struct_ref_seq.ref_id                        1 
_struct_ref_seq.pdbx_PDB_id_code              5XBN 
_struct_ref_seq.pdbx_strand_id                A 
_struct_ref_seq.seq_align_beg                 1 
_struct_ref_seq.pdbx_seq_align_beg_ins_code   ? 
_struct_ref_seq.seq_align_end                 148 
_struct_ref_seq.pdbx_seq_align_end_ins_code   ? 
_struct_ref_seq.pdbx_db_accession             E7NIN2 
_struct_ref_seq.db_align_beg                  1 
_struct_ref_seq.pdbx_db_align_beg_ins_code    ? 
_struct_ref_seq.db_align_end                  148 
_struct_ref_seq.pdbx_db_align_end_ins_code    ? 
_struct_ref_seq.pdbx_auth_seq_align_beg       1 
_struct_ref_seq.pdbx_auth_seq_align_end       148 
# 
_pdbx_struct_assembly.id                   1 
_pdbx_struct_assembly.details              author_and_software_defined_assembly 
_pdbx_struct_assembly.method_details       PISA 
_pdbx_struct_assembly.oligomeric_details   monomeric 
_pdbx_struct_assembly.oligomeric_count     1 
# 
loop_
_pdbx_struct_assembly_prop.biol_id 
_pdbx_struct_assembly_prop.type 
_pdbx_struct_assembly_prop.value 
_pdbx_struct_assembly_prop.details 
1 'ABSA (A^2)' 100  ? 
1 MORE         -35  ? 
1 'SSA (A^2)'  7700 ? 
# 
_pdbx_struct_assembly_gen.assembly_id       1 
_pdbx_struct_assembly_gen.oper_expression   1 
_pdbx_struct_assembly_gen.asym_id_list      A,B,C 
# 
_pdbx_struct_assembly_auth_evidence.id                     1 
_pdbx_struct_assembly_auth_evidence.assembly_id            1 
_pdbx_struct_assembly_auth_evidence.experimental_support   SAXS 
_pdbx_struct_assembly_auth_evidence.details                ? 
# 
_pdbx_struct_oper_list.id                   1 
_pdbx_struct_oper_list.type                 'identity operation' 
_pdbx_struct_oper_list.name                 1_555 
_pdbx_struct_oper_list.symmetry_operation   x,y,z 
_pdbx_struct_oper_list.matrix[1][1]         1.0000000000 
_pdbx_struct_oper_list.matrix[1][2]         0.0000000000 
_pdbx_struct_oper_list.matrix[1][3]         0.0000000000 
_pdbx_struct_oper_list.vector[1]            0.0000000000 
_pdbx_struct_oper_list.matrix[2][1]         0.0000000000 
_pdbx_struct_oper_list.matrix[2][2]         1.0000000000 
_pdbx_struct_oper_list.matrix[2][3]         0.0000000000 
_pdbx_struct_oper_list.vector[2]            0.0000000000 
_pdbx_struct_oper_list.matrix[3][1]         0.0000000000 
_pdbx_struct_oper_list.matrix[3][2]         0.0000000000 
_pdbx_struct_oper_list.matrix[3][3]         1.0000000000 
_pdbx_struct_oper_list.vector[3]            0.0000000000 
# 
loop_
_struct_conf.conf_type_id 
_struct_conf.id 
_struct_conf.pdbx_PDB_helix_id 
_struct_conf.beg_label_comp_id 
_struct_conf.beg_label_asym_id 
_struct_conf.beg_label_seq_id 
_struct_conf.pdbx_beg_PDB_ins_code 
_struct_conf.end_label_comp_id 
_struct_conf.end_label_asym_id 
_struct_conf.end_label_seq_id 
_struct_conf.pdbx_end_PDB_ins_code 
_struct_conf.beg_auth_comp_id 
_struct_conf.beg_auth_asym_id 
_struct_conf.beg_auth_seq_id 
_struct_conf.end_auth_comp_id 
_struct_conf.end_auth_asym_id 
_struct_conf.end_auth_seq_id 
_struct_conf.pdbx_PDB_helix_class 
_struct_conf.details 
_struct_conf.pdbx_PDB_helix_length 
HELX_P HELX_P1 AA1 ASN A 40  ? VAL A 55  ? ASN A 40  VAL A 55  1 ? 16 
HELX_P HELX_P2 AA2 VAL A 55  ? HIS A 63  ? VAL A 55  HIS A 63  1 ? 9  
HELX_P HELX_P3 AA3 PRO A 105 ? HIS A 119 ? PRO A 105 HIS A 119 1 ? 15 
HELX_P HELX_P4 AA4 ASP A 126 ? ARG A 146 ? ASP A 126 ARG A 146 1 ? 21 
# 
_struct_conf_type.id          HELX_P 
_struct_conf_type.criteria    ? 
_struct_conf_type.reference   ? 
# 
loop_
_struct_conn.id 
_struct_conn.conn_type_id 
_struct_conn.pdbx_leaving_atom_flag 
_struct_conn.pdbx_PDB_id 
_struct_conn.ptnr1_label_asym_id 
_struct_conn.ptnr1_label_comp_id 
_struct_conn.ptnr1_label_seq_id 
_struct_conn.ptnr1_label_atom_id 
_struct_conn.pdbx_ptnr1_label_alt_id 
_struct_conn.pdbx_ptnr1_PDB_ins_code 
_struct_conn.pdbx_ptnr1_standard_comp_id 
_struct_conn.ptnr1_symmetry 
_struct_conn.ptnr2_label_asym_id 
_struct_conn.ptnr2_label_comp_id 
_struct_conn.ptnr2_label_seq_id 
_struct_conn.ptnr2_label_atom_id 
_struct_conn.pdbx_ptnr2_label_alt_id 
_struct_conn.pdbx_ptnr2_PDB_ins_code 
_struct_conn.ptnr1_auth_asym_id 
_struct_conn.ptnr1_auth_comp_id 
_struct_conn.ptnr1_auth_seq_id 
_struct_conn.ptnr2_auth_asym_id 
_struct_conn.ptnr2_auth_comp_id 
_struct_conn.ptnr2_auth_seq_id 
_struct_conn.ptnr2_symmetry 
_struct_conn.pdbx_ptnr3_label_atom_id 
_struct_conn.pdbx_ptnr3_label_seq_id 
_struct_conn.pdbx_ptnr3_label_comp_id 
_struct_conn.pdbx_ptnr3_label_asym_id 
_struct_conn.pdbx_ptnr3_label_alt_id 
_struct_conn.pdbx_ptnr3_PDB_ins_code 
_struct_conn.details 
_struct_conn.pdbx_dist_value 
_struct_conn.pdbx_value_order 
_struct_conn.pdbx_role 
covale1  covale both ? A LEU 58  C   ? ? ? 1_555 A MSE 59  N  ? ? A LEU 58  A MSE 59  1_555 ? ? ? ? ? ? ? 1.328 ? ? 
covale2  covale both ? A MSE 59  C   ? ? ? 1_555 A LYS 60  N  ? ? A MSE 59  A LYS 60  1_555 ? ? ? ? ? ? ? 1.331 ? ? 
covale3  covale both ? A GLY 81  C   ? ? ? 1_555 A MSE 82  N  ? ? A GLY 81  A MSE 82  1_555 ? ? ? ? ? ? ? 1.328 ? ? 
covale4  covale both ? A MSE 82  C   ? ? ? 1_555 A ASN 83  N  ? ? A MSE 82  A ASN 83  1_555 ? ? ? ? ? ? ? 1.324 ? ? 
covale5  covale both ? A ILE 90  C   ? ? ? 1_555 A MSE 91  N  ? ? A ILE 90  A MSE 91  1_555 ? ? ? ? ? ? ? 1.333 ? ? 
covale6  covale both ? A MSE 91  C   ? ? ? 1_555 A LEU 92  N  ? ? A MSE 91  A LEU 92  1_555 ? ? ? ? ? ? ? 1.329 ? ? 
covale7  covale both ? A PRO 105 C   ? ? ? 1_555 A MSE 106 N  ? ? A PRO 105 A MSE 106 1_555 ? ? ? ? ? ? ? 1.327 ? ? 
covale8  covale both ? A MSE 106 C   ? ? ? 1_555 A GLU 107 N  ? ? A MSE 106 A GLU 107 1_555 ? ? ? ? ? ? ? 1.332 ? ? 
covale9  covale both ? A ILE 109 C   ? ? ? 1_555 A MSE 110 N  ? ? A ILE 109 A MSE 110 1_555 ? ? ? ? ? ? ? 1.330 ? ? 
covale10 covale both ? A MSE 110 C   ? ? ? 1_555 A GLY 111 N  ? ? A MSE 110 A GLY 111 1_555 ? ? ? ? ? ? ? 1.332 ? ? 
covale11 covale both ? A THR 112 C   ? ? ? 1_555 A MSE 113 N  ? ? A THR 112 A MSE 113 1_555 ? ? ? ? ? ? ? 1.329 ? ? 
covale12 covale both ? A MSE 113 C   ? ? ? 1_555 A LEU 114 N  ? ? A MSE 113 A LEU 114 1_555 ? ? ? ? ? ? ? 1.331 ? ? 
metalc1  metalc ?    ? A HIS 115 NE2 ? ? ? 1_555 B ZN  .   ZN ? ? A HIS 115 A ZN  201 1_555 ? ? ? ? ? ? ? 1.968 ? ? 
metalc2  metalc ?    ? A HIS 119 NE2 ? ? ? 1_555 B ZN  .   ZN ? ? A HIS 119 A ZN  201 1_555 ? ? ? ? ? ? ? 2.062 ? ? 
metalc3  metalc ?    ? A HIS 125 NE2 ? ? ? 1_555 B ZN  .   ZN ? ? A HIS 125 A ZN  201 1_555 ? ? ? ? ? ? ? 1.992 ? ? 
metalc4  metalc ?    ? B ZN  .   ZN  ? ? ? 1_555 C HOH .   O  ? ? A ZN  201 A HOH 361 1_555 ? ? ? ? ? ? ? 1.963 ? ? 
# 
loop_
_struct_conn_type.id 
_struct_conn_type.criteria 
_struct_conn_type.reference 
covale ? ? 
metalc ? ? 
# 
loop_
_pdbx_struct_conn_angle.id 
_pdbx_struct_conn_angle.ptnr1_label_atom_id 
_pdbx_struct_conn_angle.ptnr1_label_alt_id 
_pdbx_struct_conn_angle.ptnr1_label_asym_id 
_pdbx_struct_conn_angle.ptnr1_label_comp_id 
_pdbx_struct_conn_angle.ptnr1_label_seq_id 
_pdbx_struct_conn_angle.ptnr1_auth_atom_id 
_pdbx_struct_conn_angle.ptnr1_auth_asym_id 
_pdbx_struct_conn_angle.ptnr1_auth_comp_id 
_pdbx_struct_conn_angle.ptnr1_auth_seq_id 
_pdbx_struct_conn_angle.ptnr1_PDB_ins_code 
_pdbx_struct_conn_angle.ptnr1_symmetry 
_pdbx_struct_conn_angle.ptnr2_label_atom_id 
_pdbx_struct_conn_angle.ptnr2_label_alt_id 
_pdbx_struct_conn_angle.ptnr2_label_asym_id 
_pdbx_struct_conn_angle.ptnr2_label_comp_id 
_pdbx_struct_conn_angle.ptnr2_label_seq_id 
_pdbx_struct_conn_angle.ptnr2_auth_atom_id 
_pdbx_struct_conn_angle.ptnr2_auth_asym_id 
_pdbx_struct_conn_angle.ptnr2_auth_comp_id 
_pdbx_struct_conn_angle.ptnr2_auth_seq_id 
_pdbx_struct_conn_angle.ptnr2_PDB_ins_code 
_pdbx_struct_conn_angle.ptnr2_symmetry 
_pdbx_struct_conn_angle.ptnr3_label_atom_id 
_pdbx_struct_conn_angle.ptnr3_label_alt_id 
_pdbx_struct_conn_angle.ptnr3_label_asym_id 
_pdbx_struct_conn_angle.ptnr3_label_comp_id 
_pdbx_struct_conn_angle.ptnr3_label_seq_id 
_pdbx_struct_conn_angle.ptnr3_auth_atom_id 
_pdbx_struct_conn_angle.ptnr3_auth_asym_id 
_pdbx_struct_conn_angle.ptnr3_auth_comp_id 
_pdbx_struct_conn_angle.ptnr3_auth_seq_id 
_pdbx_struct_conn_angle.ptnr3_PDB_ins_code 
_pdbx_struct_conn_angle.ptnr3_symmetry 
_pdbx_struct_conn_angle.value 
_pdbx_struct_conn_angle.value_esd 
1 NE2 ? A HIS 115 ? A HIS 115 ? 1_555 ZN ? B ZN . ? A ZN 201 ? 1_555 NE2 ? A HIS 119 ? A HIS 119 ? 1_555 105.4 ? 
2 NE2 ? A HIS 115 ? A HIS 115 ? 1_555 ZN ? B ZN . ? A ZN 201 ? 1_555 NE2 ? A HIS 125 ? A HIS 125 ? 1_555 107.7 ? 
3 NE2 ? A HIS 119 ? A HIS 119 ? 1_555 ZN ? B ZN . ? A ZN 201 ? 1_555 NE2 ? A HIS 125 ? A HIS 125 ? 1_555 103.7 ? 
4 NE2 ? A HIS 115 ? A HIS 115 ? 1_555 ZN ? B ZN . ? A ZN 201 ? 1_555 O   ? C HOH .   ? A HOH 361 ? 1_555 117.9 ? 
5 NE2 ? A HIS 119 ? A HIS 119 ? 1_555 ZN ? B ZN . ? A ZN 201 ? 1_555 O   ? C HOH .   ? A HOH 361 ? 1_555 120.0 ? 
6 NE2 ? A HIS 125 ? A HIS 125 ? 1_555 ZN ? B ZN . ? A ZN 201 ? 1_555 O   ? C HOH .   ? A HOH 361 ? 1_555 100.4 ? 
# 
loop_
_pdbx_modification_feature.ordinal 
_pdbx_modification_feature.label_comp_id 
_pdbx_modification_feature.label_asym_id 
_pdbx_modification_feature.label_seq_id 
_pdbx_modification_feature.label_alt_id 
_pdbx_modification_feature.modified_residue_label_comp_id 
_pdbx_modification_feature.modified_residue_label_asym_id 
_pdbx_modification_feature.modified_residue_label_seq_id 
_pdbx_modification_feature.modified_residue_label_alt_id 
_pdbx_modification_feature.auth_comp_id 
_pdbx_modification_feature.auth_asym_id 
_pdbx_modification_feature.auth_seq_id 
_pdbx_modification_feature.PDB_ins_code 
_pdbx_modification_feature.symmetry 
_pdbx_modification_feature.modified_residue_auth_comp_id 
_pdbx_modification_feature.modified_residue_auth_asym_id 
_pdbx_modification_feature.modified_residue_auth_seq_id 
_pdbx_modification_feature.modified_residue_PDB_ins_code 
_pdbx_modification_feature.modified_residue_symmetry 
_pdbx_modification_feature.comp_id_linking_atom 
_pdbx_modification_feature.modified_residue_id_linking_atom 
_pdbx_modification_feature.modified_residue_id 
_pdbx_modification_feature.ref_pcm_id 
_pdbx_modification_feature.ref_comp_id 
_pdbx_modification_feature.type 
_pdbx_modification_feature.category 
1 MSE A 59  ? . . . . MSE A 59  ? 1_555 . . . . . . . MET 1 MSE Selenomethionine 'Named protein modification' 
2 MSE A 82  ? . . . . MSE A 82  ? 1_555 . . . . . . . MET 1 MSE Selenomethionine 'Named protein modification' 
3 MSE A 91  ? . . . . MSE A 91  ? 1_555 . . . . . . . MET 1 MSE Selenomethionine 'Named protein modification' 
4 MSE A 106 ? . . . . MSE A 106 ? 1_555 . . . . . . . MET 1 MSE Selenomethionine 'Named protein modification' 
5 MSE A 110 ? . . . . MSE A 110 ? 1_555 . . . . . . . MET 1 MSE Selenomethionine 'Named protein modification' 
6 MSE A 113 ? . . . . MSE A 113 ? 1_555 . . . . . . . MET 1 MSE Selenomethionine 'Named protein modification' 
# 
loop_
_struct_sheet.id 
_struct_sheet.type 
_struct_sheet.number_strands 
_struct_sheet.details 
AA1 ? 4 ? 
AA2 ? 2 ? 
# 
loop_
_struct_sheet_order.sheet_id 
_struct_sheet_order.range_id_1 
_struct_sheet_order.range_id_2 
_struct_sheet_order.offset 
_struct_sheet_order.sense 
AA1 1 2 ? parallel      
AA1 2 3 ? parallel      
AA1 3 4 ? anti-parallel 
AA2 1 2 ? anti-parallel 
# 
loop_
_struct_sheet_range.sheet_id 
_struct_sheet_range.id 
_struct_sheet_range.beg_label_comp_id 
_struct_sheet_range.beg_label_asym_id 
_struct_sheet_range.beg_label_seq_id 
_struct_sheet_range.pdbx_beg_PDB_ins_code 
_struct_sheet_range.end_label_comp_id 
_struct_sheet_range.end_label_asym_id 
_struct_sheet_range.end_label_seq_id 
_struct_sheet_range.pdbx_end_PDB_ins_code 
_struct_sheet_range.beg_auth_comp_id 
_struct_sheet_range.beg_auth_asym_id 
_struct_sheet_range.beg_auth_seq_id 
_struct_sheet_range.end_auth_comp_id 
_struct_sheet_range.end_auth_asym_id 
_struct_sheet_range.end_auth_seq_id 
AA1 1 ILE A 29 ? ALA A 33  ? ILE A 29 ALA A 33  
AA1 2 VAL A 66 ? PHE A 72  ? VAL A 66 PHE A 72  
AA1 3 LYS A 89 ? ARG A 93  ? LYS A 89 ARG A 93  
AA1 4 GLY A 81 ? VAL A 84  ? GLY A 81 VAL A 84  
AA2 1 ARG A 95 ? CYS A 96  ? ARG A 95 CYS A 96  
AA2 2 ASP A 99 ? PHE A 103 ? ASP A 99 PHE A 103 
# 
loop_
_pdbx_struct_sheet_hbond.sheet_id 
_pdbx_struct_sheet_hbond.range_id_1 
_pdbx_struct_sheet_hbond.range_id_2 
_pdbx_struct_sheet_hbond.range_1_label_atom_id 
_pdbx_struct_sheet_hbond.range_1_label_comp_id 
_pdbx_struct_sheet_hbond.range_1_label_asym_id 
_pdbx_struct_sheet_hbond.range_1_label_seq_id 
_pdbx_struct_sheet_hbond.range_1_PDB_ins_code 
_pdbx_struct_sheet_hbond.range_1_auth_atom_id 
_pdbx_struct_sheet_hbond.range_1_auth_comp_id 
_pdbx_struct_sheet_hbond.range_1_auth_asym_id 
_pdbx_struct_sheet_hbond.range_1_auth_seq_id 
_pdbx_struct_sheet_hbond.range_2_label_atom_id 
_pdbx_struct_sheet_hbond.range_2_label_comp_id 
_pdbx_struct_sheet_hbond.range_2_label_asym_id 
_pdbx_struct_sheet_hbond.range_2_label_seq_id 
_pdbx_struct_sheet_hbond.range_2_PDB_ins_code 
_pdbx_struct_sheet_hbond.range_2_auth_atom_id 
_pdbx_struct_sheet_hbond.range_2_auth_comp_id 
_pdbx_struct_sheet_hbond.range_2_auth_asym_id 
_pdbx_struct_sheet_hbond.range_2_auth_seq_id 
AA1 1 2 N LYS A 31 ? N LYS A 31 O LEU A 69  ? O LEU A 69  
AA1 2 3 N ASN A 68 ? N ASN A 68 O ILE A 90  ? O ILE A 90  
AA1 3 4 O LYS A 89 ? O LYS A 89 N VAL A 84  ? N VAL A 84  
AA2 1 2 N CYS A 96 ? N CYS A 96 O GLN A 102 ? O GLN A 102 
# 
_struct_site.id                   AC1 
_struct_site.pdbx_evidence_code   Software 
_struct_site.pdbx_auth_asym_id    A 
_struct_site.pdbx_auth_comp_id    ZN 
_struct_site.pdbx_auth_seq_id     201 
_struct_site.pdbx_auth_ins_code   ? 
_struct_site.pdbx_num_residues    5 
_struct_site.details              'binding site for residue ZN A 201' 
# 
loop_
_struct_site_gen.id 
_struct_site_gen.site_id 
_struct_site_gen.pdbx_num_res 
_struct_site_gen.label_comp_id 
_struct_site_gen.label_asym_id 
_struct_site_gen.label_seq_id 
_struct_site_gen.pdbx_auth_ins_code 
_struct_site_gen.auth_comp_id 
_struct_site_gen.auth_asym_id 
_struct_site_gen.auth_seq_id 
_struct_site_gen.label_atom_id 
_struct_site_gen.label_alt_id 
_struct_site_gen.symmetry 
_struct_site_gen.details 
1 AC1 5 HIS A 115 ? HIS A 115 . ? 1_555 ? 
2 AC1 5 HIS A 119 ? HIS A 119 . ? 1_555 ? 
3 AC1 5 HIS A 125 ? HIS A 125 . ? 1_555 ? 
4 AC1 5 HOH C .   ? HOH A 325 . ? 1_555 ? 
5 AC1 5 HOH C .   ? HOH A 361 . ? 1_555 ? 
# 
_pdbx_entry_details.entry_id                   5XBN 
_pdbx_entry_details.compound_details           ? 
_pdbx_entry_details.source_details             ? 
_pdbx_entry_details.nonpolymer_details         ? 
_pdbx_entry_details.sequence_details           ? 
_pdbx_entry_details.has_ligand_of_interest     ? 
_pdbx_entry_details.has_protein_modification   Y 
# 
_pdbx_validate_close_contact.id               1 
_pdbx_validate_close_contact.PDB_model_num    1 
_pdbx_validate_close_contact.auth_atom_id_1   O 
_pdbx_validate_close_contact.auth_asym_id_1   A 
_pdbx_validate_close_contact.auth_comp_id_1   HOH 
_pdbx_validate_close_contact.auth_seq_id_1    325 
_pdbx_validate_close_contact.PDB_ins_code_1   ? 
_pdbx_validate_close_contact.label_alt_id_1   ? 
_pdbx_validate_close_contact.auth_atom_id_2   O 
_pdbx_validate_close_contact.auth_asym_id_2   A 
_pdbx_validate_close_contact.auth_comp_id_2   HOH 
_pdbx_validate_close_contact.auth_seq_id_2    361 
_pdbx_validate_close_contact.PDB_ins_code_2   ? 
_pdbx_validate_close_contact.label_alt_id_2   ? 
_pdbx_validate_close_contact.dist             2.11 
# 
loop_
_pdbx_validate_torsion.id 
_pdbx_validate_torsion.PDB_model_num 
_pdbx_validate_torsion.auth_comp_id 
_pdbx_validate_torsion.auth_asym_id 
_pdbx_validate_torsion.auth_seq_id 
_pdbx_validate_torsion.PDB_ins_code 
_pdbx_validate_torsion.label_alt_id 
_pdbx_validate_torsion.phi 
_pdbx_validate_torsion.psi 
1 1 ASP A 99  ? ? -164.82 100.17  
2 1 ASP A 126 ? ? -111.02 -163.25 
# 
loop_
_pdbx_struct_mod_residue.id 
_pdbx_struct_mod_residue.label_asym_id 
_pdbx_struct_mod_residue.label_comp_id 
_pdbx_struct_mod_residue.label_seq_id 
_pdbx_struct_mod_residue.auth_asym_id 
_pdbx_struct_mod_residue.auth_comp_id 
_pdbx_struct_mod_residue.auth_seq_id 
_pdbx_struct_mod_residue.PDB_ins_code 
_pdbx_struct_mod_residue.parent_comp_id 
_pdbx_struct_mod_residue.details 
1 A MSE 59  A MSE 59  ? MET 'modified residue' 
2 A MSE 82  A MSE 82  ? MET 'modified residue' 
3 A MSE 91  A MSE 91  ? MET 'modified residue' 
4 A MSE 106 A MSE 106 ? MET 'modified residue' 
5 A MSE 110 A MSE 110 ? MET 'modified residue' 
6 A MSE 113 A MSE 113 ? MET 'modified residue' 
# 
loop_
_pdbx_unobs_or_zero_occ_residues.id 
_pdbx_unobs_or_zero_occ_residues.PDB_model_num 
_pdbx_unobs_or_zero_occ_residues.polymer_flag 
_pdbx_unobs_or_zero_occ_residues.occupancy_flag 
_pdbx_unobs_or_zero_occ_residues.auth_asym_id 
_pdbx_unobs_or_zero_occ_residues.auth_comp_id 
_pdbx_unobs_or_zero_occ_residues.auth_seq_id 
_pdbx_unobs_or_zero_occ_residues.PDB_ins_code 
_pdbx_unobs_or_zero_occ_residues.label_asym_id 
_pdbx_unobs_or_zero_occ_residues.label_comp_id 
_pdbx_unobs_or_zero_occ_residues.label_seq_id 
1  1 Y 1 A MSE 1  ? A MSE 1  
2  1 Y 1 A LYS 2  ? A LYS 2  
3  1 Y 1 A ALA 3  ? A ALA 3  
4  1 Y 1 A GLU 4  ? A GLU 4  
5  1 Y 1 A GLY 5  ? A GLY 5  
6  1 Y 1 A ILE 6  ? A ILE 6  
7  1 Y 1 A LYS 7  ? A LYS 7  
8  1 Y 1 A SER 8  ? A SER 8  
9  1 Y 1 A PRO 9  ? A PRO 9  
10 1 Y 1 A SER 10 ? A SER 10 
11 1 Y 1 A ALA 11 ? A ALA 11 
12 1 Y 1 A LYS 12 ? A LYS 12 
13 1 Y 1 A TYR 13 ? A TYR 13 
14 1 Y 1 A HIS 14 ? A HIS 14 
15 1 Y 1 A ASP 15 ? A ASP 15 
16 1 Y 1 A MSE 16 ? A MSE 16 
17 1 Y 1 A ALA 17 ? A ALA 17 
18 1 Y 1 A GLY 18 ? A GLY 18 
19 1 Y 1 A SER 19 ? A SER 19 
20 1 Y 1 A GLN 20 ? A GLN 20 
# 
loop_
_chem_comp_atom.comp_id 
_chem_comp_atom.atom_id 
_chem_comp_atom.type_symbol 
_chem_comp_atom.pdbx_aromatic_flag 
_chem_comp_atom.pdbx_stereo_config 
_chem_comp_atom.pdbx_ordinal 
ALA N    N  N N 1   
ALA CA   C  N S 2   
ALA C    C  N N 3   
ALA O    O  N N 4   
ALA CB   C  N N 5   
ALA OXT  O  N N 6   
ALA H    H  N N 7   
ALA H2   H  N N 8   
ALA HA   H  N N 9   
ALA HB1  H  N N 10  
ALA HB2  H  N N 11  
ALA HB3  H  N N 12  
ALA HXT  H  N N 13  
ARG N    N  N N 14  
ARG CA   C  N S 15  
ARG C    C  N N 16  
ARG O    O  N N 17  
ARG CB   C  N N 18  
ARG CG   C  N N 19  
ARG CD   C  N N 20  
ARG NE   N  N N 21  
ARG CZ   C  N N 22  
ARG NH1  N  N N 23  
ARG NH2  N  N N 24  
ARG OXT  O  N N 25  
ARG H    H  N N 26  
ARG H2   H  N N 27  
ARG HA   H  N N 28  
ARG HB2  H  N N 29  
ARG HB3  H  N N 30  
ARG HG2  H  N N 31  
ARG HG3  H  N N 32  
ARG HD2  H  N N 33  
ARG HD3  H  N N 34  
ARG HE   H  N N 35  
ARG HH11 H  N N 36  
ARG HH12 H  N N 37  
ARG HH21 H  N N 38  
ARG HH22 H  N N 39  
ARG HXT  H  N N 40  
ASN N    N  N N 41  
ASN CA   C  N S 42  
ASN C    C  N N 43  
ASN O    O  N N 44  
ASN CB   C  N N 45  
ASN CG   C  N N 46  
ASN OD1  O  N N 47  
ASN ND2  N  N N 48  
ASN OXT  O  N N 49  
ASN H    H  N N 50  
ASN H2   H  N N 51  
ASN HA   H  N N 52  
ASN HB2  H  N N 53  
ASN HB3  H  N N 54  
ASN HD21 H  N N 55  
ASN HD22 H  N N 56  
ASN HXT  H  N N 57  
ASP N    N  N N 58  
ASP CA   C  N S 59  
ASP C    C  N N 60  
ASP O    O  N N 61  
ASP CB   C  N N 62  
ASP CG   C  N N 63  
ASP OD1  O  N N 64  
ASP OD2  O  N N 65  
ASP OXT  O  N N 66  
ASP H    H  N N 67  
ASP H2   H  N N 68  
ASP HA   H  N N 69  
ASP HB2  H  N N 70  
ASP HB3  H  N N 71  
ASP HD2  H  N N 72  
ASP HXT  H  N N 73  
CYS N    N  N N 74  
CYS CA   C  N R 75  
CYS C    C  N N 76  
CYS O    O  N N 77  
CYS CB   C  N N 78  
CYS SG   S  N N 79  
CYS OXT  O  N N 80  
CYS H    H  N N 81  
CYS H2   H  N N 82  
CYS HA   H  N N 83  
CYS HB2  H  N N 84  
CYS HB3  H  N N 85  
CYS HG   H  N N 86  
CYS HXT  H  N N 87  
GLN N    N  N N 88  
GLN CA   C  N S 89  
GLN C    C  N N 90  
GLN O    O  N N 91  
GLN CB   C  N N 92  
GLN CG   C  N N 93  
GLN CD   C  N N 94  
GLN OE1  O  N N 95  
GLN NE2  N  N N 96  
GLN OXT  O  N N 97  
GLN H    H  N N 98  
GLN H2   H  N N 99  
GLN HA   H  N N 100 
GLN HB2  H  N N 101 
GLN HB3  H  N N 102 
GLN HG2  H  N N 103 
GLN HG3  H  N N 104 
GLN HE21 H  N N 105 
GLN HE22 H  N N 106 
GLN HXT  H  N N 107 
GLU N    N  N N 108 
GLU CA   C  N S 109 
GLU C    C  N N 110 
GLU O    O  N N 111 
GLU CB   C  N N 112 
GLU CG   C  N N 113 
GLU CD   C  N N 114 
GLU OE1  O  N N 115 
GLU OE2  O  N N 116 
GLU OXT  O  N N 117 
GLU H    H  N N 118 
GLU H2   H  N N 119 
GLU HA   H  N N 120 
GLU HB2  H  N N 121 
GLU HB3  H  N N 122 
GLU HG2  H  N N 123 
GLU HG3  H  N N 124 
GLU HE2  H  N N 125 
GLU HXT  H  N N 126 
GLY N    N  N N 127 
GLY CA   C  N N 128 
GLY C    C  N N 129 
GLY O    O  N N 130 
GLY OXT  O  N N 131 
GLY H    H  N N 132 
GLY H2   H  N N 133 
GLY HA2  H  N N 134 
GLY HA3  H  N N 135 
GLY HXT  H  N N 136 
HIS N    N  N N 137 
HIS CA   C  N S 138 
HIS C    C  N N 139 
HIS O    O  N N 140 
HIS CB   C  N N 141 
HIS CG   C  Y N 142 
HIS ND1  N  Y N 143 
HIS CD2  C  Y N 144 
HIS CE1  C  Y N 145 
HIS NE2  N  Y N 146 
HIS OXT  O  N N 147 
HIS H    H  N N 148 
HIS H2   H  N N 149 
HIS HA   H  N N 150 
HIS HB2  H  N N 151 
HIS HB3  H  N N 152 
HIS HD1  H  N N 153 
HIS HD2  H  N N 154 
HIS HE1  H  N N 155 
HIS HE2  H  N N 156 
HIS HXT  H  N N 157 
HOH O    O  N N 158 
HOH H1   H  N N 159 
HOH H2   H  N N 160 
ILE N    N  N N 161 
ILE CA   C  N S 162 
ILE C    C  N N 163 
ILE O    O  N N 164 
ILE CB   C  N S 165 
ILE CG1  C  N N 166 
ILE CG2  C  N N 167 
ILE CD1  C  N N 168 
ILE OXT  O  N N 169 
ILE H    H  N N 170 
ILE H2   H  N N 171 
ILE HA   H  N N 172 
ILE HB   H  N N 173 
ILE HG12 H  N N 174 
ILE HG13 H  N N 175 
ILE HG21 H  N N 176 
ILE HG22 H  N N 177 
ILE HG23 H  N N 178 
ILE HD11 H  N N 179 
ILE HD12 H  N N 180 
ILE HD13 H  N N 181 
ILE HXT  H  N N 182 
LEU N    N  N N 183 
LEU CA   C  N S 184 
LEU C    C  N N 185 
LEU O    O  N N 186 
LEU CB   C  N N 187 
LEU CG   C  N N 188 
LEU CD1  C  N N 189 
LEU CD2  C  N N 190 
LEU OXT  O  N N 191 
LEU H    H  N N 192 
LEU H2   H  N N 193 
LEU HA   H  N N 194 
LEU HB2  H  N N 195 
LEU HB3  H  N N 196 
LEU HG   H  N N 197 
LEU HD11 H  N N 198 
LEU HD12 H  N N 199 
LEU HD13 H  N N 200 
LEU HD21 H  N N 201 
LEU HD22 H  N N 202 
LEU HD23 H  N N 203 
LEU HXT  H  N N 204 
LYS N    N  N N 205 
LYS CA   C  N S 206 
LYS C    C  N N 207 
LYS O    O  N N 208 
LYS CB   C  N N 209 
LYS CG   C  N N 210 
LYS CD   C  N N 211 
LYS CE   C  N N 212 
LYS NZ   N  N N 213 
LYS OXT  O  N N 214 
LYS H    H  N N 215 
LYS H2   H  N N 216 
LYS HA   H  N N 217 
LYS HB2  H  N N 218 
LYS HB3  H  N N 219 
LYS HG2  H  N N 220 
LYS HG3  H  N N 221 
LYS HD2  H  N N 222 
LYS HD3  H  N N 223 
LYS HE2  H  N N 224 
LYS HE3  H  N N 225 
LYS HZ1  H  N N 226 
LYS HZ2  H  N N 227 
LYS HZ3  H  N N 228 
LYS HXT  H  N N 229 
MSE N    N  N N 230 
MSE CA   C  N S 231 
MSE C    C  N N 232 
MSE O    O  N N 233 
MSE OXT  O  N N 234 
MSE CB   C  N N 235 
MSE CG   C  N N 236 
MSE SE   SE N N 237 
MSE CE   C  N N 238 
MSE H    H  N N 239 
MSE H2   H  N N 240 
MSE HA   H  N N 241 
MSE HXT  H  N N 242 
MSE HB2  H  N N 243 
MSE HB3  H  N N 244 
MSE HG2  H  N N 245 
MSE HG3  H  N N 246 
MSE HE1  H  N N 247 
MSE HE2  H  N N 248 
MSE HE3  H  N N 249 
PHE N    N  N N 250 
PHE CA   C  N S 251 
PHE C    C  N N 252 
PHE O    O  N N 253 
PHE CB   C  N N 254 
PHE CG   C  Y N 255 
PHE CD1  C  Y N 256 
PHE CD2  C  Y N 257 
PHE CE1  C  Y N 258 
PHE CE2  C  Y N 259 
PHE CZ   C  Y N 260 
PHE OXT  O  N N 261 
PHE H    H  N N 262 
PHE H2   H  N N 263 
PHE HA   H  N N 264 
PHE HB2  H  N N 265 
PHE HB3  H  N N 266 
PHE HD1  H  N N 267 
PHE HD2  H  N N 268 
PHE HE1  H  N N 269 
PHE HE2  H  N N 270 
PHE HZ   H  N N 271 
PHE HXT  H  N N 272 
PRO N    N  N N 273 
PRO CA   C  N S 274 
PRO C    C  N N 275 
PRO O    O  N N 276 
PRO CB   C  N N 277 
PRO CG   C  N N 278 
PRO CD   C  N N 279 
PRO OXT  O  N N 280 
PRO H    H  N N 281 
PRO HA   H  N N 282 
PRO HB2  H  N N 283 
PRO HB3  H  N N 284 
PRO HG2  H  N N 285 
PRO HG3  H  N N 286 
PRO HD2  H  N N 287 
PRO HD3  H  N N 288 
PRO HXT  H  N N 289 
SER N    N  N N 290 
SER CA   C  N S 291 
SER C    C  N N 292 
SER O    O  N N 293 
SER CB   C  N N 294 
SER OG   O  N N 295 
SER OXT  O  N N 296 
SER H    H  N N 297 
SER H2   H  N N 298 
SER HA   H  N N 299 
SER HB2  H  N N 300 
SER HB3  H  N N 301 
SER HG   H  N N 302 
SER HXT  H  N N 303 
THR N    N  N N 304 
THR CA   C  N S 305 
THR C    C  N N 306 
THR O    O  N N 307 
THR CB   C  N R 308 
THR OG1  O  N N 309 
THR CG2  C  N N 310 
THR OXT  O  N N 311 
THR H    H  N N 312 
THR H2   H  N N 313 
THR HA   H  N N 314 
THR HB   H  N N 315 
THR HG1  H  N N 316 
THR HG21 H  N N 317 
THR HG22 H  N N 318 
THR HG23 H  N N 319 
THR HXT  H  N N 320 
TRP N    N  N N 321 
TRP CA   C  N S 322 
TRP C    C  N N 323 
TRP O    O  N N 324 
TRP CB   C  N N 325 
TRP CG   C  Y N 326 
TRP CD1  C  Y N 327 
TRP CD2  C  Y N 328 
TRP NE1  N  Y N 329 
TRP CE2  C  Y N 330 
TRP CE3  C  Y N 331 
TRP CZ2  C  Y N 332 
TRP CZ3  C  Y N 333 
TRP CH2  C  Y N 334 
TRP OXT  O  N N 335 
TRP H    H  N N 336 
TRP H2   H  N N 337 
TRP HA   H  N N 338 
TRP HB2  H  N N 339 
TRP HB3  H  N N 340 
TRP HD1  H  N N 341 
TRP HE1  H  N N 342 
TRP HE3  H  N N 343 
TRP HZ2  H  N N 344 
TRP HZ3  H  N N 345 
TRP HH2  H  N N 346 
TRP HXT  H  N N 347 
TYR N    N  N N 348 
TYR CA   C  N S 349 
TYR C    C  N N 350 
TYR O    O  N N 351 
TYR CB   C  N N 352 
TYR CG   C  Y N 353 
TYR CD1  C  Y N 354 
TYR CD2  C  Y N 355 
TYR CE1  C  Y N 356 
TYR CE2  C  Y N 357 
TYR CZ   C  Y N 358 
TYR OH   O  N N 359 
TYR OXT  O  N N 360 
TYR H    H  N N 361 
TYR H2   H  N N 362 
TYR HA   H  N N 363 
TYR HB2  H  N N 364 
TYR HB3  H  N N 365 
TYR HD1  H  N N 366 
TYR HD2  H  N N 367 
TYR HE1  H  N N 368 
TYR HE2  H  N N 369 
TYR HH   H  N N 370 
TYR HXT  H  N N 371 
VAL N    N  N N 372 
VAL CA   C  N S 373 
VAL C    C  N N 374 
VAL O    O  N N 375 
VAL CB   C  N N 376 
VAL CG1  C  N N 377 
VAL CG2  C  N N 378 
VAL OXT  O  N N 379 
VAL H    H  N N 380 
VAL H2   H  N N 381 
VAL HA   H  N N 382 
VAL HB   H  N N 383 
VAL HG11 H  N N 384 
VAL HG12 H  N N 385 
VAL HG13 H  N N 386 
VAL HG21 H  N N 387 
VAL HG22 H  N N 388 
VAL HG23 H  N N 389 
VAL HXT  H  N N 390 
ZN  ZN   ZN N N 391 
# 
loop_
_chem_comp_bond.comp_id 
_chem_comp_bond.atom_id_1 
_chem_comp_bond.atom_id_2 
_chem_comp_bond.value_order 
_chem_comp_bond.pdbx_aromatic_flag 
_chem_comp_bond.pdbx_stereo_config 
_chem_comp_bond.pdbx_ordinal 
ALA N   CA   sing N N 1   
ALA N   H    sing N N 2   
ALA N   H2   sing N N 3   
ALA CA  C    sing N N 4   
ALA CA  CB   sing N N 5   
ALA CA  HA   sing N N 6   
ALA C   O    doub N N 7   
ALA C   OXT  sing N N 8   
ALA CB  HB1  sing N N 9   
ALA CB  HB2  sing N N 10  
ALA CB  HB3  sing N N 11  
ALA OXT HXT  sing N N 12  
ARG N   CA   sing N N 13  
ARG N   H    sing N N 14  
ARG N   H2   sing N N 15  
ARG CA  C    sing N N 16  
ARG CA  CB   sing N N 17  
ARG CA  HA   sing N N 18  
ARG C   O    doub N N 19  
ARG C   OXT  sing N N 20  
ARG CB  CG   sing N N 21  
ARG CB  HB2  sing N N 22  
ARG CB  HB3  sing N N 23  
ARG CG  CD   sing N N 24  
ARG CG  HG2  sing N N 25  
ARG CG  HG3  sing N N 26  
ARG CD  NE   sing N N 27  
ARG CD  HD2  sing N N 28  
ARG CD  HD3  sing N N 29  
ARG NE  CZ   sing N N 30  
ARG NE  HE   sing N N 31  
ARG CZ  NH1  sing N N 32  
ARG CZ  NH2  doub N N 33  
ARG NH1 HH11 sing N N 34  
ARG NH1 HH12 sing N N 35  
ARG NH2 HH21 sing N N 36  
ARG NH2 HH22 sing N N 37  
ARG OXT HXT  sing N N 38  
ASN N   CA   sing N N 39  
ASN N   H    sing N N 40  
ASN N   H2   sing N N 41  
ASN CA  C    sing N N 42  
ASN CA  CB   sing N N 43  
ASN CA  HA   sing N N 44  
ASN C   O    doub N N 45  
ASN C   OXT  sing N N 46  
ASN CB  CG   sing N N 47  
ASN CB  HB2  sing N N 48  
ASN CB  HB3  sing N N 49  
ASN CG  OD1  doub N N 50  
ASN CG  ND2  sing N N 51  
ASN ND2 HD21 sing N N 52  
ASN ND2 HD22 sing N N 53  
ASN OXT HXT  sing N N 54  
ASP N   CA   sing N N 55  
ASP N   H    sing N N 56  
ASP N   H2   sing N N 57  
ASP CA  C    sing N N 58  
ASP CA  CB   sing N N 59  
ASP CA  HA   sing N N 60  
ASP C   O    doub N N 61  
ASP C   OXT  sing N N 62  
ASP CB  CG   sing N N 63  
ASP CB  HB2  sing N N 64  
ASP CB  HB3  sing N N 65  
ASP CG  OD1  doub N N 66  
ASP CG  OD2  sing N N 67  
ASP OD2 HD2  sing N N 68  
ASP OXT HXT  sing N N 69  
CYS N   CA   sing N N 70  
CYS N   H    sing N N 71  
CYS N   H2   sing N N 72  
CYS CA  C    sing N N 73  
CYS CA  CB   sing N N 74  
CYS CA  HA   sing N N 75  
CYS C   O    doub N N 76  
CYS C   OXT  sing N N 77  
CYS CB  SG   sing N N 78  
CYS CB  HB2  sing N N 79  
CYS CB  HB3  sing N N 80  
CYS SG  HG   sing N N 81  
CYS OXT HXT  sing N N 82  
GLN N   CA   sing N N 83  
GLN N   H    sing N N 84  
GLN N   H2   sing N N 85  
GLN CA  C    sing N N 86  
GLN CA  CB   sing N N 87  
GLN CA  HA   sing N N 88  
GLN C   O    doub N N 89  
GLN C   OXT  sing N N 90  
GLN CB  CG   sing N N 91  
GLN CB  HB2  sing N N 92  
GLN CB  HB3  sing N N 93  
GLN CG  CD   sing N N 94  
GLN CG  HG2  sing N N 95  
GLN CG  HG3  sing N N 96  
GLN CD  OE1  doub N N 97  
GLN CD  NE2  sing N N 98  
GLN NE2 HE21 sing N N 99  
GLN NE2 HE22 sing N N 100 
GLN OXT HXT  sing N N 101 
GLU N   CA   sing N N 102 
GLU N   H    sing N N 103 
GLU N   H2   sing N N 104 
GLU CA  C    sing N N 105 
GLU CA  CB   sing N N 106 
GLU CA  HA   sing N N 107 
GLU C   O    doub N N 108 
GLU C   OXT  sing N N 109 
GLU CB  CG   sing N N 110 
GLU CB  HB2  sing N N 111 
GLU CB  HB3  sing N N 112 
GLU CG  CD   sing N N 113 
GLU CG  HG2  sing N N 114 
GLU CG  HG3  sing N N 115 
GLU CD  OE1  doub N N 116 
GLU CD  OE2  sing N N 117 
GLU OE2 HE2  sing N N 118 
GLU OXT HXT  sing N N 119 
GLY N   CA   sing N N 120 
GLY N   H    sing N N 121 
GLY N   H2   sing N N 122 
GLY CA  C    sing N N 123 
GLY CA  HA2  sing N N 124 
GLY CA  HA3  sing N N 125 
GLY C   O    doub N N 126 
GLY C   OXT  sing N N 127 
GLY OXT HXT  sing N N 128 
HIS N   CA   sing N N 129 
HIS N   H    sing N N 130 
HIS N   H2   sing N N 131 
HIS CA  C    sing N N 132 
HIS CA  CB   sing N N 133 
HIS CA  HA   sing N N 134 
HIS C   O    doub N N 135 
HIS C   OXT  sing N N 136 
HIS CB  CG   sing N N 137 
HIS CB  HB2  sing N N 138 
HIS CB  HB3  sing N N 139 
HIS CG  ND1  sing Y N 140 
HIS CG  CD2  doub Y N 141 
HIS ND1 CE1  doub Y N 142 
HIS ND1 HD1  sing N N 143 
HIS CD2 NE2  sing Y N 144 
HIS CD2 HD2  sing N N 145 
HIS CE1 NE2  sing Y N 146 
HIS CE1 HE1  sing N N 147 
HIS NE2 HE2  sing N N 148 
HIS OXT HXT  sing N N 149 
HOH O   H1   sing N N 150 
HOH O   H2   sing N N 151 
ILE N   CA   sing N N 152 
ILE N   H    sing N N 153 
ILE N   H2   sing N N 154 
ILE CA  C    sing N N 155 
ILE CA  CB   sing N N 156 
ILE CA  HA   sing N N 157 
ILE C   O    doub N N 158 
ILE C   OXT  sing N N 159 
ILE CB  CG1  sing N N 160 
ILE CB  CG2  sing N N 161 
ILE CB  HB   sing N N 162 
ILE CG1 CD1  sing N N 163 
ILE CG1 HG12 sing N N 164 
ILE CG1 HG13 sing N N 165 
ILE CG2 HG21 sing N N 166 
ILE CG2 HG22 sing N N 167 
ILE CG2 HG23 sing N N 168 
ILE CD1 HD11 sing N N 169 
ILE CD1 HD12 sing N N 170 
ILE CD1 HD13 sing N N 171 
ILE OXT HXT  sing N N 172 
LEU N   CA   sing N N 173 
LEU N   H    sing N N 174 
LEU N   H2   sing N N 175 
LEU CA  C    sing N N 176 
LEU CA  CB   sing N N 177 
LEU CA  HA   sing N N 178 
LEU C   O    doub N N 179 
LEU C   OXT  sing N N 180 
LEU CB  CG   sing N N 181 
LEU CB  HB2  sing N N 182 
LEU CB  HB3  sing N N 183 
LEU CG  CD1  sing N N 184 
LEU CG  CD2  sing N N 185 
LEU CG  HG   sing N N 186 
LEU CD1 HD11 sing N N 187 
LEU CD1 HD12 sing N N 188 
LEU CD1 HD13 sing N N 189 
LEU CD2 HD21 sing N N 190 
LEU CD2 HD22 sing N N 191 
LEU CD2 HD23 sing N N 192 
LEU OXT HXT  sing N N 193 
LYS N   CA   sing N N 194 
LYS N   H    sing N N 195 
LYS N   H2   sing N N 196 
LYS CA  C    sing N N 197 
LYS CA  CB   sing N N 198 
LYS CA  HA   sing N N 199 
LYS C   O    doub N N 200 
LYS C   OXT  sing N N 201 
LYS CB  CG   sing N N 202 
LYS CB  HB2  sing N N 203 
LYS CB  HB3  sing N N 204 
LYS CG  CD   sing N N 205 
LYS CG  HG2  sing N N 206 
LYS CG  HG3  sing N N 207 
LYS CD  CE   sing N N 208 
LYS CD  HD2  sing N N 209 
LYS CD  HD3  sing N N 210 
LYS CE  NZ   sing N N 211 
LYS CE  HE2  sing N N 212 
LYS CE  HE3  sing N N 213 
LYS NZ  HZ1  sing N N 214 
LYS NZ  HZ2  sing N N 215 
LYS NZ  HZ3  sing N N 216 
LYS OXT HXT  sing N N 217 
MSE N   CA   sing N N 218 
MSE N   H    sing N N 219 
MSE N   H2   sing N N 220 
MSE CA  C    sing N N 221 
MSE CA  CB   sing N N 222 
MSE CA  HA   sing N N 223 
MSE C   O    doub N N 224 
MSE C   OXT  sing N N 225 
MSE OXT HXT  sing N N 226 
MSE CB  CG   sing N N 227 
MSE CB  HB2  sing N N 228 
MSE CB  HB3  sing N N 229 
MSE CG  SE   sing N N 230 
MSE CG  HG2  sing N N 231 
MSE CG  HG3  sing N N 232 
MSE SE  CE   sing N N 233 
MSE CE  HE1  sing N N 234 
MSE CE  HE2  sing N N 235 
MSE CE  HE3  sing N N 236 
PHE N   CA   sing N N 237 
PHE N   H    sing N N 238 
PHE N   H2   sing N N 239 
PHE CA  C    sing N N 240 
PHE CA  CB   sing N N 241 
PHE CA  HA   sing N N 242 
PHE C   O    doub N N 243 
PHE C   OXT  sing N N 244 
PHE CB  CG   sing N N 245 
PHE CB  HB2  sing N N 246 
PHE CB  HB3  sing N N 247 
PHE CG  CD1  doub Y N 248 
PHE CG  CD2  sing Y N 249 
PHE CD1 CE1  sing Y N 250 
PHE CD1 HD1  sing N N 251 
PHE CD2 CE2  doub Y N 252 
PHE CD2 HD2  sing N N 253 
PHE CE1 CZ   doub Y N 254 
PHE CE1 HE1  sing N N 255 
PHE CE2 CZ   sing Y N 256 
PHE CE2 HE2  sing N N 257 
PHE CZ  HZ   sing N N 258 
PHE OXT HXT  sing N N 259 
PRO N   CA   sing N N 260 
PRO N   CD   sing N N 261 
PRO N   H    sing N N 262 
PRO CA  C    sing N N 263 
PRO CA  CB   sing N N 264 
PRO CA  HA   sing N N 265 
PRO C   O    doub N N 266 
PRO C   OXT  sing N N 267 
PRO CB  CG   sing N N 268 
PRO CB  HB2  sing N N 269 
PRO CB  HB3  sing N N 270 
PRO CG  CD   sing N N 271 
PRO CG  HG2  sing N N 272 
PRO CG  HG3  sing N N 273 
PRO CD  HD2  sing N N 274 
PRO CD  HD3  sing N N 275 
PRO OXT HXT  sing N N 276 
SER N   CA   sing N N 277 
SER N   H    sing N N 278 
SER N   H2   sing N N 279 
SER CA  C    sing N N 280 
SER CA  CB   sing N N 281 
SER CA  HA   sing N N 282 
SER C   O    doub N N 283 
SER C   OXT  sing N N 284 
SER CB  OG   sing N N 285 
SER CB  HB2  sing N N 286 
SER CB  HB3  sing N N 287 
SER OG  HG   sing N N 288 
SER OXT HXT  sing N N 289 
THR N   CA   sing N N 290 
THR N   H    sing N N 291 
THR N   H2   sing N N 292 
THR CA  C    sing N N 293 
THR CA  CB   sing N N 294 
THR CA  HA   sing N N 295 
THR C   O    doub N N 296 
THR C   OXT  sing N N 297 
THR CB  OG1  sing N N 298 
THR CB  CG2  sing N N 299 
THR CB  HB   sing N N 300 
THR OG1 HG1  sing N N 301 
THR CG2 HG21 sing N N 302 
THR CG2 HG22 sing N N 303 
THR CG2 HG23 sing N N 304 
THR OXT HXT  sing N N 305 
TRP N   CA   sing N N 306 
TRP N   H    sing N N 307 
TRP N   H2   sing N N 308 
TRP CA  C    sing N N 309 
TRP CA  CB   sing N N 310 
TRP CA  HA   sing N N 311 
TRP C   O    doub N N 312 
TRP C   OXT  sing N N 313 
TRP CB  CG   sing N N 314 
TRP CB  HB2  sing N N 315 
TRP CB  HB3  sing N N 316 
TRP CG  CD1  doub Y N 317 
TRP CG  CD2  sing Y N 318 
TRP CD1 NE1  sing Y N 319 
TRP CD1 HD1  sing N N 320 
TRP CD2 CE2  doub Y N 321 
TRP CD2 CE3  sing Y N 322 
TRP NE1 CE2  sing Y N 323 
TRP NE1 HE1  sing N N 324 
TRP CE2 CZ2  sing Y N 325 
TRP CE3 CZ3  doub Y N 326 
TRP CE3 HE3  sing N N 327 
TRP CZ2 CH2  doub Y N 328 
TRP CZ2 HZ2  sing N N 329 
TRP CZ3 CH2  sing Y N 330 
TRP CZ3 HZ3  sing N N 331 
TRP CH2 HH2  sing N N 332 
TRP OXT HXT  sing N N 333 
TYR N   CA   sing N N 334 
TYR N   H    sing N N 335 
TYR N   H2   sing N N 336 
TYR CA  C    sing N N 337 
TYR CA  CB   sing N N 338 
TYR CA  HA   sing N N 339 
TYR C   O    doub N N 340 
TYR C   OXT  sing N N 341 
TYR CB  CG   sing N N 342 
TYR CB  HB2  sing N N 343 
TYR CB  HB3  sing N N 344 
TYR CG  CD1  doub Y N 345 
TYR CG  CD2  sing Y N 346 
TYR CD1 CE1  sing Y N 347 
TYR CD1 HD1  sing N N 348 
TYR CD2 CE2  doub Y N 349 
TYR CD2 HD2  sing N N 350 
TYR CE1 CZ   doub Y N 351 
TYR CE1 HE1  sing N N 352 
TYR CE2 CZ   sing Y N 353 
TYR CE2 HE2  sing N N 354 
TYR CZ  OH   sing N N 355 
TYR OH  HH   sing N N 356 
TYR OXT HXT  sing N N 357 
VAL N   CA   sing N N 358 
VAL N   H    sing N N 359 
VAL N   H2   sing N N 360 
VAL CA  C    sing N N 361 
VAL CA  CB   sing N N 362 
VAL CA  HA   sing N N 363 
VAL C   O    doub N N 364 
VAL C   OXT  sing N N 365 
VAL CB  CG1  sing N N 366 
VAL CB  CG2  sing N N 367 
VAL CB  HB   sing N N 368 
VAL CG1 HG11 sing N N 369 
VAL CG1 HG12 sing N N 370 
VAL CG1 HG13 sing N N 371 
VAL CG2 HG21 sing N N 372 
VAL CG2 HG22 sing N N 373 
VAL CG2 HG23 sing N N 374 
VAL OXT HXT  sing N N 375 
# 
_pdbx_audit_support.funding_organization   'National Natural Science Foundation of China' 
_pdbx_audit_support.country                China 
_pdbx_audit_support.grant_number           31600597 
_pdbx_audit_support.ordinal                1 
# 
_atom_sites.entry_id                    5XBN 
_atom_sites.fract_transf_matrix[1][1]   -0.00672038 
_atom_sites.fract_transf_matrix[1][2]   0.01370813 
_atom_sites.fract_transf_matrix[1][3]   -0.00165494 
_atom_sites.fract_transf_matrix[2][1]   0.00692062 
_atom_sites.fract_transf_matrix[2][2]   0.01263553 
_atom_sites.fract_transf_matrix[2][3]   0.00531555 
_atom_sites.fract_transf_matrix[3][1]   0.01049866 
_atom_sites.fract_transf_matrix[3][2]   0.00271703 
_atom_sites.fract_transf_matrix[3][3]   -0.02012741 
_atom_sites.fract_transf_vector[1]      0.315389 
_atom_sites.fract_transf_vector[2]      0.426134 
_atom_sites.fract_transf_vector[3]      0.281676 
# 
loop_
_atom_type.symbol 
C  
N  
O  
S  
SE 
ZN 
# 
loop_
_atom_site.group_PDB 
_atom_site.id 
_atom_site.type_symbol 
_atom_site.label_atom_id 
_atom_site.label_alt_id 
_atom_site.label_comp_id 
_atom_site.label_asym_id 
_atom_site.label_entity_id 
_atom_site.label_seq_id 
_atom_site.pdbx_PDB_ins_code 
_atom_site.Cartn_x 
_atom_site.Cartn_y 
_atom_site.Cartn_z 
_atom_site.occupancy 
_atom_site.B_iso_or_equiv 
_atom_site.pdbx_formal_charge 
_atom_site.auth_seq_id 
_atom_site.auth_comp_id 
_atom_site.auth_asym_id 
_atom_site.auth_atom_id 
_atom_site.pdbx_PDB_model_num 
ATOM   1    N  N   . ARG A 1 21  ? 11.044  14.136  -8.694  1.00 26.48 ? 21  ARG A N   1 
ATOM   2    C  CA  . ARG A 1 21  ? 10.854  14.546  -7.299  1.00 25.11 ? 21  ARG A CA  1 
ATOM   3    C  C   . ARG A 1 21  ? 10.605  13.396  -6.357  1.00 24.53 ? 21  ARG A C   1 
ATOM   4    O  O   . ARG A 1 21  ? 9.991   12.390  -6.720  1.00 28.69 ? 21  ARG A O   1 
ATOM   5    C  CB  . ARG A 1 21  ? 9.672   15.498  -7.163  1.00 30.21 ? 21  ARG A CB  1 
ATOM   6    C  CG  . ARG A 1 21  ? 9.962   16.888  -7.586  1.00 33.01 ? 21  ARG A CG  1 
ATOM   7    C  CD  . ARG A 1 21  ? 9.244   17.177  -8.869  1.00 32.08 ? 21  ARG A CD  1 
ATOM   8    N  NE  . ARG A 1 21  ? 9.614   18.496  -9.344  1.00 29.34 ? 21  ARG A NE  1 
ATOM   9    C  CZ  . ARG A 1 21  ? 10.531  18.725  -10.270 1.00 27.98 ? 21  ARG A CZ  1 
ATOM   10   N  NH1 . ARG A 1 21  ? 11.156  17.707  -10.858 1.00 29.60 ? 21  ARG A NH1 1 
ATOM   11   N  NH2 . ARG A 1 21  ? 10.791  19.974  -10.630 1.00 30.38 ? 21  ARG A NH2 1 
ATOM   12   N  N   . ILE A 1 22  ? 11.049  13.564  -5.124  1.00 23.12 ? 22  ILE A N   1 
ATOM   13   C  CA  . ILE A 1 22  ? 10.660  12.644  -4.069  1.00 22.58 ? 22  ILE A CA  1 
ATOM   14   C  C   . ILE A 1 22  ? 9.276   13.062  -3.576  1.00 23.10 ? 22  ILE A C   1 
ATOM   15   O  O   . ILE A 1 22  ? 9.050   14.225  -3.250  1.00 21.22 ? 22  ILE A O   1 
ATOM   16   C  CB  . ILE A 1 22  ? 11.677  12.653  -2.923  1.00 25.59 ? 22  ILE A CB  1 
ATOM   17   C  CG1 . ILE A 1 22  ? 13.061  12.263  -3.458  1.00 24.77 ? 22  ILE A CG1 1 
ATOM   18   C  CG2 . ILE A 1 22  ? 11.213  11.732  -1.787  1.00 27.69 ? 22  ILE A CG2 1 
ATOM   19   C  CD1 . ILE A 1 22  ? 14.138  12.237  -2.406  1.00 27.30 ? 22  ILE A CD1 1 
ATOM   20   N  N   . PRO A 1 23  ? 8.326   12.118  -3.541  1.00 23.22 ? 23  PRO A N   1 
ATOM   21   C  CA  . PRO A 1 23  ? 6.985   12.443  -3.058  1.00 22.38 ? 23  PRO A CA  1 
ATOM   22   C  C   . PRO A 1 23  ? 7.005   12.978  -1.630  1.00 26.84 ? 23  PRO A C   1 
ATOM   23   O  O   . PRO A 1 23  ? 7.879   12.564  -0.844  1.00 26.02 ? 23  PRO A O   1 
ATOM   24   C  CB  . PRO A 1 23  ? 6.260   11.099  -3.126  1.00 21.09 ? 23  PRO A CB  1 
ATOM   25   C  CG  . PRO A 1 23  ? 6.978   10.351  -4.210  1.00 24.38 ? 23  PRO A CG  1 
ATOM   26   C  CD  . PRO A 1 23  ? 8.421   10.731  -4.025  1.00 18.78 ? 23  PRO A CD  1 
ATOM   27   N  N   . HIS A 1 24  ? 6.085   13.891  -1.310  1.00 23.26 ? 24  HIS A N   1 
ATOM   28   C  CA  . HIS A 1 24  ? 5.962   14.411  0.053   1.00 24.75 ? 24  HIS A CA  1 
ATOM   29   C  C   . HIS A 1 24  ? 5.823   13.248  1.033   1.00 25.95 ? 24  HIS A C   1 
ATOM   30   O  O   . HIS A 1 24  ? 5.109   12.281  0.767   1.00 24.55 ? 24  HIS A O   1 
ATOM   31   C  CB  . HIS A 1 24  ? 4.759   15.352  0.189   1.00 30.09 ? 24  HIS A CB  1 
ATOM   32   C  CG  . HIS A 1 24  ? 4.975   16.727  -0.378  1.00 41.00 ? 24  HIS A CG  1 
ATOM   33   N  ND1 . HIS A 1 24  ? 4.551   17.089  -1.639  1.00 45.34 ? 24  HIS A ND1 1 
ATOM   34   C  CD2 . HIS A 1 24  ? 5.521   17.840  0.167   1.00 41.76 ? 24  HIS A CD2 1 
ATOM   35   C  CE1 . HIS A 1 24  ? 4.862   18.358  -1.860  1.00 40.40 ? 24  HIS A CE1 1 
ATOM   36   N  NE2 . HIS A 1 24  ? 5.454   18.835  -0.782  1.00 42.82 ? 24  HIS A NE2 1 
ATOM   37   N  N   . LYS A 1 25  ? 6.511   13.331  2.167   1.00 26.75 ? 25  LYS A N   1 
ATOM   38   C  CA  . LYS A 1 25  ? 6.434   12.271  3.160   1.00 25.19 ? 25  LYS A CA  1 
ATOM   39   C  C   . LYS A 1 25  ? 5.052   12.199  3.798   1.00 22.96 ? 25  LYS A C   1 
ATOM   40   O  O   . LYS A 1 25  ? 4.398   13.215  4.027   1.00 26.33 ? 25  LYS A O   1 
ATOM   41   C  CB  . LYS A 1 25  ? 7.500   12.476  4.240   1.00 30.60 ? 25  LYS A CB  1 
ATOM   42   C  CG  . LYS A 1 25  ? 8.913   12.493  3.698   1.00 36.85 ? 25  LYS A CG  1 
ATOM   43   C  CD  . LYS A 1 25  ? 9.931   12.707  4.808   1.00 46.21 ? 25  LYS A CD  1 
ATOM   44   C  CE  . LYS A 1 25  ? 11.313  12.959  4.240   1.00 42.06 ? 25  LYS A CE  1 
ATOM   45   N  NZ  . LYS A 1 25  ? 12.330  13.031  5.330   1.00 46.94 ? 25  LYS A NZ  1 
ATOM   46   N  N   . ASN A 1 26  ? 4.607   10.977  4.051   1.00 21.78 ? 26  ASN A N   1 
ATOM   47   C  CA  . ASN A 1 26  ? 3.377   10.702  4.780   1.00 21.93 ? 26  ASN A CA  1 
ATOM   48   C  C   . ASN A 1 26  ? 3.718   10.618  6.267   1.00 21.89 ? 26  ASN A C   1 
ATOM   49   O  O   . ASN A 1 26  ? 4.465   9.740   6.671   1.00 21.69 ? 26  ASN A O   1 
ATOM   50   C  CB  . ASN A 1 26  ? 2.763   9.398   4.250   1.00 21.96 ? 26  ASN A CB  1 
ATOM   51   C  CG  . ASN A 1 26  ? 1.475   8.985   4.964   1.00 21.56 ? 26  ASN A CG  1 
ATOM   52   O  OD1 . ASN A 1 26  ? 1.144   9.463   6.051   1.00 22.59 ? 26  ASN A OD1 1 
ATOM   53   N  ND2 . ASN A 1 26  ? 0.753   8.058   4.342   1.00 20.65 ? 26  ASN A ND2 1 
ATOM   54   N  N   . PRO A 1 27  ? 3.187   11.547  7.077   1.00 22.55 ? 27  PRO A N   1 
ATOM   55   C  CA  . PRO A 1 27  ? 3.442   11.628  8.523   1.00 26.13 ? 27  PRO A CA  1 
ATOM   56   C  C   . PRO A 1 27  ? 3.048   10.352  9.273   1.00 26.38 ? 27  PRO A C   1 
ATOM   57   O  O   . PRO A 1 27  ? 3.506   10.101  10.392  1.00 27.47 ? 27  PRO A O   1 
ATOM   58   C  CB  . PRO A 1 27  ? 2.551   12.797  8.974   1.00 28.11 ? 27  PRO A CB  1 
ATOM   59   C  CG  . PRO A 1 27  ? 2.275   13.578  7.739   1.00 36.04 ? 27  PRO A CG  1 
ATOM   60   C  CD  . PRO A 1 27  ? 2.247   12.587  6.622   1.00 26.52 ? 27  PRO A CD  1 
ATOM   61   N  N   . HIS A 1 28  ? 2.201   9.547   8.651   1.00 19.69 ? 28  HIS A N   1 
ATOM   62   C  CA  . HIS A 1 28  ? 1.616   8.390   9.314   1.00 21.17 ? 28  HIS A CA  1 
ATOM   63   C  C   . HIS A 1 28  ? 2.282   7.079   8.951   1.00 20.80 ? 28  HIS A C   1 
ATOM   64   O  O   . HIS A 1 28  ? 1.867   6.028   9.428   1.00 20.38 ? 28  HIS A O   1 
ATOM   65   C  CB  . HIS A 1 28  ? 0.126   8.335   8.992   1.00 20.29 ? 28  HIS A CB  1 
ATOM   66   C  CG  . HIS A 1 28  ? -0.538  9.667   9.117   1.00 26.55 ? 28  HIS A CG  1 
ATOM   67   N  ND1 . HIS A 1 28  ? -0.704  10.299  10.331  1.00 28.91 ? 28  HIS A ND1 1 
ATOM   68   C  CD2 . HIS A 1 28  ? -1.011  10.522  8.177   1.00 26.89 ? 28  HIS A CD2 1 
ATOM   69   C  CE1 . HIS A 1 28  ? -1.285  11.471  10.137  1.00 30.97 ? 28  HIS A CE1 1 
ATOM   70   N  NE2 . HIS A 1 28  ? -1.479  11.632  8.840   1.00 26.79 ? 28  HIS A NE2 1 
ATOM   71   N  N   . ILE A 1 29  ? 3.293   7.146   8.091   1.00 18.52 ? 29  ILE A N   1 
ATOM   72   C  CA  . ILE A 1 29  ? 4.128   5.987   7.795   1.00 19.88 ? 29  ILE A CA  1 
ATOM   73   C  C   . ILE A 1 29  ? 5.570   6.323   8.147   1.00 21.86 ? 29  ILE A C   1 
ATOM   74   O  O   . ILE A 1 29  ? 6.136   7.271   7.615   1.00 20.64 ? 29  ILE A O   1 
ATOM   75   C  CB  . ILE A 1 29  ? 4.045   5.591   6.320   1.00 20.52 ? 29  ILE A CB  1 
ATOM   76   C  CG1 . ILE A 1 29  ? 2.587   5.315   5.940   1.00 18.52 ? 29  ILE A CG1 1 
ATOM   77   C  CG2 . ILE A 1 29  ? 4.971   4.397   6.048   1.00 20.04 ? 29  ILE A CG2 1 
ATOM   78   C  CD1 . ILE A 1 29  ? 2.345   5.062   4.449   1.00 19.86 ? 29  ILE A CD1 1 
ATOM   79   N  N   . GLN A 1 30  ? 6.180   5.562   9.040   1.00 22.42 ? 30  GLN A N   1 
ATOM   80   C  CA  . GLN A 1 30  ? 7.494   5.974   9.526   1.00 22.01 ? 30  GLN A CA  1 
ATOM   81   C  C   . GLN A 1 30  ? 8.622   5.696   8.522   1.00 24.74 ? 30  GLN A C   1 
ATOM   82   O  O   . GLN A 1 30  ? 9.577   6.465   8.421   1.00 24.82 ? 30  GLN A O   1 
ATOM   83   C  CB  . GLN A 1 30  ? 7.795   5.291   10.857  1.00 22.52 ? 30  GLN A CB  1 
ATOM   84   C  CG  . GLN A 1 30  ? 6.901   5.731   11.980  1.00 28.95 ? 30  GLN A CG  1 
ATOM   85   C  CD  . GLN A 1 30  ? 7.215   5.005   13.278  1.00 36.15 ? 30  GLN A CD  1 
ATOM   86   O  OE1 . GLN A 1 30  ? 8.365   4.955   13.710  1.00 35.26 ? 30  GLN A OE1 1 
ATOM   87   N  NE2 . GLN A 1 30  ? 6.192   4.419   13.892  1.00 40.04 ? 30  GLN A NE2 1 
ATOM   88   N  N   . LYS A 1 31  ? 8.522   4.610   7.770   1.00 20.15 ? 31  LYS A N   1 
ATOM   89   C  CA  . LYS A 1 31  ? 9.632   4.199   6.914   1.00 22.77 ? 31  LYS A CA  1 
ATOM   90   C  C   . LYS A 1 31  ? 9.113   3.423   5.723   1.00 20.76 ? 31  LYS A C   1 
ATOM   91   O  O   . LYS A 1 31  ? 8.211   2.601   5.882   1.00 17.93 ? 31  LYS A O   1 
ATOM   92   C  CB  . LYS A 1 31  ? 10.613  3.331   7.712   1.00 23.05 ? 31  LYS A CB  1 
ATOM   93   C  CG  . LYS A 1 31  ? 11.835  2.854   6.950   1.00 29.40 ? 31  LYS A CG  1 
ATOM   94   C  CD  . LYS A 1 31  ? 12.871  3.943   6.843   1.00 32.67 ? 31  LYS A CD  1 
ATOM   95   C  CE  . LYS A 1 31  ? 14.253  3.382   6.526   1.00 34.84 ? 31  LYS A CE  1 
ATOM   96   N  NZ  . LYS A 1 31  ? 14.309  2.693   5.209   1.00 39.07 ? 31  LYS A NZ  1 
ATOM   97   N  N   . VAL A 1 32  ? 9.672   3.678   4.540   1.00 18.56 ? 32  VAL A N   1 
ATOM   98   C  CA  . VAL A 1 32  ? 9.407   2.807   3.397   1.00 18.47 ? 32  VAL A CA  1 
ATOM   99   C  C   . VAL A 1 32  ? 10.710  2.143   2.952   1.00 22.49 ? 32  VAL A C   1 
ATOM   100  O  O   . VAL A 1 32  ? 11.804  2.669   3.171   1.00 28.84 ? 32  VAL A O   1 
ATOM   101  C  CB  . VAL A 1 32  ? 8.768   3.560   2.210   1.00 22.54 ? 32  VAL A CB  1 
ATOM   102  C  CG1 . VAL A 1 32  ? 7.516   4.277   2.667   1.00 22.99 ? 32  VAL A CG1 1 
ATOM   103  C  CG2 . VAL A 1 32  ? 9.741   4.544   1.611   1.00 26.41 ? 32  VAL A CG2 1 
ATOM   104  N  N   . ALA A 1 33  ? 10.600  0.969   2.355   1.00 19.35 ? 33  ALA A N   1 
ATOM   105  C  CA  . ALA A 1 33  ? 11.788  0.308   1.802   1.00 24.13 ? 33  ALA A CA  1 
ATOM   106  C  C   . ALA A 1 33  ? 11.404  -0.497  0.578   1.00 23.67 ? 33  ALA A C   1 
ATOM   107  O  O   . ALA A 1 33  ? 10.256  -0.910  0.447   1.00 21.81 ? 33  ALA A O   1 
ATOM   108  C  CB  . ALA A 1 33  ? 12.435  -0.586  2.847   1.00 27.34 ? 33  ALA A CB  1 
ATOM   109  N  N   . VAL A 1 34  ? 12.354  -0.716  -0.328  1.00 20.61 ? 34  VAL A N   1 
ATOM   110  C  CA  . VAL A 1 34  ? 12.083  -1.595  -1.463  1.00 19.00 ? 34  VAL A CA  1 
ATOM   111  C  C   . VAL A 1 34  ? 13.195  -2.631  -1.589  1.00 22.69 ? 34  VAL A C   1 
ATOM   112  O  O   . VAL A 1 34  ? 14.229  -2.513  -0.936  1.00 25.40 ? 34  VAL A O   1 
ATOM   113  C  CB  . VAL A 1 34  ? 11.934  -0.815  -2.789  1.00 22.93 ? 34  VAL A CB  1 
ATOM   114  C  CG1 . VAL A 1 34  ? 10.762  0.163   -2.698  1.00 23.84 ? 34  VAL A CG1 1 
ATOM   115  C  CG2 . VAL A 1 34  ? 13.217  -0.094  -3.155  1.00 25.33 ? 34  VAL A CG2 1 
ATOM   116  N  N   . LEU A 1 35  ? 12.962  -3.638  -2.422  1.00 22.85 ? 35  LEU A N   1 
ATOM   117  C  CA  . LEU A 1 35  ? 13.929  -4.711  -2.638  1.00 23.02 ? 35  LEU A CA  1 
ATOM   118  C  C   . LEU A 1 35  ? 15.120  -4.197  -3.430  1.00 25.30 ? 35  LEU A C   1 
ATOM   119  O  O   . LEU A 1 35  ? 14.991  -3.833  -4.592  1.00 25.15 ? 35  LEU A O   1 
ATOM   120  C  CB  . LEU A 1 35  ? 13.269  -5.886  -3.359  1.00 24.68 ? 35  LEU A CB  1 
ATOM   121  C  CG  . LEU A 1 35  ? 12.198  -6.609  -2.535  1.00 21.64 ? 35  LEU A CG  1 
ATOM   122  C  CD1 . LEU A 1 35  ? 11.402  -7.555  -3.420  1.00 25.99 ? 35  LEU A CD1 1 
ATOM   123  C  CD2 . LEU A 1 35  ? 12.826  -7.369  -1.380  1.00 25.87 ? 35  LEU A CD2 1 
ATOM   124  N  N   . GLN A 1 36  ? 16.276  -4.170  -2.780  1.00 24.48 ? 36  GLN A N   1 
ATOM   125  C  CA  . GLN A 1 36  ? 17.456  -3.507  -3.324  1.00 27.10 ? 36  GLN A CA  1 
ATOM   126  C  C   . GLN A 1 36  ? 18.126  -4.265  -4.468  1.00 30.91 ? 36  GLN A C   1 
ATOM   127  O  O   . GLN A 1 36  ? 18.903  -3.689  -5.233  1.00 31.56 ? 36  GLN A O   1 
ATOM   128  C  CB  . GLN A 1 36  ? 18.464  -3.279  -2.204  1.00 27.16 ? 36  GLN A CB  1 
ATOM   129  C  CG  . GLN A 1 36  ? 18.045  -2.245  -1.199  1.00 26.92 ? 36  GLN A CG  1 
ATOM   130  C  CD  . GLN A 1 36  ? 17.766  -0.931  -1.855  1.00 32.21 ? 36  GLN A CD  1 
ATOM   131  O  OE1 . GLN A 1 36  ? 18.652  -0.339  -2.475  1.00 29.61 ? 36  GLN A OE1 1 
ATOM   132  N  NE2 . GLN A 1 36  ? 16.532  -0.462  -1.744  1.00 31.10 ? 36  GLN A NE2 1 
ATOM   133  N  N   . SER A 1 37  ? 17.835  -5.552  -4.597  1.00 30.56 ? 37  SER A N   1 
ATOM   134  C  CA  . SER A 1 37  ? 18.524  -6.354  -5.603  1.00 37.47 ? 37  SER A CA  1 
ATOM   135  C  C   . SER A 1 37  ? 17.704  -6.501  -6.888  1.00 40.01 ? 37  SER A C   1 
ATOM   136  O  O   . SER A 1 37  ? 18.156  -7.116  -7.850  1.00 39.20 ? 37  SER A O   1 
ATOM   137  C  CB  . SER A 1 37  ? 18.874  -7.728  -5.027  1.00 37.56 ? 37  SER A CB  1 
ATOM   138  O  OG  . SER A 1 37  ? 17.724  -8.367  -4.500  1.00 42.42 ? 37  SER A OG  1 
ATOM   139  N  N   . LYS A 1 38  ? 16.506  -5.924  -6.903  1.00 33.96 ? 38  LYS A N   1 
ATOM   140  C  CA  . LYS A 1 38  ? 15.629  -5.998  -8.067  1.00 35.12 ? 38  LYS A CA  1 
ATOM   141  C  C   . LYS A 1 38  ? 15.947  -4.900  -9.080  1.00 31.27 ? 38  LYS A C   1 
ATOM   142  O  O   . LYS A 1 38  ? 16.425  -3.827  -8.710  1.00 30.48 ? 38  LYS A O   1 
ATOM   143  C  CB  . LYS A 1 38  ? 14.156  -5.901  -7.638  1.00 31.32 ? 38  LYS A CB  1 
ATOM   144  C  CG  . LYS A 1 38  ? 13.671  -7.040  -6.768  1.00 33.13 ? 38  LYS A CG  1 
ATOM   145  C  CD  . LYS A 1 38  ? 13.721  -8.369  -7.491  1.00 38.99 ? 38  LYS A CD  1 
ATOM   146  C  CE  . LYS A 1 38  ? 13.397  -9.512  -6.541  1.00 40.93 ? 38  LYS A CE  1 
ATOM   147  N  NZ  . LYS A 1 38  ? 13.516  -10.827 -7.215  1.00 46.42 ? 38  LYS A NZ  1 
ATOM   148  N  N   . PRO A 1 39  ? 15.659  -5.160  -10.366 1.00 36.37 ? 39  PRO A N   1 
ATOM   149  C  CA  . PRO A 1 39  ? 15.910  -4.165  -11.413 1.00 37.54 ? 39  PRO A CA  1 
ATOM   150  C  C   . PRO A 1 39  ? 15.055  -2.925  -11.238 1.00 36.41 ? 39  PRO A C   1 
ATOM   151  O  O   . PRO A 1 39  ? 13.893  -3.043  -10.835 1.00 33.48 ? 39  PRO A O   1 
ATOM   152  C  CB  . PRO A 1 39  ? 15.535  -4.903  -12.698 1.00 41.42 ? 39  PRO A CB  1 
ATOM   153  C  CG  . PRO A 1 39  ? 14.614  -5.986  -12.264 1.00 40.27 ? 39  PRO A CG  1 
ATOM   154  C  CD  . PRO A 1 39  ? 15.094  -6.404  -10.916 1.00 35.75 ? 39  PRO A CD  1 
ATOM   155  N  N   . ASN A 1 40  ? 15.631  -1.764  -11.539 1.00 32.75 ? 40  ASN A N   1 
ATOM   156  C  CA  . ASN A 1 40  ? 14.924  -0.487  -11.469 1.00 32.41 ? 40  ASN A CA  1 
ATOM   157  C  C   . ASN A 1 40  ? 14.388  -0.198  -10.074 1.00 32.55 ? 40  ASN A C   1 
ATOM   158  O  O   . ASN A 1 40  ? 13.250  0.243   -9.931  1.00 28.97 ? 40  ASN A O   1 
ATOM   159  C  CB  . ASN A 1 40  ? 13.772  -0.446  -12.480 1.00 30.24 ? 40  ASN A CB  1 
ATOM   160  C  CG  . ASN A 1 40  ? 14.237  -0.669  -13.907 1.00 39.84 ? 40  ASN A CG  1 
ATOM   161  O  OD1 . ASN A 1 40  ? 13.900  -1.672  -14.532 1.00 44.37 ? 40  ASN A OD1 1 
ATOM   162  N  ND2 . ASN A 1 40  ? 15.014  0.270   -14.427 1.00 40.14 ? 40  ASN A ND2 1 
ATOM   163  N  N   . LYS A 1 41  ? 15.212  -0.441  -9.058  1.00 30.45 ? 41  LYS A N   1 
ATOM   164  C  CA  . LYS A 1 41  ? 14.802  -0.231  -7.668  1.00 31.70 ? 41  LYS A CA  1 
ATOM   165  C  C   . LYS A 1 41  ? 14.566  1.241   -7.363  1.00 31.79 ? 41  LYS A C   1 
ATOM   166  O  O   . LYS A 1 41  ? 13.838  1.583   -6.426  1.00 28.47 ? 41  LYS A O   1 
ATOM   167  C  CB  . LYS A 1 41  ? 15.844  -0.795  -6.703  1.00 29.36 ? 41  LYS A CB  1 
ATOM   168  C  CG  . LYS A 1 41  ? 17.119  0.015   -6.611  1.00 33.83 ? 41  LYS A CG  1 
ATOM   169  C  CD  . LYS A 1 41  ? 18.130  -0.673  -5.711  1.00 35.37 ? 41  LYS A CD  1 
ATOM   170  C  CE  . LYS A 1 41  ? 19.357  0.187   -5.478  1.00 37.88 ? 41  LYS A CE  1 
ATOM   171  N  NZ  . LYS A 1 41  ? 20.320  -0.506  -4.570  1.00 36.87 ? 41  LYS A NZ  1 
ATOM   172  N  N   . GLU A 1 42  ? 15.189  2.117   -8.144  1.00 31.69 ? 42  GLU A N   1 
ATOM   173  C  CA  . GLU A 1 42  ? 14.951  3.546   -8.002  1.00 35.07 ? 42  GLU A CA  1 
ATOM   174  C  C   . GLU A 1 42  ? 13.503  3.850   -8.363  1.00 26.68 ? 42  GLU A C   1 
ATOM   175  O  O   . GLU A 1 42  ? 12.830  4.601   -7.662  1.00 31.94 ? 42  GLU A O   1 
ATOM   176  C  CB  . GLU A 1 42  ? 15.905  4.357   -8.889  1.00 32.59 ? 42  GLU A CB  1 
ATOM   177  C  CG  . GLU A 1 42  ? 17.389  4.159   -8.582  1.00 41.16 ? 42  GLU A CG  1 
ATOM   178  C  CD  . GLU A 1 42  ? 17.987  2.894   -9.198  1.00 39.86 ? 42  GLU A CD  1 
ATOM   179  O  OE1 . GLU A 1 42  ? 17.328  2.249   -10.047 1.00 38.68 ? 42  GLU A OE1 1 
ATOM   180  O  OE2 . GLU A 1 42  ? 19.130  2.542   -8.831  1.00 47.34 ? 42  GLU A OE2 1 
ATOM   181  N  N   . ASP A 1 43  ? 13.037  3.260   -9.463  1.00 26.24 ? 43  ASP A N   1 
ATOM   182  C  CA  . ASP A 1 43  ? 11.640  3.366   -9.876  1.00 27.73 ? 43  ASP A CA  1 
ATOM   183  C  C   . ASP A 1 43  ? 10.725  2.812   -8.804  1.00 28.13 ? 43  ASP A C   1 
ATOM   184  O  O   . ASP A 1 43  ? 9.687   3.405   -8.503  1.00 26.75 ? 43  ASP A O   1 
ATOM   185  C  CB  . ASP A 1 43  ? 11.385  2.616   -11.184 1.00 30.59 ? 43  ASP A CB  1 
ATOM   186  C  CG  . ASP A 1 43  ? 11.888  3.369   -12.396 1.00 39.13 ? 43  ASP A CG  1 
ATOM   187  O  OD1 . ASP A 1 43  ? 12.281  4.537   -12.233 1.00 37.75 ? 43  ASP A OD1 1 
ATOM   188  O  OD2 . ASP A 1 43  ? 11.871  2.792   -13.508 1.00 45.67 ? 43  ASP A OD2 1 
ATOM   189  N  N   . ALA A 1 44  ? 11.122  1.678   -8.233  1.00 26.20 ? 44  ALA A N   1 
ATOM   190  C  CA  . ALA A 1 44  ? 10.302  0.995   -7.237  1.00 21.98 ? 44  ALA A CA  1 
ATOM   191  C  C   . ALA A 1 44  ? 10.153  1.865   -5.999  1.00 22.99 ? 44  ALA A C   1 
ATOM   192  O  O   . ALA A 1 44  ? 9.068   1.936   -5.405  1.00 24.78 ? 44  ALA A O   1 
ATOM   193  C  CB  . ALA A 1 44  ? 10.905  -0.369  -6.871  1.00 23.67 ? 44  ALA A CB  1 
ATOM   194  N  N   . LEU A 1 45  ? 11.241  2.515   -5.596  1.00 24.11 ? 45  LEU A N   1 
ATOM   195  C  CA  . LEU A 1 45  ? 11.199  3.379   -4.422  1.00 23.88 ? 45  LEU A CA  1 
ATOM   196  C  C   . LEU A 1 45  ? 10.299  4.598   -4.645  1.00 25.03 ? 45  LEU A C   1 
ATOM   197  O  O   . LEU A 1 45  ? 9.533   4.992   -3.753  1.00 23.28 ? 45  LEU A O   1 
ATOM   198  C  CB  . LEU A 1 45  ? 12.615  3.825   -4.035  1.00 25.83 ? 45  LEU A CB  1 
ATOM   199  C  CG  . LEU A 1 45  ? 12.722  4.616   -2.734  1.00 24.97 ? 45  LEU A CG  1 
ATOM   200  C  CD1 . LEU A 1 45  ? 12.199  3.789   -1.558  1.00 24.89 ? 45  LEU A CD1 1 
ATOM   201  C  CD2 . LEU A 1 45  ? 14.154  5.090   -2.480  1.00 31.29 ? 45  LEU A CD2 1 
ATOM   202  N  N   . ASN A 1 46  ? 10.380  5.193   -5.832  1.00 24.81 ? 46  ASN A N   1 
ATOM   203  C  CA  . ASN A 1 46  ? 9.503   6.316   -6.143  1.00 23.53 ? 46  ASN A CA  1 
ATOM   204  C  C   . ASN A 1 46  ? 8.047   5.873   -6.089  1.00 24.16 ? 46  ASN A C   1 
ATOM   205  O  O   . ASN A 1 46  ? 7.186   6.600   -5.593  1.00 25.11 ? 46  ASN A O   1 
ATOM   206  C  CB  . ASN A 1 46  ? 9.825   6.911   -7.524  1.00 27.82 ? 46  ASN A CB  1 
ATOM   207  C  CG  . ASN A 1 46  ? 8.826   7.980   -7.950  1.00 31.64 ? 46  ASN A CG  1 
ATOM   208  O  OD1 . ASN A 1 46  ? 7.894   7.708   -8.716  1.00 39.09 ? 46  ASN A OD1 1 
ATOM   209  N  ND2 . ASN A 1 46  ? 9.012   9.202   -7.452  1.00 32.81 ? 46  ASN A ND2 1 
ATOM   210  N  N   . LEU A 1 47  ? 7.792   4.662   -6.573  1.00 23.39 ? 47  LEU A N   1 
ATOM   211  C  CA  . LEU A 1 47  ? 6.445   4.115   -6.641  1.00 23.06 ? 47  LEU A CA  1 
ATOM   212  C  C   . LEU A 1 47  ? 5.851   3.912   -5.247  1.00 22.22 ? 47  LEU A C   1 
ATOM   213  O  O   . LEU A 1 47  ? 4.735   4.348   -4.982  1.00 21.11 ? 47  LEU A O   1 
ATOM   214  C  CB  . LEU A 1 47  ? 6.455   2.803   -7.419  1.00 26.08 ? 47  LEU A CB  1 
ATOM   215  C  CG  . LEU A 1 47  ? 5.144   2.049   -7.627  1.00 28.19 ? 47  LEU A CG  1 
ATOM   216  C  CD1 . LEU A 1 47  ? 4.078   2.958   -8.223  1.00 32.15 ? 47  LEU A CD1 1 
ATOM   217  C  CD2 . LEU A 1 47  ? 5.400   0.858   -8.531  1.00 29.03 ? 47  LEU A CD2 1 
ATOM   218  N  N   . ILE A 1 48  ? 6.595   3.279   -4.343  1.00 20.86 ? 48  ILE A N   1 
ATOM   219  C  CA  . ILE A 1 48  ? 6.032   3.017   -3.016  1.00 20.71 ? 48  ILE A CA  1 
ATOM   220  C  C   . ILE A 1 48  ? 5.909   4.327   -2.224  1.00 22.70 ? 48  ILE A C   1 
ATOM   221  O  O   . ILE A 1 48  ? 5.002   4.485   -1.407  1.00 19.59 ? 48  ILE A O   1 
ATOM   222  C  CB  . ILE A 1 48  ? 6.870   1.960   -2.231  1.00 21.01 ? 48  ILE A CB  1 
ATOM   223  C  CG1 . ILE A 1 48  ? 6.003   1.291   -1.144  1.00 24.61 ? 48  ILE A CG1 1 
ATOM   224  C  CG2 . ILE A 1 48  ? 8.118   2.573   -1.635  1.00 24.34 ? 48  ILE A CG2 1 
ATOM   225  C  CD1 . ILE A 1 48  ? 6.629   0.026   -0.550  1.00 20.01 ? 48  ILE A CD1 1 
ATOM   226  N  N   . LYS A 1 49  ? 6.779   5.295   -2.503  1.00 19.22 ? 49  LYS A N   1 
ATOM   227  C  CA  . LYS A 1 49  ? 6.644   6.596   -1.853  1.00 19.23 ? 49  LYS A CA  1 
ATOM   228  C  C   . LYS A 1 49  ? 5.455   7.356   -2.393  1.00 18.50 ? 49  LYS A C   1 
ATOM   229  O  O   . LYS A 1 49  ? 4.845   8.135   -1.671  1.00 19.13 ? 49  LYS A O   1 
ATOM   230  C  CB  . LYS A 1 49  ? 7.913   7.432   -2.029  1.00 21.87 ? 49  LYS A CB  1 
ATOM   231  C  CG  . LYS A 1 49  ? 9.051   6.919   -1.163  1.00 21.30 ? 49  LYS A CG  1 
ATOM   232  C  CD  . LYS A 1 49  ? 10.256  7.853   -1.204  1.00 24.30 ? 49  LYS A CD  1 
ATOM   233  C  CE  . LYS A 1 49  ? 11.352  7.314   -0.287  1.00 27.63 ? 49  LYS A CE  1 
ATOM   234  N  NZ  . LYS A 1 49  ? 12.488  8.273   -0.092  1.00 29.40 ? 49  LYS A NZ  1 
ATOM   235  N  N   . GLU A 1 50  ? 5.132   7.141   -3.668  1.00 17.62 ? 50  GLU A N   1 
ATOM   236  C  CA  . GLU A 1 50  ? 3.960   7.800   -4.240  1.00 22.85 ? 50  GLU A CA  1 
ATOM   237  C  C   . GLU A 1 50  ? 2.693   7.177   -3.659  1.00 21.72 ? 50  GLU A C   1 
ATOM   238  O  O   . GLU A 1 50  ? 1.731   7.879   -3.385  1.00 19.66 ? 50  GLU A O   1 
ATOM   239  C  CB  . GLU A 1 50  ? 3.963   7.718   -5.768  1.00 25.98 ? 50  GLU A CB  1 
ATOM   240  C  CG  . GLU A 1 50  ? 2.812   8.470   -6.453  1.00 31.18 ? 50  GLU A CG  1 
ATOM   241  C  CD  . GLU A 1 50  ? 2.833   9.984   -6.227  1.00 38.34 ? 50  GLU A CD  1 
ATOM   242  O  OE1 . GLU A 1 50  ? 3.891   10.536  -5.866  1.00 34.86 ? 50  GLU A OE1 1 
ATOM   243  O  OE2 . GLU A 1 50  ? 1.781   10.632  -6.426  1.00 41.87 ? 50  GLU A OE2 1 
ATOM   244  N  N   . ILE A 1 51  ? 2.702   5.859   -3.469  1.00 16.66 ? 51  ILE A N   1 
ATOM   245  C  CA  . ILE A 1 51  ? 1.582   5.196   -2.790  1.00 18.79 ? 51  ILE A CA  1 
ATOM   246  C  C   . ILE A 1 51  ? 1.402   5.787   -1.393  1.00 17.16 ? 51  ILE A C   1 
ATOM   247  O  O   . ILE A 1 51  ? 0.297   6.172   -0.998  1.00 18.34 ? 51  ILE A O   1 
ATOM   248  C  CB  . ILE A 1 51  ? 1.811   3.669   -2.671  1.00 18.19 ? 51  ILE A CB  1 
ATOM   249  C  CG1 . ILE A 1 51  ? 1.805   2.998   -4.043  1.00 24.70 ? 51  ILE A CG1 1 
ATOM   250  C  CG2 . ILE A 1 51  ? 0.753   3.024   -1.743  1.00 22.75 ? 51  ILE A CG2 1 
ATOM   251  C  CD1 . ILE A 1 51  ? 0.432   2.841   -4.641  1.00 29.92 ? 51  ILE A CD1 1 
ATOM   252  N  N   . ALA A 1 52  ? 2.510   5.884   -0.660  1.00 20.38 ? 52  ALA A N   1 
ATOM   253  C  CA  . ALA A 1 52  ? 2.507   6.441   0.697   1.00 20.59 ? 52  ALA A CA  1 
ATOM   254  C  C   . ALA A 1 52  ? 1.950   7.854   0.721   1.00 18.96 ? 52  ALA A C   1 
ATOM   255  O  O   . ALA A 1 52  ? 1.139   8.196   1.562   1.00 16.83 ? 52  ALA A O   1 
ATOM   256  C  CB  . ALA A 1 52  ? 3.911   6.429   1.279   1.00 19.67 ? 52  ALA A CB  1 
ATOM   257  N  N   . HIS A 1 53  ? 2.401   8.680   -0.211  1.00 17.09 ? 53  HIS A N   1 
ATOM   258  C  CA  . HIS A 1 53  ? 1.920   10.048  -0.305  1.00 19.01 ? 53  HIS A CA  1 
ATOM   259  C  C   . HIS A 1 53  ? 0.433   10.082  -0.608  1.00 19.66 ? 53  HIS A C   1 
ATOM   260  O  O   . HIS A 1 53  ? -0.333  10.807  0.033   1.00 19.35 ? 53  HIS A O   1 
ATOM   261  C  CB  . HIS A 1 53  ? 2.697   10.806  -1.388  1.00 22.55 ? 53  HIS A CB  1 
ATOM   262  C  CG  . HIS A 1 53  ? 2.158   12.168  -1.678  1.00 23.32 ? 53  HIS A CG  1 
ATOM   263  N  ND1 . HIS A 1 53  ? 2.003   13.127  -0.703  1.00 23.94 ? 53  HIS A ND1 1 
ATOM   264  C  CD2 . HIS A 1 53  ? 1.734   12.733  -2.833  1.00 27.49 ? 53  HIS A CD2 1 
ATOM   265  C  CE1 . HIS A 1 53  ? 1.514   14.228  -1.243  1.00 25.43 ? 53  HIS A CE1 1 
ATOM   266  N  NE2 . HIS A 1 53  ? 1.338   14.013  -2.533  1.00 27.78 ? 53  HIS A NE2 1 
ATOM   267  N  N   . LYS A 1 54  ? 0.019   9.281   -1.580  1.00 18.49 ? 54  LYS A N   1 
ATOM   268  C  CA  . LYS A 1 54  ? -1.354  9.370   -2.054  1.00 18.32 ? 54  LYS A CA  1 
ATOM   269  C  C   . LYS A 1 54  ? -2.357  8.943   -0.978  1.00 19.43 ? 54  LYS A C   1 
ATOM   270  O  O   . LYS A 1 54  ? -3.469  9.466   -0.959  1.00 19.57 ? 54  LYS A O   1 
ATOM   271  C  CB  . LYS A 1 54  ? -1.548  8.536   -3.309  1.00 23.05 ? 54  LYS A CB  1 
ATOM   272  C  CG  . LYS A 1 54  ? -0.998  9.223   -4.564  1.00 25.32 ? 54  LYS A CG  1 
ATOM   273  C  CD  . LYS A 1 54  ? -1.216  8.369   -5.797  1.00 30.33 ? 54  LYS A CD  1 
ATOM   274  C  CE  . LYS A 1 54  ? -2.325  8.952   -6.669  1.00 42.28 ? 54  LYS A CE  1 
ATOM   275  N  NZ  . LYS A 1 54  ? -2.684  8.034   -7.780  1.00 43.16 ? 54  LYS A NZ  1 
ATOM   276  N  N   . VAL A 1 55  ? -1.976  8.017   -0.094  1.00 18.98 ? 55  VAL A N   1 
ATOM   277  C  CA  . VAL A 1 55  ? -2.909  7.596   0.975   1.00 18.75 ? 55  VAL A CA  1 
ATOM   278  C  C   . VAL A 1 55  ? -2.804  8.386   2.267   1.00 17.26 ? 55  VAL A C   1 
ATOM   279  O  O   . VAL A 1 55  ? -3.428  8.029   3.262   1.00 17.73 ? 55  VAL A O   1 
ATOM   280  C  CB  . VAL A 1 55  ? -2.741  6.110   1.383   1.00 21.71 ? 55  VAL A CB  1 
ATOM   281  C  CG1 . VAL A 1 55  ? -3.133  5.236   0.271   1.00 26.45 ? 55  VAL A CG1 1 
ATOM   282  C  CG2 . VAL A 1 55  ? -1.328  5.798   1.889   1.00 16.55 ? 55  VAL A CG2 1 
ATOM   283  N  N   . SER A 1 56  ? -2.034  9.464   2.259   1.00 17.81 ? 56  SER A N   1 
ATOM   284  C  CA  . SER A 1 56  ? -1.762  10.181  3.504   1.00 20.64 ? 56  SER A CA  1 
ATOM   285  C  C   . SER A 1 56  ? -3.026  10.785  4.120   1.00 20.43 ? 56  SER A C   1 
ATOM   286  O  O   . SER A 1 56  ? -3.266  10.711  5.342   1.00 21.38 ? 56  SER A O   1 
ATOM   287  C  CB  . SER A 1 56  ? -0.711  11.273  3.255   1.00 20.95 ? 56  SER A CB  1 
ATOM   288  O  OG  . SER A 1 56  ? -1.167  12.221  2.304   1.00 24.72 ? 56  SER A OG  1 
ATOM   289  N  N   . TYR A 1 57  ? -3.858  11.367  3.273   1.00 17.66 ? 57  TYR A N   1 
ATOM   290  C  CA  . TYR A 1 57  ? -5.049  12.049  3.763   1.00 19.52 ? 57  TYR A CA  1 
ATOM   291  C  C   . TYR A 1 57  ? -6.040  11.049  4.357   1.00 22.33 ? 57  TYR A C   1 
ATOM   292  O  O   . TYR A 1 57  ? -6.638  11.298  5.410   1.00 21.58 ? 57  TYR A O   1 
ATOM   293  C  CB  . TYR A 1 57  ? -5.697  12.834  2.616   1.00 21.19 ? 57  TYR A CB  1 
ATOM   294  C  CG  . TYR A 1 57  ? -6.702  13.878  3.058   1.00 22.57 ? 57  TYR A CG  1 
ATOM   295  C  CD1 . TYR A 1 57  ? -8.039  13.548  3.238   1.00 26.68 ? 57  TYR A CD1 1 
ATOM   296  C  CD2 . TYR A 1 57  ? -6.315  15.197  3.275   1.00 30.78 ? 57  TYR A CD2 1 
ATOM   297  C  CE1 . TYR A 1 57  ? -8.971  14.502  3.625   1.00 27.69 ? 57  TYR A CE1 1 
ATOM   298  C  CE2 . TYR A 1 57  ? -7.246  16.164  3.661   1.00 35.16 ? 57  TYR A CE2 1 
ATOM   299  C  CZ  . TYR A 1 57  ? -8.569  15.804  3.835   1.00 34.41 ? 57  TYR A CZ  1 
ATOM   300  O  OH  . TYR A 1 57  ? -9.509  16.742  4.215   1.00 36.44 ? 57  TYR A OH  1 
ATOM   301  N  N   . LEU A 1 58  ? -6.206  9.923   3.667   1.00 16.04 ? 58  LEU A N   1 
ATOM   302  C  CA  . LEU A 1 58  ? -7.120  8.863   4.099   1.00 19.05 ? 58  LEU A CA  1 
ATOM   303  C  C   . LEU A 1 58  ? -6.657  8.297   5.439   1.00 20.66 ? 58  LEU A C   1 
ATOM   304  O  O   . LEU A 1 58  ? -7.455  8.071   6.346   1.00 22.50 ? 58  LEU A O   1 
ATOM   305  C  CB  . LEU A 1 58  ? -7.195  7.755   3.037   1.00 16.28 ? 58  LEU A CB  1 
ATOM   306  C  CG  . LEU A 1 58  ? -8.169  6.590   3.279   1.00 18.32 ? 58  LEU A CG  1 
ATOM   307  C  CD1 . LEU A 1 58  ? -9.603  7.054   3.165   1.00 22.31 ? 58  LEU A CD1 1 
ATOM   308  C  CD2 . LEU A 1 58  ? -7.903  5.459   2.313   1.00 22.15 ? 58  LEU A CD2 1 
HETATM 309  N  N   . MSE A 1 59  ? -5.353  8.080   5.570   1.00 19.10 ? 59  MSE A N   1 
HETATM 310  C  CA  . MSE A 1 59  ? -4.834  7.587   6.833   1.00 19.45 ? 59  MSE A CA  1 
HETATM 311  C  C   . MSE A 1 59  ? -5.070  8.604   7.950   1.00 20.88 ? 59  MSE A C   1 
HETATM 312  O  O   . MSE A 1 59  ? -5.402  8.215   9.067   1.00 21.40 ? 59  MSE A O   1 
HETATM 313  C  CB  . MSE A 1 59  ? -3.350  7.240   6.711   1.00 16.23 ? 59  MSE A CB  1 
HETATM 314  C  CG  . MSE A 1 59  ? -3.131  6.001   5.847   1.00 18.12 ? 59  MSE A CG  1 
HETATM 315  SE SE  . MSE A 1 59  ? -1.258  5.460   5.731   0.73 19.94 ? 59  MSE A SE  1 
HETATM 316  C  CE  . MSE A 1 59  ? -0.969  4.896   7.586   1.00 18.73 ? 59  MSE A CE  1 
ATOM   317  N  N   . LYS A 1 60  ? -4.920  9.895   7.663   1.00 20.69 ? 60  LYS A N   1 
ATOM   318  C  CA  . LYS A 1 60  ? -5.195  10.898  8.696   1.00 21.96 ? 60  LYS A CA  1 
ATOM   319  C  C   . LYS A 1 60  ? -6.663  10.840  9.130   1.00 27.69 ? 60  LYS A C   1 
ATOM   320  O  O   . LYS A 1 60  ? -6.967  10.859  10.340  1.00 24.66 ? 60  LYS A O   1 
ATOM   321  C  CB  . LYS A 1 60  ? -4.839  12.305  8.221   1.00 25.12 ? 60  LYS A CB  1 
ATOM   322  C  CG  . LYS A 1 60  ? -5.167  13.372  9.264   1.00 28.12 ? 60  LYS A CG  1 
ATOM   323  C  CD  . LYS A 1 60  ? -4.638  14.735  8.877   1.00 35.69 ? 60  LYS A CD  1 
ATOM   324  C  CE  . LYS A 1 60  ? -4.266  15.540  10.117  1.00 44.14 ? 60  LYS A CE  1 
ATOM   325  N  NZ  . LYS A 1 60  ? -3.210  14.856  10.922  1.00 48.70 ? 60  LYS A NZ  1 
ATOM   326  N  N   . GLU A 1 61  ? -7.558  10.732  8.150   1.00 21.17 ? 61  GLU A N   1 
ATOM   327  C  CA  . GLU A 1 61  ? -9.005  10.681  8.408   1.00 22.98 ? 61  GLU A CA  1 
ATOM   328  C  C   . GLU A 1 61  ? -9.404  9.481   9.255   1.00 24.85 ? 61  GLU A C   1 
ATOM   329  O  O   . GLU A 1 61  ? -10.345 9.555   10.060  1.00 25.57 ? 61  GLU A O   1 
ATOM   330  C  CB  . GLU A 1 61  ? -9.793  10.629  7.093   1.00 26.05 ? 61  GLU A CB  1 
ATOM   331  C  CG  . GLU A 1 61  ? -9.945  11.942  6.377   1.00 29.94 ? 61  GLU A CG  1 
ATOM   332  C  CD  . GLU A 1 61  ? -10.952 11.862  5.237   1.00 31.62 ? 61  GLU A CD  1 
ATOM   333  O  OE1 . GLU A 1 61  ? -11.309 10.737  4.810   1.00 31.19 ? 61  GLU A OE1 1 
ATOM   334  O  OE2 . GLU A 1 61  ? -11.396 12.928  4.777   1.00 37.22 ? 61  GLU A OE2 1 
ATOM   335  N  N   . ASN A 1 62  ? -8.709  8.362   9.056   1.00 21.45 ? 62  ASN A N   1 
ATOM   336  C  CA  . ASN A 1 62  ? -9.060  7.130   9.742   1.00 19.27 ? 62  ASN A CA  1 
ATOM   337  C  C   . ASN A 1 62  ? -8.172  6.809   10.946  1.00 21.90 ? 62  ASN A C   1 
ATOM   338  O  O   . ASN A 1 62  ? -8.312  5.749   11.558  1.00 24.87 ? 62  ASN A O   1 
ATOM   339  C  CB  . ASN A 1 62  ? -9.039  5.967   8.749   1.00 20.67 ? 62  ASN A CB  1 
ATOM   340  C  CG  . ASN A 1 62  ? -10.185 6.035   7.771   1.00 26.42 ? 62  ASN A CG  1 
ATOM   341  O  OD1 . ASN A 1 62  ? -11.284 5.583   8.079   1.00 26.29 ? 62  ASN A OD1 1 
ATOM   342  N  ND2 . ASN A 1 62  ? -9.953  6.627   6.593   1.00 21.89 ? 62  ASN A ND2 1 
ATOM   343  N  N   . HIS A 1 63  ? -7.274  7.729   11.276  1.00 21.25 ? 63  HIS A N   1 
ATOM   344  C  CA  . HIS A 1 63  ? -6.330  7.546   12.382  1.00 23.46 ? 63  HIS A CA  1 
ATOM   345  C  C   . HIS A 1 63  ? -5.470  6.300   12.208  1.00 23.64 ? 63  HIS A C   1 
ATOM   346  O  O   . HIS A 1 63  ? -5.108  5.651   13.188  1.00 25.95 ? 63  HIS A O   1 
ATOM   347  C  CB  . HIS A 1 63  ? -7.080  7.487   13.721  1.00 22.30 ? 63  HIS A CB  1 
ATOM   348  C  CG  . HIS A 1 63  ? -8.158  8.518   13.841  1.00 24.33 ? 63  HIS A CG  1 
ATOM   349  N  ND1 . HIS A 1 63  ? -7.910  9.869   13.720  1.00 27.79 ? 63  HIS A ND1 1 
ATOM   350  C  CD2 . HIS A 1 63  ? -9.489  8.398   14.059  1.00 31.04 ? 63  HIS A CD2 1 
ATOM   351  C  CE1 . HIS A 1 63  ? -9.041  10.537  13.858  1.00 28.95 ? 63  HIS A CE1 1 
ATOM   352  N  NE2 . HIS A 1 63  ? -10.015 9.669   14.069  1.00 24.34 ? 63  HIS A NE2 1 
ATOM   353  N  N   . PHE A 1 64  ? -5.125  5.982   10.959  1.00 20.42 ? 64  PHE A N   1 
ATOM   354  C  CA  . PHE A 1 64  ? -4.263  4.852   10.655  1.00 22.64 ? 64  PHE A CA  1 
ATOM   355  C  C   . PHE A 1 64  ? -2.805  5.238   10.816  1.00 21.95 ? 64  PHE A C   1 
ATOM   356  O  O   . PHE A 1 64  ? -2.393  6.326   10.390  1.00 21.47 ? 64  PHE A O   1 
ATOM   357  C  CB  . PHE A 1 64  ? -4.461  4.360   9.217   1.00 20.26 ? 64  PHE A CB  1 
ATOM   358  C  CG  . PHE A 1 64  ? -5.778  3.674   8.955   1.00 20.78 ? 64  PHE A CG  1 
ATOM   359  C  CD1 . PHE A 1 64  ? -6.487  3.037   9.968   1.00 26.02 ? 64  PHE A CD1 1 
ATOM   360  C  CD2 . PHE A 1 64  ? -6.295  3.649   7.662   1.00 20.56 ? 64  PHE A CD2 1 
ATOM   361  C  CE1 . PHE A 1 64  ? -7.693  2.401   9.686   1.00 21.94 ? 64  PHE A CE1 1 
ATOM   362  C  CE2 . PHE A 1 64  ? -7.486  3.015   7.380   1.00 23.29 ? 64  PHE A CE2 1 
ATOM   363  C  CZ  . PHE A 1 64  ? -8.186  2.390   8.387   1.00 21.64 ? 64  PHE A CZ  1 
ATOM   364  N  N   . LYS A 1 65  ? -2.029  4.327   11.400  1.00 20.30 ? 65  LYS A N   1 
ATOM   365  C  CA  . LYS A 1 65  ? -0.565  4.457   11.485  1.00 19.84 ? 65  LYS A CA  1 
ATOM   366  C  C   . LYS A 1 65  ? 0.093   3.191   10.959  1.00 19.58 ? 65  LYS A C   1 
ATOM   367  O  O   . LYS A 1 65  ? -0.403  2.097   11.209  1.00 21.36 ? 65  LYS A O   1 
ATOM   368  C  CB  . LYS A 1 65  ? -0.117  4.701   12.928  1.00 23.13 ? 65  LYS A CB  1 
ATOM   369  C  CG  . LYS A 1 65  ? -0.589  6.026   13.521  1.00 26.13 ? 65  LYS A CG  1 
ATOM   370  C  CD  . LYS A 1 65  ? 0.121   7.210   12.871  1.00 31.59 ? 65  LYS A CD  1 
ATOM   371  C  CE  . LYS A 1 65  ? -0.248  8.517   13.567  1.00 31.65 ? 65  LYS A CE  1 
ATOM   372  N  NZ  . LYS A 1 65  ? 0.489   9.672   12.979  1.00 32.49 ? 65  LYS A NZ  1 
ATOM   373  N  N   . VAL A 1 66  ? 1.197   3.346   10.228  1.00 19.21 ? 66  VAL A N   1 
ATOM   374  C  CA  . VAL A 1 66  ? 2.008   2.209   9.771   1.00 18.01 ? 66  VAL A CA  1 
ATOM   375  C  C   . VAL A 1 66  ? 3.471   2.497   10.106  1.00 20.65 ? 66  VAL A C   1 
ATOM   376  O  O   . VAL A 1 66  ? 3.939   3.603   9.885   1.00 24.30 ? 66  VAL A O   1 
ATOM   377  C  CB  . VAL A 1 66  ? 1.862   1.952   8.256   1.00 22.06 ? 66  VAL A CB  1 
ATOM   378  C  CG1 . VAL A 1 66  ? 2.852   0.869   7.774   1.00 18.33 ? 66  VAL A CG1 1 
ATOM   379  C  CG2 . VAL A 1 66  ? 0.432   1.546   7.913   1.00 24.54 ? 66  VAL A CG2 1 
ATOM   380  N  N   . THR A 1 67  ? 4.190   1.523   10.657  1.00 21.18 ? 67  THR A N   1 
ATOM   381  C  CA  . THR A 1 67  ? 5.589   1.772   10.971  1.00 19.76 ? 67  THR A CA  1 
ATOM   382  C  C   . THR A 1 67  ? 6.436   1.580   9.719   1.00 20.37 ? 67  THR A C   1 
ATOM   383  O  O   . THR A 1 67  ? 7.131   2.499   9.295   1.00 23.00 ? 67  THR A O   1 
ATOM   384  C  CB  . THR A 1 67  ? 6.087   0.879   12.115  1.00 23.92 ? 67  THR A CB  1 
ATOM   385  O  OG1 . THR A 1 67  ? 5.284   1.137   13.283  1.00 22.09 ? 67  THR A OG1 1 
ATOM   386  C  CG2 . THR A 1 67  ? 7.540   1.183   12.431  1.00 23.92 ? 67  THR A CG2 1 
ATOM   387  N  N   . ASN A 1 68  ? 6.352   0.394   9.120   1.00 18.81 ? 68  ASN A N   1 
ATOM   388  C  CA  . ASN A 1 68  ? 7.087   0.083   7.893   1.00 17.06 ? 68  ASN A CA  1 
ATOM   389  C  C   . ASN A 1 68  ? 6.166   -0.249  6.737   1.00 19.41 ? 68  ASN A C   1 
ATOM   390  O  O   . ASN A 1 68  ? 5.291   -1.099  6.885   1.00 21.32 ? 68  ASN A O   1 
ATOM   391  C  CB  . ASN A 1 68  ? 8.018   -1.119  8.097   1.00 17.57 ? 68  ASN A CB  1 
ATOM   392  C  CG  . ASN A 1 68  ? 9.097   -0.852  9.118   1.00 21.81 ? 68  ASN A CG  1 
ATOM   393  O  OD1 . ASN A 1 68  ? 10.016  -0.084  8.865   1.00 21.88 ? 68  ASN A OD1 1 
ATOM   394  N  ND2 . ASN A 1 68  ? 8.993   -1.496  10.274  1.00 23.67 ? 68  ASN A ND2 1 
ATOM   395  N  N   . LEU A 1 69  ? 6.384   0.393   5.594   1.00 16.39 ? 69  LEU A N   1 
ATOM   396  C  CA  . LEU A 1 69  ? 5.713   0.010   4.352   1.00 17.09 ? 69  LEU A CA  1 
ATOM   397  C  C   . LEU A 1 69  ? 6.786   -0.466  3.392   1.00 18.35 ? 69  LEU A C   1 
ATOM   398  O  O   . LEU A 1 69  ? 7.626   0.319   2.979   1.00 17.66 ? 69  LEU A O   1 
ATOM   399  C  CB  . LEU A 1 69  ? 4.945   1.191   3.744   1.00 17.30 ? 69  LEU A CB  1 
ATOM   400  C  CG  . LEU A 1 69  ? 4.335   0.923   2.363   1.00 18.54 ? 69  LEU A CG  1 
ATOM   401  C  CD1 . LEU A 1 69  ? 3.348   -0.216  2.434   1.00 19.90 ? 69  LEU A CD1 1 
ATOM   402  C  CD2 . LEU A 1 69  ? 3.681   2.195   1.818   1.00 22.83 ? 69  LEU A CD2 1 
ATOM   403  N  N   . VAL A 1 70  ? 6.764   -1.742  3.026   1.00 17.10 ? 70  VAL A N   1 
ATOM   404  C  CA  . VAL A 1 70  ? 7.886   -2.297  2.286   1.00 18.24 ? 70  VAL A CA  1 
ATOM   405  C  C   . VAL A 1 70  ? 7.436   -3.148  1.102   1.00 20.56 ? 70  VAL A C   1 
ATOM   406  O  O   . VAL A 1 70  ? 6.312   -3.649  1.068   1.00 18.82 ? 70  VAL A O   1 
ATOM   407  C  CB  . VAL A 1 70  ? 8.794   -3.151  3.217   1.00 20.72 ? 70  VAL A CB  1 
ATOM   408  C  CG1 . VAL A 1 70  ? 9.337   -2.322  4.397   1.00 24.78 ? 70  VAL A CG1 1 
ATOM   409  C  CG2 . VAL A 1 70  ? 8.045   -4.344  3.730   1.00 23.18 ? 70  VAL A CG2 1 
ATOM   410  N  N   . GLU A 1 71  ? 8.329   -3.298  0.125   1.00 18.93 ? 71  GLU A N   1 
ATOM   411  C  CA  . GLU A 1 71  ? 8.099   -4.178  -1.019  1.00 18.16 ? 71  GLU A CA  1 
ATOM   412  C  C   . GLU A 1 71  ? 8.442   -5.622  -0.665  1.00 23.26 ? 71  GLU A C   1 
ATOM   413  O  O   . GLU A 1 71  ? 9.409   -5.862  0.057   1.00 21.61 ? 71  GLU A O   1 
ATOM   414  C  CB  . GLU A 1 71  ? 8.959   -3.746  -2.201  1.00 20.62 ? 71  GLU A CB  1 
ATOM   415  C  CG  . GLU A 1 71  ? 8.853   -4.682  -3.394  1.00 20.61 ? 71  GLU A CG  1 
ATOM   416  C  CD  . GLU A 1 71  ? 9.795   -4.309  -4.513  1.00 23.61 ? 71  GLU A CD  1 
ATOM   417  O  OE1 . GLU A 1 71  ? 10.761  -3.558  -4.265  1.00 23.02 ? 71  GLU A OE1 1 
ATOM   418  O  OE2 . GLU A 1 71  ? 9.552   -4.779  -5.643  1.00 26.66 ? 71  GLU A OE2 1 
ATOM   419  N  N   . PHE A 1 72  ? 7.673   -6.582  -1.167  1.00 21.26 ? 72  PHE A N   1 
ATOM   420  C  CA  . PHE A 1 72  ? 8.130   -7.973  -1.143  1.00 21.30 ? 72  PHE A CA  1 
ATOM   421  C  C   . PHE A 1 72  ? 7.749   -8.599  -2.479  1.00 24.60 ? 72  PHE A C   1 
ATOM   422  O  O   . PHE A 1 72  ? 7.111   -7.942  -3.305  1.00 23.31 ? 72  PHE A O   1 
ATOM   423  C  CB  . PHE A 1 72  ? 7.614   -8.720  0.128   1.00 22.97 ? 72  PHE A CB  1 
ATOM   424  C  CG  . PHE A 1 72  ? 6.143   -9.105  0.134   1.00 22.58 ? 72  PHE A CG  1 
ATOM   425  C  CD1 . PHE A 1 72  ? 5.701   -10.197 0.885   1.00 24.77 ? 72  PHE A CD1 1 
ATOM   426  C  CD2 . PHE A 1 72  ? 5.217   -8.426  -0.631  1.00 22.79 ? 72  PHE A CD2 1 
ATOM   427  C  CE1 . PHE A 1 72  ? 4.344   -10.544 0.921   1.00 27.69 ? 72  PHE A CE1 1 
ATOM   428  C  CE2 . PHE A 1 72  ? 3.877   -8.787  -0.625  1.00 22.53 ? 72  PHE A CE2 1 
ATOM   429  C  CZ  . PHE A 1 72  ? 3.441   -9.836  0.155   1.00 25.17 ? 72  PHE A CZ  1 
ATOM   430  N  N   . TYR A 1 73  ? 8.242   -9.803  -2.738  1.00 23.00 ? 73  TYR A N   1 
ATOM   431  C  CA  . TYR A 1 73  ? 8.051   -10.452 -4.028  1.00 25.37 ? 73  TYR A CA  1 
ATOM   432  C  C   . TYR A 1 73  ? 8.019   -11.955 -3.791  1.00 25.76 ? 73  TYR A C   1 
ATOM   433  O  O   . TYR A 1 73  ? 8.969   -12.661 -4.124  1.00 27.22 ? 73  TYR A O   1 
ATOM   434  C  CB  . TYR A 1 73  ? 9.178   -10.064 -5.001  1.00 26.65 ? 73  TYR A CB  1 
ATOM   435  C  CG  . TYR A 1 73  ? 8.916   -10.437 -6.436  1.00 24.10 ? 73  TYR A CG  1 
ATOM   436  C  CD1 . TYR A 1 73  ? 7.954   -9.775  -7.182  1.00 26.17 ? 73  TYR A CD1 1 
ATOM   437  C  CD2 . TYR A 1 73  ? 9.646   -11.451 -7.051  1.00 33.19 ? 73  TYR A CD2 1 
ATOM   438  C  CE1 . TYR A 1 73  ? 7.708   -10.122 -8.503  1.00 30.05 ? 73  TYR A CE1 1 
ATOM   439  C  CE2 . TYR A 1 73  ? 9.406   -11.804 -8.372  1.00 34.00 ? 73  TYR A CE2 1 
ATOM   440  C  CZ  . TYR A 1 73  ? 8.437   -11.136 -9.089  1.00 39.53 ? 73  TYR A CZ  1 
ATOM   441  O  OH  . TYR A 1 73  ? 8.200   -11.483 -10.403 1.00 39.75 ? 73  TYR A OH  1 
ATOM   442  N  N   . PRO A 1 74  ? 6.938   -12.449 -3.171  1.00 26.06 ? 74  PRO A N   1 
ATOM   443  C  CA  . PRO A 1 74  ? 6.928   -13.838 -2.701  1.00 27.14 ? 74  PRO A CA  1 
ATOM   444  C  C   . PRO A 1 74  ? 6.823   -14.839 -3.848  1.00 30.83 ? 74  PRO A C   1 
ATOM   445  O  O   . PRO A 1 74  ? 6.271   -14.513 -4.899  1.00 29.95 ? 74  PRO A O   1 
ATOM   446  C  CB  . PRO A 1 74  ? 5.687   -13.898 -1.803  1.00 29.79 ? 74  PRO A CB  1 
ATOM   447  C  CG  . PRO A 1 74  ? 4.810   -12.810 -2.288  1.00 31.65 ? 74  PRO A CG  1 
ATOM   448  C  CD  . PRO A 1 74  ? 5.714   -11.722 -2.784  1.00 28.74 ? 74  PRO A CD  1 
ATOM   449  N  N   . ARG A 1 75  ? 7.362   -16.038 -3.640  1.00 31.63 ? 75  ARG A N   1 
ATOM   450  C  CA  . ARG A 1 75  ? 7.260   -17.109 -4.632  1.00 37.30 ? 75  ARG A CA  1 
ATOM   451  C  C   . ARG A 1 75  ? 5.800   -17.439 -4.892  1.00 38.23 ? 75  ARG A C   1 
ATOM   452  O  O   . ARG A 1 75  ? 5.405   -17.711 -6.026  1.00 44.46 ? 75  ARG A O   1 
ATOM   453  C  CB  . ARG A 1 75  ? 8.014   -18.353 -4.163  1.00 41.35 ? 75  ARG A CB  1 
ATOM   454  C  CG  . ARG A 1 75  ? 9.493   -18.322 -4.471  1.00 45.38 ? 75  ARG A CG  1 
ATOM   455  C  CD  . ARG A 1 75  ? 9.726   -18.371 -5.969  1.00 50.48 ? 75  ARG A CD  1 
ATOM   456  N  NE  . ARG A 1 75  ? 9.456   -19.697 -6.522  1.00 52.23 ? 75  ARG A NE  1 
ATOM   457  C  CZ  . ARG A 1 75  ? 9.556   -19.998 -7.813  1.00 47.93 ? 75  ARG A CZ  1 
ATOM   458  N  NH1 . ARG A 1 75  ? 9.912   -19.063 -8.686  1.00 51.77 ? 75  ARG A NH1 1 
ATOM   459  N  NH2 . ARG A 1 75  ? 9.295   -21.228 -8.234  1.00 45.83 ? 75  ARG A NH2 1 
ATOM   460  N  N   . ASP A 1 76  ? 5.008   -17.405 -3.824  1.00 35.22 ? 76  ASP A N   1 
ATOM   461  C  CA  . ASP A 1 76  ? 3.564   -17.587 -3.904  1.00 39.45 ? 76  ASP A CA  1 
ATOM   462  C  C   . ASP A 1 76  ? 2.965   -16.452 -4.731  1.00 39.76 ? 76  ASP A C   1 
ATOM   463  O  O   . ASP A 1 76  ? 2.858   -15.324 -4.250  1.00 35.39 ? 76  ASP A O   1 
ATOM   464  C  CB  . ASP A 1 76  ? 2.960   -17.621 -2.494  1.00 35.25 ? 76  ASP A CB  1 
ATOM   465  C  CG  . ASP A 1 76  ? 1.458   -17.845 -2.495  1.00 39.76 ? 76  ASP A CG  1 
ATOM   466  O  OD1 . ASP A 1 76  ? 0.840   -17.813 -3.582  1.00 38.73 ? 76  ASP A OD1 1 
ATOM   467  O  OD2 . ASP A 1 76  ? 0.891   -18.045 -1.397  1.00 38.98 ? 76  ASP A OD2 1 
ATOM   468  N  N   . GLN A 1 77  ? 2.563   -16.753 -5.964  1.00 37.07 ? 77  GLN A N   1 
ATOM   469  C  CA  . GLN A 1 77  ? 2.145   -15.713 -6.907  1.00 37.76 ? 77  GLN A CA  1 
ATOM   470  C  C   . GLN A 1 77  ? 0.773   -15.105 -6.610  1.00 35.75 ? 77  GLN A C   1 
ATOM   471  O  O   . GLN A 1 77  ? 0.444   -14.053 -7.142  1.00 40.84 ? 77  GLN A O   1 
ATOM   472  C  CB  . GLN A 1 77  ? 2.170   -16.265 -8.338  1.00 43.59 ? 77  GLN A CB  1 
ATOM   473  C  CG  . GLN A 1 77  ? 3.556   -16.709 -8.781  1.00 45.55 ? 77  GLN A CG  1 
ATOM   474  C  CD  . GLN A 1 77  ? 3.623   -17.121 -10.244 1.00 55.77 ? 77  GLN A CD  1 
ATOM   475  O  OE1 . GLN A 1 77  ? 2.815   -16.686 -11.068 1.00 57.38 ? 77  GLN A OE1 1 
ATOM   476  N  NE2 . GLN A 1 77  ? 4.594   -17.970 -10.572 1.00 53.59 ? 77  GLN A NE2 1 
ATOM   477  N  N   . ARG A 1 78  ? -0.022  -15.745 -5.759  1.00 37.39 ? 78  ARG A N   1 
ATOM   478  C  CA  . ARG A 1 78  ? -1.336  -15.203 -5.435  1.00 36.25 ? 78  ARG A CA  1 
ATOM   479  C  C   . ARG A 1 78  ? -1.239  -14.149 -4.334  1.00 35.77 ? 78  ARG A C   1 
ATOM   480  O  O   . ARG A 1 78  ? -2.201  -13.441 -4.046  1.00 36.22 ? 78  ARG A O   1 
ATOM   481  C  CB  . ARG A 1 78  ? -2.297  -16.314 -5.019  1.00 37.58 ? 78  ARG A CB  1 
ATOM   482  C  CG  . ARG A 1 78  ? -3.354  -16.624 -6.074  1.00 45.44 ? 78  ARG A CG  1 
ATOM   483  N  N   . LEU A 1 79  ? -0.059  -14.048 -3.734  1.00 31.90 ? 79  LEU A N   1 
ATOM   484  C  CA  . LEU A 1 79  ? 0.182   -13.115 -2.641  1.00 30.92 ? 79  LEU A CA  1 
ATOM   485  C  C   . LEU A 1 79  ? 0.513   -11.710 -3.171  1.00 29.67 ? 79  LEU A C   1 
ATOM   486  O  O   . LEU A 1 79  ? 1.490   -11.526 -3.899  1.00 31.21 ? 79  LEU A O   1 
ATOM   487  C  CB  . LEU A 1 79  ? 1.315   -13.648 -1.765  1.00 30.99 ? 79  LEU A CB  1 
ATOM   488  C  CG  . LEU A 1 79  ? 1.496   -13.110 -0.356  1.00 33.00 ? 79  LEU A CG  1 
ATOM   489  C  CD1 . LEU A 1 79  ? 0.143   -12.960 0.334   1.00 32.89 ? 79  LEU A CD1 1 
ATOM   490  C  CD2 . LEU A 1 79  ? 2.396   -14.076 0.394   1.00 30.21 ? 79  LEU A CD2 1 
ATOM   491  N  N   . LEU A 1 80  ? -0.303  -10.726 -2.802  1.00 24.95 ? 80  LEU A N   1 
ATOM   492  C  CA  . LEU A 1 80  ? -0.132  -9.361  -3.296  1.00 21.47 ? 80  LEU A CA  1 
ATOM   493  C  C   . LEU A 1 80  ? 0.244   -8.371  -2.195  1.00 23.24 ? 80  LEU A C   1 
ATOM   494  O  O   . LEU A 1 80  ? 0.820   -7.315  -2.461  1.00 21.76 ? 80  LEU A O   1 
ATOM   495  C  CB  . LEU A 1 80  ? -1.414  -8.884  -3.971  1.00 27.33 ? 80  LEU A CB  1 
ATOM   496  C  CG  . LEU A 1 80  ? -1.818  -9.619  -5.247  1.00 32.66 ? 80  LEU A CG  1 
ATOM   497  C  CD1 . LEU A 1 80  ? -3.094  -9.020  -5.812  1.00 35.58 ? 80  LEU A CD1 1 
ATOM   498  C  CD2 . LEU A 1 80  ? -0.695  -9.553  -6.249  1.00 31.14 ? 80  LEU A CD2 1 
ATOM   499  N  N   . GLY A 1 81  ? -0.096  -8.709  -0.961  1.00 20.20 ? 81  GLY A N   1 
ATOM   500  C  CA  . GLY A 1 81  ? 0.168   -7.821  0.157   1.00 23.16 ? 81  GLY A CA  1 
ATOM   501  C  C   . GLY A 1 81  ? -0.006  -8.544  1.469   1.00 21.31 ? 81  GLY A C   1 
ATOM   502  O  O   . GLY A 1 81  ? -0.540  -9.649  1.509   1.00 21.91 ? 81  GLY A O   1 
HETATM 503  N  N   . MSE A 1 82  ? 0.475   -7.946  2.553   1.00 18.96 ? 82  MSE A N   1 
HETATM 504  C  CA  . MSE A 1 82  ? 0.339   -8.565  3.864   1.00 19.09 ? 82  MSE A CA  1 
HETATM 505  C  C   . MSE A 1 82  ? 0.438   -7.517  4.964   1.00 20.95 ? 82  MSE A C   1 
HETATM 506  O  O   . MSE A 1 82  ? 1.079   -6.485  4.793   1.00 20.19 ? 82  MSE A O   1 
HETATM 507  C  CB  . MSE A 1 82  ? 1.407   -9.643  4.060   1.00 23.13 ? 82  MSE A CB  1 
HETATM 508  C  CG  . MSE A 1 82  ? 1.257   -10.498 5.268   1.00 26.16 ? 82  MSE A CG  1 
HETATM 509  SE SE  . MSE A 1 82  ? 2.466   -12.022 5.111   0.64 29.40 ? 82  MSE A SE  1 
HETATM 510  C  CE  . MSE A 1 82  ? 1.678   -12.843 3.574   1.00 32.49 ? 82  MSE A CE  1 
ATOM   511  N  N   . ASN A 1 83  ? -0.228  -7.766  6.081   1.00 20.52 ? 83  ASN A N   1 
ATOM   512  C  CA  . ASN A 1 83  ? -0.216  -6.809  7.176   1.00 18.38 ? 83  ASN A CA  1 
ATOM   513  C  C   . ASN A 1 83  ? 0.212   -7.537  8.423   1.00 23.13 ? 83  ASN A C   1 
ATOM   514  O  O   . ASN A 1 83  ? -0.528  -8.370  8.938   1.00 22.99 ? 83  ASN A O   1 
ATOM   515  C  CB  . ASN A 1 83  ? -1.590  -6.148  7.356   1.00 19.14 ? 83  ASN A CB  1 
ATOM   516  C  CG  . ASN A 1 83  ? -1.600  -5.087  8.457   1.00 22.34 ? 83  ASN A CG  1 
ATOM   517  O  OD1 . ASN A 1 83  ? -0.939  -5.228  9.486   1.00 24.45 ? 83  ASN A OD1 1 
ATOM   518  N  ND2 . ASN A 1 83  ? -2.365  -4.017  8.241   1.00 18.98 ? 83  ASN A ND2 1 
ATOM   519  N  N   . VAL A 1 84  ? 1.411   -7.217  8.898   1.00 20.22 ? 84  VAL A N   1 
ATOM   520  C  CA  . VAL A 1 84  ? 1.958   -7.819  10.106  1.00 18.62 ? 84  VAL A CA  1 
ATOM   521  C  C   . VAL A 1 84  ? 1.667   -6.947  11.316  1.00 23.41 ? 84  VAL A C   1 
ATOM   522  O  O   . VAL A 1 84  ? 2.010   -5.771  11.322  1.00 23.10 ? 84  VAL A O   1 
ATOM   523  C  CB  . VAL A 1 84  ? 3.491   -8.033  9.980   1.00 21.23 ? 84  VAL A CB  1 
ATOM   524  C  CG1 . VAL A 1 84  ? 4.066   -8.604  11.273  1.00 26.64 ? 84  VAL A CG1 1 
ATOM   525  C  CG2 . VAL A 1 84  ? 3.802   -8.944  8.786   1.00 23.52 ? 84  VAL A CG2 1 
ATOM   526  N  N   . ASN A 1 85  ? 1.010   -7.529  12.320  1.00 24.24 ? 85  ASN A N   1 
ATOM   527  C  CA  . ASN A 1 85  ? 0.723   -6.845  13.585  1.00 25.80 ? 85  ASN A CA  1 
ATOM   528  C  C   . ASN A 1 85  ? -0.054  -5.534  13.454  1.00 26.35 ? 85  ASN A C   1 
ATOM   529  O  O   . ASN A 1 85  ? 0.351   -4.520  14.032  1.00 25.56 ? 85  ASN A O   1 
ATOM   530  C  CB  . ASN A 1 85  ? 2.029   -6.563  14.335  1.00 27.36 ? 85  ASN A CB  1 
ATOM   531  C  CG  . ASN A 1 85  ? 2.634   -7.812  14.947  1.00 36.97 ? 85  ASN A CG  1 
ATOM   532  O  OD1 . ASN A 1 85  ? 1.923   -8.636  15.519  1.00 46.92 ? 85  ASN A OD1 1 
ATOM   533  N  ND2 . ASN A 1 85  ? 3.952   -7.963  14.825  1.00 41.58 ? 85  ASN A ND2 1 
ATOM   534  N  N   . HIS A 1 86  ? -1.146  -5.555  12.691  1.00 25.72 ? 86  HIS A N   1 
ATOM   535  C  CA  . HIS A 1 86  ? -2.049  -4.403  12.571  1.00 26.26 ? 86  HIS A CA  1 
ATOM   536  C  C   . HIS A 1 86  ? -1.314  -3.111  12.263  1.00 24.88 ? 86  HIS A C   1 
ATOM   537  O  O   . HIS A 1 86  ? -1.493  -2.087  12.931  1.00 26.33 ? 86  HIS A O   1 
ATOM   538  C  CB  . HIS A 1 86  ? -2.873  -4.250  13.850  1.00 29.06 ? 86  HIS A CB  1 
ATOM   539  C  CG  . HIS A 1 86  ? -3.490  -5.530  14.307  1.00 33.80 ? 86  HIS A CG  1 
ATOM   540  N  ND1 . HIS A 1 86  ? -4.553  -6.116  13.653  1.00 41.25 ? 86  HIS A ND1 1 
ATOM   541  C  CD2 . HIS A 1 86  ? -3.183  -6.351  15.340  1.00 38.56 ? 86  HIS A CD2 1 
ATOM   542  C  CE1 . HIS A 1 86  ? -4.880  -7.239  14.269  1.00 40.54 ? 86  HIS A CE1 1 
ATOM   543  N  NE2 . HIS A 1 86  ? -4.063  -7.406  15.294  1.00 43.06 ? 86  HIS A NE2 1 
ATOM   544  N  N   . GLY A 1 87  ? -0.466  -3.169  11.252  1.00 22.93 ? 87  GLY A N   1 
ATOM   545  C  CA  . GLY A 1 87  ? 0.168   -1.970  10.749  1.00 20.69 ? 87  GLY A CA  1 
ATOM   546  C  C   . GLY A 1 87  ? 1.619   -1.784  11.125  1.00 23.93 ? 87  GLY A C   1 
ATOM   547  O  O   . GLY A 1 87  ? 2.245   -0.846  10.660  1.00 23.25 ? 87  GLY A O   1 
ATOM   548  N  N   . SER A 1 88  ? 2.173   -2.660  11.960  1.00 20.63 ? 88  SER A N   1 
ATOM   549  C  CA  . SER A 1 88  ? 3.599   -2.558  12.239  1.00 20.58 ? 88  SER A CA  1 
ATOM   550  C  C   . SER A 1 88  ? 4.382   -2.657  10.934  1.00 21.24 ? 88  SER A C   1 
ATOM   551  O  O   . SER A 1 88  ? 5.332   -1.907  10.688  1.00 21.94 ? 88  SER A O   1 
ATOM   552  C  CB  . SER A 1 88  ? 4.058   -3.645  13.199  1.00 29.45 ? 88  SER A CB  1 
ATOM   553  O  OG  . SER A 1 88  ? 5.402   -3.390  13.552  1.00 35.17 ? 88  SER A OG  1 
ATOM   554  N  N   . LYS A 1 89  ? 3.968   -3.589  10.095  1.00 17.77 ? 89  LYS A N   1 
ATOM   555  C  CA  . LYS A 1 89  ? 4.579   -3.720  8.774   1.00 17.55 ? 89  LYS A CA  1 
ATOM   556  C  C   . LYS A 1 89  ? 3.514   -4.065  7.753   1.00 20.09 ? 89  LYS A C   1 
ATOM   557  O  O   . LYS A 1 89  ? 2.732   -4.998  7.947   1.00 21.97 ? 89  LYS A O   1 
ATOM   558  C  CB  . LYS A 1 89  ? 5.681   -4.790  8.788   1.00 21.31 ? 89  LYS A CB  1 
ATOM   559  C  CG  . LYS A 1 89  ? 6.481   -4.865  7.481   1.00 20.19 ? 89  LYS A CG  1 
ATOM   560  C  CD  . LYS A 1 89  ? 7.488   -6.016  7.486   1.00 22.61 ? 89  LYS A CD  1 
ATOM   561  C  CE  . LYS A 1 89  ? 8.599   -5.809  8.487   1.00 28.23 ? 89  LYS A CE  1 
ATOM   562  N  NZ  . LYS A 1 89  ? 9.526   -6.991  8.517   1.00 24.51 ? 89  LYS A NZ  1 
ATOM   563  N  N   . ILE A 1 90  ? 3.457   -3.288  6.673   1.00 17.48 ? 90  ILE A N   1 
ATOM   564  C  CA  . ILE A 1 90  ? 2.640   -3.676  5.541   1.00 14.55 ? 90  ILE A CA  1 
ATOM   565  C  C   . ILE A 1 90  ? 3.578   -3.967  4.399   1.00 17.14 ? 90  ILE A C   1 
ATOM   566  O  O   . ILE A 1 90  ? 4.458   -3.160  4.111   1.00 18.38 ? 90  ILE A O   1 
ATOM   567  C  CB  . ILE A 1 90  ? 1.626   -2.590  5.147   1.00 17.24 ? 90  ILE A CB  1 
ATOM   568  C  CG1 . ILE A 1 90  ? 0.480   -2.595  6.156   1.00 19.60 ? 90  ILE A CG1 1 
ATOM   569  C  CG2 . ILE A 1 90  ? 1.048   -2.881  3.761   1.00 16.55 ? 90  ILE A CG2 1 
ATOM   570  C  CD1 . ILE A 1 90  ? -0.538  -1.500  5.910   1.00 18.18 ? 90  ILE A CD1 1 
HETATM 571  N  N   . MSE A 1 91  ? 3.435   -5.155  3.812   1.00 16.69 ? 91  MSE A N   1 
HETATM 572  C  CA  . MSE A 1 91  ? 4.221   -5.538  2.644   1.00 20.78 ? 91  MSE A CA  1 
HETATM 573  C  C   . MSE A 1 91  ? 3.355   -5.455  1.397   1.00 19.71 ? 91  MSE A C   1 
HETATM 574  O  O   . MSE A 1 91  ? 2.197   -5.858  1.411   1.00 24.06 ? 91  MSE A O   1 
HETATM 575  C  CB  . MSE A 1 91  ? 4.811   -6.946  2.828   1.00 20.74 ? 91  MSE A CB  1 
HETATM 576  C  CG  . MSE A 1 91  ? 5.778   -6.982  3.993   1.00 26.45 ? 91  MSE A CG  1 
HETATM 577  SE SE  . MSE A 1 91  ? 6.558   -8.694  4.565   0.44 30.74 ? 91  MSE A SE  1 
HETATM 578  C  CE  . MSE A 1 91  ? 5.007   -9.440  5.413   1.00 32.95 ? 91  MSE A CE  1 
ATOM   579  N  N   . LEU A 1 92  ? 3.916   -4.900  0.327   1.00 18.09 ? 92  LEU A N   1 
ATOM   580  C  CA  . LEU A 1 92  ? 3.217   -4.785  -0.949  1.00 20.18 ? 92  LEU A CA  1 
ATOM   581  C  C   . LEU A 1 92  ? 4.037   -5.398  -2.063  1.00 19.40 ? 92  LEU A C   1 
ATOM   582  O  O   . LEU A 1 92  ? 5.217   -5.104  -2.184  1.00 21.91 ? 92  LEU A O   1 
ATOM   583  C  CB  . LEU A 1 92  ? 2.951   -3.319  -1.304  1.00 19.68 ? 92  LEU A CB  1 
ATOM   584  C  CG  . LEU A 1 92  ? 2.031   -2.440  -0.448  1.00 21.64 ? 92  LEU A CG  1 
ATOM   585  C  CD1 . LEU A 1 92  ? 2.007   -1.018  -1.041  1.00 22.55 ? 92  LEU A CD1 1 
ATOM   586  C  CD2 . LEU A 1 92  ? 0.644   -3.041  -0.398  1.00 23.06 ? 92  LEU A CD2 1 
ATOM   587  N  N   . ARG A 1 93  ? 3.405   -6.219  -2.891  1.00 20.56 ? 93  ARG A N   1 
ATOM   588  C  CA  . ARG A 1 93  ? 4.005   -6.637  -4.155  1.00 20.32 ? 93  ARG A CA  1 
ATOM   589  C  C   . ARG A 1 93  ? 3.903   -5.485  -5.142  1.00 22.53 ? 93  ARG A C   1 
ATOM   590  O  O   . ARG A 1 93  ? 2.809   -4.979  -5.382  1.00 23.21 ? 93  ARG A O   1 
ATOM   591  C  CB  . ARG A 1 93  ? 3.309   -7.875  -4.717  1.00 21.06 ? 93  ARG A CB  1 
ATOM   592  C  CG  . ARG A 1 93  ? 3.920   -8.342  -6.040  1.00 27.06 ? 93  ARG A CG  1 
ATOM   593  C  CD  . ARG A 1 93  ? 3.051   -9.413  -6.697  1.00 29.32 ? 93  ARG A CD  1 
ATOM   594  N  NE  . ARG A 1 93  ? 3.080   -10.695 -5.992  1.00 28.04 ? 93  ARG A NE  1 
ATOM   595  C  CZ  . ARG A 1 93  ? 4.016   -11.623 -6.158  1.00 33.89 ? 93  ARG A CZ  1 
ATOM   596  N  NH1 . ARG A 1 93  ? 5.019   -11.414 -7.001  1.00 35.15 ? 93  ARG A NH1 1 
ATOM   597  N  NH2 . ARG A 1 93  ? 3.948   -12.762 -5.487  1.00 32.83 ? 93  ARG A NH2 1 
ATOM   598  N  N   . LEU A 1 94  ? 5.040   -5.061  -5.692  1.00 22.06 ? 94  LEU A N   1 
ATOM   599  C  CA  . LEU A 1 94  ? 5.076   -3.958  -6.652  1.00 21.05 ? 94  LEU A CA  1 
ATOM   600  C  C   . LEU A 1 94  ? 5.252   -4.445  -8.086  1.00 26.60 ? 94  LEU A C   1 
ATOM   601  O  O   . LEU A 1 94  ? 4.975   -3.719  -9.034  1.00 27.72 ? 94  LEU A O   1 
ATOM   602  C  CB  . LEU A 1 94  ? 6.222   -2.995  -6.329  1.00 25.10 ? 94  LEU A CB  1 
ATOM   603  C  CG  . LEU A 1 94  ? 6.241   -2.312  -4.965  1.00 23.42 ? 94  LEU A CG  1 
ATOM   604  C  CD1 . LEU A 1 94  ? 7.434   -1.378  -4.899  1.00 21.84 ? 94  LEU A CD1 1 
ATOM   605  C  CD2 . LEU A 1 94  ? 4.947   -1.551  -4.705  1.00 22.51 ? 94  LEU A CD2 1 
ATOM   606  N  N   . ARG A 1 95  ? 5.723   -5.677  -8.227  1.00 26.10 ? 95  ARG A N   1 
ATOM   607  C  CA  . ARG A 1 95  ? 6.148   -6.196  -9.525  1.00 28.44 ? 95  ARG A CA  1 
ATOM   608  C  C   . ARG A 1 95  ? 5.310   -7.379  -9.993  1.00 30.63 ? 95  ARG A C   1 
ATOM   609  O  O   . ARG A 1 95  ? 4.855   -8.177  -9.180  1.00 29.99 ? 95  ARG A O   1 
ATOM   610  C  CB  . ARG A 1 95  ? 7.619   -6.606  -9.446  1.00 23.88 ? 95  ARG A CB  1 
ATOM   611  C  CG  . ARG A 1 95  ? 8.557   -5.463  -9.133  1.00 26.09 ? 95  ARG A CG  1 
ATOM   612  C  CD  . ARG A 1 95  ? 9.908   -5.988  -8.694  1.00 28.98 ? 95  ARG A CD  1 
ATOM   613  N  NE  . ARG A 1 95  ? 10.763  -4.909  -8.227  1.00 25.84 ? 95  ARG A NE  1 
ATOM   614  C  CZ  . ARG A 1 95  ? 11.556  -4.196  -9.020  1.00 32.26 ? 95  ARG A CZ  1 
ATOM   615  N  NH1 . ARG A 1 95  ? 11.604  -4.466  -10.323 1.00 30.14 ? 95  ARG A NH1 1 
ATOM   616  N  NH2 . ARG A 1 95  ? 12.296  -3.220  -8.512  1.00 26.91 ? 95  ARG A NH2 1 
ATOM   617  N  N   . CYS A 1 96  ? 5.126   -7.503  -11.307 1.00 31.11 ? 96  CYS A N   1 
ATOM   618  C  CA  . CYS A 1 96  ? 4.411   -8.650  -11.878 1.00 35.71 ? 96  CYS A CA  1 
ATOM   619  C  C   . CYS A 1 96  ? 5.060   -9.976  -11.484 1.00 36.05 ? 96  CYS A C   1 
ATOM   620  O  O   . CYS A 1 96  ? 6.284   -10.125 -11.537 1.00 39.04 ? 96  CYS A O   1 
ATOM   621  C  CB  . CYS A 1 96  ? 4.343   -8.535  -13.407 1.00 42.48 ? 96  CYS A CB  1 
ATOM   622  S  SG  . CYS A 1 96  ? 2.975   -7.517  -14.006 1.00 61.88 ? 96  CYS A SG  1 
ATOM   623  N  N   . SER A 1 97  ? 4.230   -10.938 -11.090 1.00 39.61 ? 97  SER A N   1 
ATOM   624  C  CA  . SER A 1 97  ? 4.721   -12.189 -10.523 1.00 40.62 ? 97  SER A CA  1 
ATOM   625  C  C   . SER A 1 97  ? 5.307   -13.122 -11.580 1.00 45.67 ? 97  SER A C   1 
ATOM   626  O  O   . SER A 1 97  ? 5.927   -14.128 -11.245 1.00 52.10 ? 97  SER A O   1 
ATOM   627  C  CB  . SER A 1 97  ? 3.601   -12.904 -9.768  1.00 43.59 ? 97  SER A CB  1 
ATOM   628  O  OG  . SER A 1 97  ? 2.519   -13.213 -10.629 1.00 49.09 ? 97  SER A OG  1 
ATOM   629  N  N   . THR A 1 98  ? 5.103   -12.789 -12.852 1.00 44.88 ? 98  THR A N   1 
ATOM   630  C  CA  . THR A 1 98  ? 5.691   -13.557 -13.948 1.00 46.32 ? 98  THR A CA  1 
ATOM   631  C  C   . THR A 1 98  ? 6.736   -12.755 -14.718 1.00 46.89 ? 98  THR A C   1 
ATOM   632  O  O   . THR A 1 98  ? 7.220   -13.202 -15.759 1.00 52.37 ? 98  THR A O   1 
ATOM   633  C  CB  . THR A 1 98  ? 4.623   -14.049 -14.955 1.00 47.62 ? 98  THR A CB  1 
ATOM   634  O  OG1 . THR A 1 98  ? 3.929   -12.927 -15.512 1.00 46.21 ? 98  THR A OG1 1 
ATOM   635  C  CG2 . THR A 1 98  ? 3.635   -14.989 -14.284 1.00 47.03 ? 98  THR A CG2 1 
ATOM   636  N  N   . ASP A 1 99  ? 7.075   -11.572 -14.213 1.00 44.98 ? 99  ASP A N   1 
ATOM   637  C  CA  . ASP A 1 99  ? 8.169   -10.782 -14.775 1.00 43.70 ? 99  ASP A CA  1 
ATOM   638  C  C   . ASP A 1 99  ? 8.606   -9.670  -13.823 1.00 43.64 ? 99  ASP A C   1 
ATOM   639  O  O   . ASP A 1 99  ? 7.976   -8.608  -13.763 1.00 42.93 ? 99  ASP A O   1 
ATOM   640  C  CB  . ASP A 1 99  ? 7.774   -10.183 -16.129 1.00 42.95 ? 99  ASP A CB  1 
ATOM   641  C  CG  . ASP A 1 99  ? 8.878   -9.330  -16.736 1.00 44.24 ? 99  ASP A CG  1 
ATOM   642  O  OD1 . ASP A 1 99  ? 10.033  -9.417  -16.266 1.00 45.15 ? 99  ASP A OD1 1 
ATOM   643  O  OD2 . ASP A 1 99  ? 8.596   -8.582  -17.696 1.00 50.50 ? 99  ASP A OD2 1 
ATOM   644  N  N   . GLU A 1 100 ? 9.701   -9.922  -13.109 1.00 42.22 ? 100 GLU A N   1 
ATOM   645  C  CA  . GLU A 1 100 ? 10.302  -8.961  -12.181 1.00 38.71 ? 100 GLU A CA  1 
ATOM   646  C  C   . GLU A 1 100 ? 10.482  -7.548  -12.731 1.00 40.58 ? 100 GLU A C   1 
ATOM   647  O  O   . GLU A 1 100 ? 10.478  -6.591  -11.967 1.00 35.53 ? 100 GLU A O   1 
ATOM   648  C  CB  . GLU A 1 100 ? 11.676  -9.450  -11.732 1.00 40.68 ? 100 GLU A CB  1 
ATOM   649  C  CG  . GLU A 1 100 ? 11.684  -10.601 -10.767 1.00 47.19 ? 100 GLU A CG  1 
ATOM   650  C  CD  . GLU A 1 100 ? 13.097  -10.951 -10.363 1.00 43.32 ? 100 GLU A CD  1 
ATOM   651  O  OE1 . GLU A 1 100 ? 14.026  -10.373 -10.965 1.00 47.87 ? 100 GLU A OE1 1 
ATOM   652  O  OE2 . GLU A 1 100 ? 13.281  -11.788 -9.452  1.00 53.42 ? 100 GLU A OE2 1 
ATOM   653  N  N   . PHE A 1 101 ? 10.675  -7.412  -14.041 1.00 38.62 ? 101 PHE A N   1 
ATOM   654  C  CA  . PHE A 1 101 ? 11.001  -6.110  -14.613 1.00 39.53 ? 101 PHE A CA  1 
ATOM   655  C  C   . PHE A 1 101 ? 9.779   -5.221  -14.752 1.00 34.22 ? 101 PHE A C   1 
ATOM   656  O  O   . PHE A 1 101 ? 9.904   -4.009  -14.912 1.00 37.93 ? 101 PHE A O   1 
ATOM   657  C  CB  . PHE A 1 101 ? 11.669  -6.265  -15.987 1.00 39.96 ? 101 PHE A CB  1 
ATOM   658  C  CG  . PHE A 1 101 ? 13.074  -6.780  -15.922 1.00 44.65 ? 101 PHE A CG  1 
ATOM   659  C  CD1 . PHE A 1 101 ? 13.326  -8.143  -15.938 1.00 47.74 ? 101 PHE A CD1 1 
ATOM   660  C  CD2 . PHE A 1 101 ? 14.145  -5.906  -15.848 1.00 48.55 ? 101 PHE A CD2 1 
ATOM   661  C  CE1 . PHE A 1 101 ? 14.623  -8.628  -15.872 1.00 49.66 ? 101 PHE A CE1 1 
ATOM   662  C  CE2 . PHE A 1 101 ? 15.447  -6.381  -15.789 1.00 50.37 ? 101 PHE A CE2 1 
ATOM   663  C  CZ  . PHE A 1 101 ? 15.686  -7.748  -15.799 1.00 48.67 ? 101 PHE A CZ  1 
ATOM   664  N  N   . GLN A 1 102 ? 8.601   -5.826  -14.704 1.00 37.78 ? 102 GLN A N   1 
ATOM   665  C  CA  . GLN A 1 102 ? 7.374   -5.088  -14.941 1.00 35.32 ? 102 GLN A CA  1 
ATOM   666  C  C   . GLN A 1 102 ? 6.676   -4.761  -13.625 1.00 33.15 ? 102 GLN A C   1 
ATOM   667  O  O   . GLN A 1 102 ? 6.432   -5.647  -12.807 1.00 34.82 ? 102 GLN A O   1 
ATOM   668  C  CB  . GLN A 1 102 ? 6.443   -5.887  -15.848 1.00 41.19 ? 102 GLN A CB  1 
ATOM   669  C  CG  . GLN A 1 102 ? 5.203   -5.135  -16.281 1.00 46.03 ? 102 GLN A CG  1 
ATOM   670  C  CD  . GLN A 1 102 ? 4.968   -5.230  -17.776 1.00 56.70 ? 102 GLN A CD  1 
ATOM   671  O  OE1 . GLN A 1 102 ? 5.177   -4.262  -18.510 1.00 64.06 ? 102 GLN A OE1 1 
ATOM   672  N  NE2 . GLN A 1 102 ? 4.540   -6.400  -18.237 1.00 54.94 ? 102 GLN A NE2 1 
ATOM   673  N  N   . PHE A 1 103 ? 6.370   -3.486  -13.428 1.00 29.96 ? 103 PHE A N   1 
ATOM   674  C  CA  . PHE A 1 103 ? 5.625   -3.063  -12.252 1.00 31.21 ? 103 PHE A CA  1 
ATOM   675  C  C   . PHE A 1 103 ? 4.125   -3.232  -12.467 1.00 29.70 ? 103 PHE A C   1 
ATOM   676  O  O   . PHE A 1 103 ? 3.615   -3.014  -13.569 1.00 32.34 ? 103 PHE A O   1 
ATOM   677  C  CB  . PHE A 1 103 ? 5.957   -1.608  -11.905 1.00 27.57 ? 103 PHE A CB  1 
ATOM   678  C  CG  . PHE A 1 103 ? 7.367   -1.412  -11.408 1.00 29.48 ? 103 PHE A CG  1 
ATOM   679  C  CD1 . PHE A 1 103 ? 7.744   -1.887  -10.162 1.00 25.51 ? 103 PHE A CD1 1 
ATOM   680  C  CD2 . PHE A 1 103 ? 8.309   -0.757  -12.181 1.00 30.08 ? 103 PHE A CD2 1 
ATOM   681  C  CE1 . PHE A 1 103 ? 9.023   -1.719  -9.696  1.00 24.80 ? 103 PHE A CE1 1 
ATOM   682  C  CE2 . PHE A 1 103 ? 9.603   -0.584  -11.721 1.00 33.58 ? 103 PHE A CE2 1 
ATOM   683  C  CZ  . PHE A 1 103 ? 9.961   -1.064  -10.475 1.00 29.91 ? 103 PHE A CZ  1 
ATOM   684  N  N   . LEU A 1 104 ? 3.419   -3.625  -11.410 1.00 30.58 ? 104 LEU A N   1 
ATOM   685  C  CA  . LEU A 1 104 ? 1.963   -3.670  -11.441 1.00 26.93 ? 104 LEU A CA  1 
ATOM   686  C  C   . LEU A 1 104 ? 1.423   -2.257  -11.624 1.00 29.32 ? 104 LEU A C   1 
ATOM   687  O  O   . LEU A 1 104 ? 2.096   -1.280  -11.277 1.00 25.79 ? 104 LEU A O   1 
ATOM   688  C  CB  . LEU A 1 104 ? 1.406   -4.290  -10.149 1.00 27.38 ? 104 LEU A CB  1 
ATOM   689  C  CG  . LEU A 1 104 ? 1.812   -5.718  -9.772  1.00 29.74 ? 104 LEU A CG  1 
ATOM   690  C  CD1 . LEU A 1 104 ? 1.242   -6.077  -8.396  1.00 28.77 ? 104 LEU A CD1 1 
ATOM   691  C  CD2 . LEU A 1 104 ? 1.335   -6.720  -10.815 1.00 33.59 ? 104 LEU A CD2 1 
ATOM   692  N  N   . PRO A 1 105 ? 0.205   -2.133  -12.172 1.00 32.44 ? 105 PRO A N   1 
ATOM   693  C  CA  . PRO A 1 105 ? -0.385  -0.800  -12.313 1.00 30.06 ? 105 PRO A CA  1 
ATOM   694  C  C   . PRO A 1 105 ? -0.627  -0.157  -10.953 1.00 30.42 ? 105 PRO A C   1 
ATOM   695  O  O   . PRO A 1 105 ? -0.931  -0.861  -9.988  1.00 29.02 ? 105 PRO A O   1 
ATOM   696  C  CB  . PRO A 1 105 ? -1.716  -1.073  -13.030 1.00 33.31 ? 105 PRO A CB  1 
ATOM   697  C  CG  . PRO A 1 105 ? -1.537  -2.398  -13.685 1.00 36.91 ? 105 PRO A CG  1 
ATOM   698  C  CD  . PRO A 1 105 ? -0.647  -3.179  -12.762 1.00 33.28 ? 105 PRO A CD  1 
HETATM 699  N  N   . MSE A 1 106 ? -0.493  1.162   -10.895 1.00 29.30 ? 106 MSE A N   1 
HETATM 700  C  CA  . MSE A 1 106 ? -0.725  1.916   -9.676  1.00 32.01 ? 106 MSE A CA  1 
HETATM 701  C  C   . MSE A 1 106 ? -2.085  1.621   -9.050  1.00 33.78 ? 106 MSE A C   1 
HETATM 702  O  O   . MSE A 1 106 ? -2.206  1.542   -7.824  1.00 29.50 ? 106 MSE A O   1 
HETATM 703  C  CB  . MSE A 1 106 ? -0.599  3.410   -9.973  1.00 37.09 ? 106 MSE A CB  1 
HETATM 704  C  CG  . MSE A 1 106 ? -0.950  4.295   -8.810  1.00 43.30 ? 106 MSE A CG  1 
HETATM 705  SE SE  . MSE A 1 106 ? 0.562   4.489   -7.612  0.61 56.73 ? 106 MSE A SE  1 
HETATM 706  C  CE  . MSE A 1 106 ? 1.465   5.909   -8.588  1.00 46.61 ? 106 MSE A CE  1 
ATOM   707  N  N   . GLU A 1 107 ? -3.102  1.464   -9.896  1.00 34.61 ? 107 GLU A N   1 
ATOM   708  C  CA  . GLU A 1 107 ? -4.464  1.206   -9.429  1.00 35.06 ? 107 GLU A CA  1 
ATOM   709  C  C   . GLU A 1 107 ? -4.532  -0.093  -8.645  1.00 28.88 ? 107 GLU A C   1 
ATOM   710  O  O   . GLU A 1 107 ? -5.189  -0.161  -7.607  1.00 28.79 ? 107 GLU A O   1 
ATOM   711  C  CB  . GLU A 1 107 ? -5.451  1.141   -10.602 1.00 36.93 ? 107 GLU A CB  1 
ATOM   712  C  CG  . GLU A 1 107 ? -5.255  2.224   -11.642 1.00 43.60 ? 107 GLU A CG  1 
ATOM   713  C  CD  . GLU A 1 107 ? -4.300  1.802   -12.745 1.00 46.80 ? 107 GLU A CD  1 
ATOM   714  O  OE1 . GLU A 1 107 ? -3.125  2.234   -12.717 1.00 43.56 ? 107 GLU A OE1 1 
ATOM   715  O  OE2 . GLU A 1 107 ? -4.727  1.038   -13.644 1.00 52.85 ? 107 GLU A OE2 1 
ATOM   716  N  N   . CYS A 1 108 ? -3.839  -1.111  -9.153  1.00 29.12 ? 108 CYS A N   1 
ATOM   717  C  CA  . CYS A 1 108 ? -3.783  -2.435  -8.539  1.00 29.90 ? 108 CYS A CA  1 
ATOM   718  C  C   . CYS A 1 108 ? -3.073  -2.396  -7.196  1.00 28.99 ? 108 CYS A C   1 
ATOM   719  O  O   . CYS A 1 108 ? -3.562  -2.943  -6.210  1.00 28.83 ? 108 CYS A O   1 
ATOM   720  C  CB  . CYS A 1 108 ? -3.065  -3.429  -9.455  1.00 30.10 ? 108 CYS A CB  1 
ATOM   721  S  SG  . CYS A 1 108 ? -4.019  -3.920  -10.910 1.00 56.70 ? 108 CYS A SG  1 
ATOM   722  N  N   . ILE A 1 109 ? -1.911  -1.753  -7.170  1.00 25.20 ? 109 ILE A N   1 
ATOM   723  C  CA  . ILE A 1 109 ? -1.155  -1.602  -5.933  1.00 24.67 ? 109 ILE A CA  1 
ATOM   724  C  C   . ILE A 1 109 ? -1.944  -0.797  -4.895  1.00 21.35 ? 109 ILE A C   1 
ATOM   725  O  O   . ILE A 1 109 ? -1.974  -1.161  -3.727  1.00 22.26 ? 109 ILE A O   1 
ATOM   726  C  CB  . ILE A 1 109 ? 0.207   -0.936  -6.189  1.00 25.18 ? 109 ILE A CB  1 
ATOM   727  C  CG1 . ILE A 1 109 ? 0.999   -1.762  -7.207  1.00 26.87 ? 109 ILE A CG1 1 
ATOM   728  C  CG2 . ILE A 1 109 ? 0.992   -0.818  -4.883  1.00 25.90 ? 109 ILE A CG2 1 
ATOM   729  C  CD1 . ILE A 1 109 ? 2.273   -1.091  -7.685  1.00 25.88 ? 109 ILE A CD1 1 
HETATM 730  N  N   . MSE A 1 110 ? -2.593  0.288   -5.309  1.00 21.96 ? 110 MSE A N   1 
HETATM 731  C  CA  . MSE A 1 110 ? -3.374  1.084   -4.360  1.00 22.84 ? 110 MSE A CA  1 
HETATM 732  C  C   . MSE A 1 110 ? -4.510  0.253   -3.778  1.00 22.10 ? 110 MSE A C   1 
HETATM 733  O  O   . MSE A 1 110 ? -4.869  0.405   -2.606  1.00 21.10 ? 110 MSE A O   1 
HETATM 734  C  CB  . MSE A 1 110 ? -3.946  2.341   -5.013  1.00 22.69 ? 110 MSE A CB  1 
HETATM 735  C  CG  . MSE A 1 110 ? -4.836  3.181   -4.075  1.00 27.90 ? 110 MSE A CG  1 
HETATM 736  SE SE  . MSE A 1 110 ? -3.910  3.790   -2.467  0.54 26.50 ? 110 MSE A SE  1 
HETATM 737  C  CE  . MSE A 1 110 ? -2.392  4.495   -3.494  1.00 23.23 ? 110 MSE A CE  1 
ATOM   738  N  N   . GLY A 1 111 ? -5.072  -0.629  -4.603  1.00 21.34 ? 111 GLY A N   1 
ATOM   739  C  CA  . GLY A 1 111 ? -6.166  -1.467  -4.155  1.00 23.44 ? 111 GLY A CA  1 
ATOM   740  C  C   . GLY A 1 111 ? -5.694  -2.395  -3.065  1.00 22.60 ? 111 GLY A C   1 
ATOM   741  O  O   . GLY A 1 111 ? -6.373  -2.591  -2.058  1.00 21.33 ? 111 GLY A O   1 
ATOM   742  N  N   . THR A 1 112 ? -4.509  -2.958  -3.265  1.00 20.98 ? 112 THR A N   1 
ATOM   743  C  CA  . THR A 1 112 ? -3.899  -3.814  -2.258  1.00 22.75 ? 112 THR A CA  1 
ATOM   744  C  C   . THR A 1 112 ? -3.515  -3.028  -1.009  1.00 20.36 ? 112 THR A C   1 
ATOM   745  O  O   . THR A 1 112 ? -3.678  -3.510  0.123   1.00 21.11 ? 112 THR A O   1 
ATOM   746  C  CB  . THR A 1 112 ? -2.673  -4.521  -2.836  1.00 26.06 ? 112 THR A CB  1 
ATOM   747  O  OG1 . THR A 1 112 ? -3.113  -5.405  -3.868  1.00 29.75 ? 112 THR A OG1 1 
ATOM   748  C  CG2 . THR A 1 112 ? -1.947  -5.319  -1.753  1.00 24.43 ? 112 THR A CG2 1 
HETATM 749  N  N   . MSE A 1 113 ? -3.019  -1.810  -1.200  1.00 19.58 ? 113 MSE A N   1 
HETATM 750  C  CA  . MSE A 1 113 ? -2.702  -0.972  -0.054  1.00 19.00 ? 113 MSE A CA  1 
HETATM 751  C  C   . MSE A 1 113 ? -3.930  -0.753  0.827   1.00 20.90 ? 113 MSE A C   1 
HETATM 752  O  O   . MSE A 1 113 ? -3.847  -0.868  2.051   1.00 19.57 ? 113 MSE A O   1 
HETATM 753  C  CB  . MSE A 1 113 ? -2.137  0.378   -0.493  1.00 18.95 ? 113 MSE A CB  1 
HETATM 754  C  CG  . MSE A 1 113 ? -1.785  1.311   0.663   1.00 20.44 ? 113 MSE A CG  1 
HETATM 755  SE SE  . MSE A 1 113 ? -0.356  0.615   1.834   0.65 23.62 ? 113 MSE A SE  1 
HETATM 756  C  CE  . MSE A 1 113 ? -0.177  2.136   3.039   1.00 23.82 ? 113 MSE A CE  1 
ATOM   757  N  N   . LEU A 1 114 ? -5.073  -0.451  0.216   1.00 19.64 ? 114 LEU A N   1 
ATOM   758  C  CA  . LEU A 1 114 ? -6.279  -0.202  0.994   1.00 15.48 ? 114 LEU A CA  1 
ATOM   759  C  C   . LEU A 1 114 ? -6.786  -1.479  1.671   1.00 18.57 ? 114 LEU A C   1 
ATOM   760  O  O   . LEU A 1 114 ? -7.286  -1.430  2.797   1.00 19.83 ? 114 LEU A O   1 
ATOM   761  C  CB  . LEU A 1 114 ? -7.369  0.410   0.116   1.00 20.14 ? 114 LEU A CB  1 
ATOM   762  C  CG  . LEU A 1 114 ? -7.008  1.776   -0.500  1.00 22.02 ? 114 LEU A CG  1 
ATOM   763  C  CD1 . LEU A 1 114 ? -8.146  2.304   -1.362  1.00 21.85 ? 114 LEU A CD1 1 
ATOM   764  C  CD2 . LEU A 1 114 ? -6.641  2.785   0.557   1.00 23.52 ? 114 LEU A CD2 1 
ATOM   765  N  N   . HIS A 1 115 ? -6.660  -2.611  0.984   1.00 18.14 ? 115 HIS A N   1 
ATOM   766  C  CA  . HIS A 1 115 ? -6.950  -3.909  1.587   1.00 19.90 ? 115 HIS A CA  1 
ATOM   767  C  C   . HIS A 1 115 ? -6.125  -4.096  2.852   1.00 19.78 ? 115 HIS A C   1 
ATOM   768  O  O   . HIS A 1 115 ? -6.637  -4.475  3.906   1.00 17.04 ? 115 HIS A O   1 
ATOM   769  C  CB  . HIS A 1 115 ? -6.648  -5.043  0.591   1.00 19.35 ? 115 HIS A CB  1 
ATOM   770  C  CG  . HIS A 1 115 ? -6.920  -6.424  1.120   1.00 25.43 ? 115 HIS A CG  1 
ATOM   771  N  ND1 . HIS A 1 115 ? -7.895  -7.244  0.586   1.00 26.62 ? 115 HIS A ND1 1 
ATOM   772  C  CD2 . HIS A 1 115 ? -6.337  -7.136  2.118   1.00 21.36 ? 115 HIS A CD2 1 
ATOM   773  C  CE1 . HIS A 1 115 ? -7.905  -8.394  1.237   1.00 23.50 ? 115 HIS A CE1 1 
ATOM   774  N  NE2 . HIS A 1 115 ? -6.966  -8.359  2.169   1.00 24.47 ? 115 HIS A NE2 1 
ATOM   775  N  N   . GLU A 1 116 ? -4.829  -3.844  2.755   1.00 18.59 ? 116 GLU A N   1 
ATOM   776  C  CA  . GLU A 1 116 ? -3.980  -4.070  3.919   1.00 16.69 ? 116 GLU A CA  1 
ATOM   777  C  C   . GLU A 1 116 ? -4.204  -3.060  5.034   1.00 18.65 ? 116 GLU A C   1 
ATOM   778  O  O   . GLU A 1 116 ? -4.086  -3.418  6.193   1.00 18.85 ? 116 GLU A O   1 
ATOM   779  C  CB  . GLU A 1 116 ? -2.501  -4.076  3.518   1.00 20.79 ? 116 GLU A CB  1 
ATOM   780  C  CG  . GLU A 1 116 ? -2.183  -5.144  2.464   1.00 18.14 ? 116 GLU A CG  1 
ATOM   781  C  CD  . GLU A 1 116 ? -2.563  -6.543  2.894   1.00 20.76 ? 116 GLU A CD  1 
ATOM   782  O  OE1 . GLU A 1 116 ? -2.604  -6.822  4.108   1.00 22.82 ? 116 GLU A OE1 1 
ATOM   783  O  OE2 . GLU A 1 116 ? -2.803  -7.384  2.011   1.00 22.06 ? 116 GLU A OE2 1 
ATOM   784  N  N   . LEU A 1 117 ? -4.520  -1.808  4.693   1.00 19.51 ? 117 LEU A N   1 
ATOM   785  C  CA  . LEU A 1 117 ? -4.872  -0.829  5.724   1.00 19.86 ? 117 LEU A CA  1 
ATOM   786  C  C   . LEU A 1 117 ? -6.117  -1.267  6.487   1.00 19.73 ? 117 LEU A C   1 
ATOM   787  O  O   . LEU A 1 117 ? -6.234  -1.038  7.679   1.00 18.37 ? 117 LEU A O   1 
ATOM   788  C  CB  . LEU A 1 117 ? -5.101  0.559   5.113   1.00 18.07 ? 117 LEU A CB  1 
ATOM   789  C  CG  . LEU A 1 117 ? -3.799  1.282   4.751   1.00 18.49 ? 117 LEU A CG  1 
ATOM   790  C  CD1 . LEU A 1 117 ? -4.119  2.541   3.950   1.00 16.31 ? 117 LEU A CD1 1 
ATOM   791  C  CD2 . LEU A 1 117 ? -3.007  1.616   6.032   1.00 21.69 ? 117 LEU A CD2 1 
ATOM   792  N  N   . THR A 1 118 ? -7.052  -1.893  5.790   1.00 17.47 ? 118 THR A N   1 
ATOM   793  C  CA  . THR A 1 118 ? -8.274  -2.363  6.441   1.00 16.38 ? 118 THR A CA  1 
ATOM   794  C  C   . THR A 1 118 ? -7.925  -3.363  7.551   1.00 20.41 ? 118 THR A C   1 
ATOM   795  O  O   . THR A 1 118 ? -8.580  -3.395  8.583   1.00 20.06 ? 118 THR A O   1 
ATOM   796  C  CB  . THR A 1 118 ? -9.238  -2.993  5.410   1.00 19.28 ? 118 THR A CB  1 
ATOM   797  O  OG1 . THR A 1 118 ? -9.540  -2.028  4.388   1.00 20.14 ? 118 THR A OG1 1 
ATOM   798  C  CG2 . THR A 1 118 ? -10.535 -3.431  6.059   1.00 21.95 ? 118 THR A CG2 1 
ATOM   799  N  N   . HIS A 1 119 ? -6.857  -4.135  7.345   1.00 18.44 ? 119 HIS A N   1 
ATOM   800  C  CA  . HIS A 1 119 ? -6.383  -5.096  8.346   1.00 18.13 ? 119 HIS A CA  1 
ATOM   801  C  C   . HIS A 1 119 ? -5.736  -4.447  9.581   1.00 20.44 ? 119 HIS A C   1 
ATOM   802  O  O   . HIS A 1 119 ? -5.441  -5.141  10.557  1.00 23.38 ? 119 HIS A O   1 
ATOM   803  C  CB  . HIS A 1 119 ? -5.379  -6.076  7.712   1.00 20.38 ? 119 HIS A CB  1 
ATOM   804  C  CG  . HIS A 1 119 ? -6.011  -7.148  6.874   1.00 23.28 ? 119 HIS A CG  1 
ATOM   805  N  ND1 . HIS A 1 119 ? -7.097  -7.885  7.301   1.00 25.34 ? 119 HIS A ND1 1 
ATOM   806  C  CD2 . HIS A 1 119 ? -5.705  -7.611  5.640   1.00 21.41 ? 119 HIS A CD2 1 
ATOM   807  C  CE1 . HIS A 1 119 ? -7.431  -8.753  6.361   1.00 24.23 ? 119 HIS A CE1 1 
ATOM   808  N  NE2 . HIS A 1 119 ? -6.597  -8.614  5.344   1.00 25.08 ? 119 HIS A NE2 1 
ATOM   809  N  N   . ASN A 1 120 ? -5.502  -3.136  9.555   1.00 19.22 ? 120 ASN A N   1 
ATOM   810  C  CA  . ASN A 1 120 ? -5.152  -2.427  10.799  1.00 20.10 ? 120 ASN A CA  1 
ATOM   811  C  C   . ASN A 1 120 ? -6.281  -2.549  11.810  1.00 25.37 ? 120 ASN A C   1 
ATOM   812  O  O   . ASN A 1 120 ? -6.053  -2.530  13.028  1.00 27.01 ? 120 ASN A O   1 
ATOM   813  C  CB  . ASN A 1 120 ? -4.866  -0.936  10.544  1.00 21.58 ? 120 ASN A CB  1 
ATOM   814  C  CG  . ASN A 1 120 ? -3.454  -0.683  10.051  1.00 22.44 ? 120 ASN A CG  1 
ATOM   815  O  OD1 . ASN A 1 120 ? -2.834  -1.550  9.415   1.00 22.72 ? 120 ASN A OD1 1 
ATOM   816  N  ND2 . ASN A 1 120 ? -2.935  0.512   10.336  1.00 22.58 ? 120 ASN A ND2 1 
ATOM   817  N  N   . LEU A 1 121 ? -7.505  -2.677  11.298  1.00 22.45 ? 121 LEU A N   1 
ATOM   818  C  CA  . LEU A 1 121 ? -8.701  -2.732  12.143  1.00 23.26 ? 121 LEU A CA  1 
ATOM   819  C  C   . LEU A 1 121 ? -9.311  -4.119  12.236  1.00 24.62 ? 121 LEU A C   1 
ATOM   820  O  O   . LEU A 1 121 ? -9.742  -4.545  13.312  1.00 27.48 ? 121 LEU A O   1 
ATOM   821  C  CB  . LEU A 1 121 ? -9.781  -1.784  11.621  1.00 25.81 ? 121 LEU A CB  1 
ATOM   822  C  CG  . LEU A 1 121 ? -9.540  -0.281  11.702  1.00 30.59 ? 121 LEU A CG  1 
ATOM   823  C  CD1 . LEU A 1 121 ? -10.650 0.465   10.965  1.00 28.39 ? 121 LEU A CD1 1 
ATOM   824  C  CD2 . LEU A 1 121 ? -9.475  0.157   13.147  1.00 29.62 ? 121 LEU A CD2 1 
ATOM   825  N  N   . PHE A 1 122 ? -9.388  -4.801  11.102  1.00 23.28 ? 122 PHE A N   1 
ATOM   826  C  CA  . PHE A 1 122 ? -10.150 -6.036  11.009  1.00 23.98 ? 122 PHE A CA  1 
ATOM   827  C  C   . PHE A 1 122 ? -9.321  -7.168  10.432  1.00 25.20 ? 122 PHE A C   1 
ATOM   828  O  O   . PHE A 1 122 ? -8.754  -7.049  9.343   1.00 27.12 ? 122 PHE A O   1 
ATOM   829  C  CB  . PHE A 1 122 ? -11.410 -5.813  10.172  1.00 26.18 ? 122 PHE A CB  1 
ATOM   830  C  CG  . PHE A 1 122 ? -12.269 -4.696  10.674  1.00 26.91 ? 122 PHE A CG  1 
ATOM   831  C  CD1 . PHE A 1 122 ? -12.768 -4.727  11.962  1.00 31.29 ? 122 PHE A CD1 1 
ATOM   832  C  CD2 . PHE A 1 122 ? -12.594 -3.626  9.862   1.00 25.10 ? 122 PHE A CD2 1 
ATOM   833  C  CE1 . PHE A 1 122 ? -13.558 -3.700  12.445  1.00 33.24 ? 122 PHE A CE1 1 
ATOM   834  C  CE2 . PHE A 1 122 ? -13.400 -2.599  10.335  1.00 25.80 ? 122 PHE A CE2 1 
ATOM   835  C  CZ  . PHE A 1 122 ? -13.876 -2.639  11.632  1.00 26.49 ? 122 PHE A CZ  1 
ATOM   836  N  N   . GLY A 1 123 ? -9.261  -8.276  11.167  1.00 24.98 ? 123 GLY A N   1 
ATOM   837  C  CA  . GLY A 1 123 ? -8.473  -9.418  10.743  1.00 26.89 ? 123 GLY A CA  1 
ATOM   838  C  C   . GLY A 1 123 ? -9.141  -10.292 9.709   1.00 25.19 ? 123 GLY A C   1 
ATOM   839  O  O   . GLY A 1 123 ? -8.672  -10.376 8.576   1.00 26.27 ? 123 GLY A O   1 
ATOM   840  N  N   . PRO A 1 124 ? -10.240 -10.968 10.093  1.00 28.19 ? 124 PRO A N   1 
ATOM   841  C  CA  . PRO A 1 124 ? -10.924 -11.894 9.182   1.00 27.15 ? 124 PRO A CA  1 
ATOM   842  C  C   . PRO A 1 124 ? -11.550 -11.179 7.985   1.00 24.53 ? 124 PRO A C   1 
ATOM   843  O  O   . PRO A 1 124 ? -11.897 -10.001 8.105   1.00 27.31 ? 124 PRO A O   1 
ATOM   844  C  CB  . PRO A 1 124 ? -12.010 -12.526 10.063  1.00 29.77 ? 124 PRO A CB  1 
ATOM   845  C  CG  . PRO A 1 124 ? -11.615 -12.230 11.470  1.00 32.50 ? 124 PRO A CG  1 
ATOM   846  C  CD  . PRO A 1 124 ? -10.873 -10.933 11.422  1.00 32.33 ? 124 PRO A CD  1 
ATOM   847  N  N   . HIS A 1 125 ? -11.665 -11.870 6.854   1.00 23.69 ? 125 HIS A N   1 
ATOM   848  C  CA  . HIS A 1 125 ? -12.335 -11.298 5.681   1.00 24.76 ? 125 HIS A CA  1 
ATOM   849  C  C   . HIS A 1 125 ? -13.834 -11.517 5.818   1.00 25.61 ? 125 HIS A C   1 
ATOM   850  O  O   . HIS A 1 125 ? -14.420 -12.340 5.114   1.00 29.01 ? 125 HIS A O   1 
ATOM   851  C  CB  . HIS A 1 125 ? -11.818 -11.915 4.377   1.00 27.93 ? 125 HIS A CB  1 
ATOM   852  C  CG  . HIS A 1 125 ? -10.379 -11.607 4.081   1.00 27.13 ? 125 HIS A CG  1 
ATOM   853  N  ND1 . HIS A 1 125 ? -9.497  -12.555 3.608   1.00 32.93 ? 125 HIS A ND1 1 
ATOM   854  C  CD2 . HIS A 1 125 ? -9.672  -10.456 4.182   1.00 24.32 ? 125 HIS A CD2 1 
ATOM   855  C  CE1 . HIS A 1 125 ? -8.306  -12.005 3.439   1.00 26.65 ? 125 HIS A CE1 1 
ATOM   856  N  NE2 . HIS A 1 125 ? -8.388  -10.732 3.772   1.00 24.52 ? 125 HIS A NE2 1 
ATOM   857  N  N   . ASP A 1 126 ? -14.441 -10.789 6.745   1.00 25.65 ? 126 ASP A N   1 
ATOM   858  C  CA  . ASP A 1 126 ? -15.875 -10.906 6.984   1.00 29.17 ? 126 ASP A CA  1 
ATOM   859  C  C   . ASP A 1 126 ? -16.581 -9.643  6.541   1.00 29.87 ? 126 ASP A C   1 
ATOM   860  O  O   . ASP A 1 126 ? -16.022 -8.846  5.791   1.00 26.57 ? 126 ASP A O   1 
ATOM   861  C  CB  . ASP A 1 126 ? -16.173 -11.197 8.459   1.00 29.37 ? 126 ASP A CB  1 
ATOM   862  C  CG  . ASP A 1 126 ? -15.532 -10.199 9.419   1.00 36.10 ? 126 ASP A CG  1 
ATOM   863  O  OD1 . ASP A 1 126 ? -15.141 -9.085  9.004   1.00 31.28 ? 126 ASP A OD1 1 
ATOM   864  O  OD2 . ASP A 1 126 ? -15.440 -10.538 10.618  1.00 38.17 ? 126 ASP A OD2 1 
ATOM   865  N  N   . LYS A 1 127 ? -17.812 -9.459  7.000   1.00 28.96 ? 127 LYS A N   1 
ATOM   866  C  CA  . LYS A 1 127 ? -18.593 -8.311  6.556   1.00 27.16 ? 127 LYS A CA  1 
ATOM   867  C  C   . LYS A 1 127 ? -17.985 -6.996  7.007   1.00 26.38 ? 127 LYS A C   1 
ATOM   868  O  O   . LYS A 1 127 ? -17.976 -6.037  6.241   1.00 24.69 ? 127 LYS A O   1 
ATOM   869  C  CB  . LYS A 1 127 ? -20.033 -8.419  7.050   1.00 26.08 ? 127 LYS A CB  1 
ATOM   870  C  CG  . LYS A 1 127 ? -20.843 -9.386  6.227   1.00 29.60 ? 127 LYS A CG  1 
ATOM   871  C  CD  . LYS A 1 127 ? -22.283 -9.380  6.669   1.00 33.62 ? 127 LYS A CD  1 
ATOM   872  C  CE  . LYS A 1 127 ? -23.117 -10.331 5.837   1.00 30.77 ? 127 LYS A CE  1 
ATOM   873  N  NZ  . LYS A 1 127 ? -24.546 -10.203 6.235   1.00 34.63 ? 127 LYS A NZ  1 
ATOM   874  N  N   . LYS A 1 128 ? -17.479 -6.958  8.240   1.00 24.12 ? 128 LYS A N   1 
ATOM   875  C  CA  . LYS A 1 128 ? -16.802 -5.773  8.770   1.00 26.44 ? 128 LYS A CA  1 
ATOM   876  C  C   . LYS A 1 128 ? -15.655 -5.351  7.864   1.00 23.14 ? 128 LYS A C   1 
ATOM   877  O  O   . LYS A 1 128 ? -15.502 -4.167  7.532   1.00 22.27 ? 128 LYS A O   1 
ATOM   878  C  CB  . LYS A 1 128 ? -16.250 -6.046  10.172  1.00 32.56 ? 128 LYS A CB  1 
ATOM   879  C  CG  . LYS A 1 128 ? -17.285 -6.184  11.255  1.00 39.01 ? 128 LYS A CG  1 
ATOM   880  C  CD  . LYS A 1 128 ? -16.634 -6.656  12.556  1.00 42.23 ? 128 LYS A CD  1 
ATOM   881  C  CE  . LYS A 1 128 ? -15.973 -8.013  12.364  1.00 44.15 ? 128 LYS A CE  1 
ATOM   882  N  NZ  . LYS A 1 128 ? -15.738 -8.750  13.636  1.00 51.23 ? 128 LYS A NZ  1 
ATOM   883  N  N   . PHE A 1 129 ? -14.848 -6.336  7.484   1.00 24.61 ? 129 PHE A N   1 
ATOM   884  C  CA  . PHE A 1 129 ? -13.695 -6.086  6.634   1.00 21.19 ? 129 PHE A CA  1 
ATOM   885  C  C   . PHE A 1 129 ? -14.124 -5.511  5.288   1.00 22.41 ? 129 PHE A C   1 
ATOM   886  O  O   . PHE A 1 129 ? -13.637 -4.468  4.865   1.00 20.49 ? 129 PHE A O   1 
ATOM   887  C  CB  . PHE A 1 129 ? -12.887 -7.373  6.400   1.00 24.35 ? 129 PHE A CB  1 
ATOM   888  C  CG  . PHE A 1 129 ? -11.741 -7.184  5.440   1.00 21.34 ? 129 PHE A CG  1 
ATOM   889  C  CD1 . PHE A 1 129 ? -11.930 -7.337  4.066   1.00 20.41 ? 129 PHE A CD1 1 
ATOM   890  C  CD2 . PHE A 1 129 ? -10.486 -6.820  5.900   1.00 21.90 ? 129 PHE A CD2 1 
ATOM   891  C  CE1 . PHE A 1 129 ? -10.900 -7.131  3.177   1.00 24.34 ? 129 PHE A CE1 1 
ATOM   892  C  CE2 . PHE A 1 129 ? -9.446  -6.605  5.000   1.00 22.10 ? 129 PHE A CE2 1 
ATOM   893  C  CZ  . PHE A 1 129 ? -9.654  -6.765  3.642   1.00 21.37 ? 129 PHE A CZ  1 
ATOM   894  N  N   . TYR A 1 130 ? -15.020 -6.212  4.600   1.00 20.89 ? 130 TYR A N   1 
ATOM   895  C  CA  . TYR A 1 130 ? -15.372 -5.810  3.245   1.00 23.06 ? 130 TYR A CA  1 
ATOM   896  C  C   . TYR A 1 130 ? -16.117 -4.477  3.233   1.00 19.86 ? 130 TYR A C   1 
ATOM   897  O  O   . TYR A 1 130 ? -15.957 -3.666  2.315   1.00 20.65 ? 130 TYR A O   1 
ATOM   898  C  CB  . TYR A 1 130 ? -16.205 -6.894  2.576   1.00 23.27 ? 130 TYR A CB  1 
ATOM   899  C  CG  . TYR A 1 130 ? -15.390 -8.077  2.125   1.00 22.93 ? 130 TYR A CG  1 
ATOM   900  C  CD1 . TYR A 1 130 ? -14.490 -7.960  1.079   1.00 23.80 ? 130 TYR A CD1 1 
ATOM   901  C  CD2 . TYR A 1 130 ? -15.511 -9.314  2.754   1.00 26.18 ? 130 TYR A CD2 1 
ATOM   902  C  CE1 . TYR A 1 130 ? -13.741 -9.033  0.663   1.00 28.87 ? 130 TYR A CE1 1 
ATOM   903  C  CE2 . TYR A 1 130 ? -14.765 -10.401 2.338   1.00 24.40 ? 130 TYR A CE2 1 
ATOM   904  C  CZ  . TYR A 1 130 ? -13.880 -10.252 1.295   1.00 28.33 ? 130 TYR A CZ  1 
ATOM   905  O  OH  . TYR A 1 130 ? -13.120 -11.316 0.858   1.00 29.17 ? 130 TYR A OH  1 
ATOM   906  N  N   . ASN A 1 131 ? -16.930 -4.247  4.253   1.00 20.52 ? 131 ASN A N   1 
ATOM   907  C  CA  . ASN A 1 131 ? -17.644 -2.982  4.353   1.00 20.07 ? 131 ASN A CA  1 
ATOM   908  C  C   . ASN A 1 131 ? -16.678 -1.818  4.475   1.00 22.43 ? 131 ASN A C   1 
ATOM   909  O  O   . ASN A 1 131 ? -16.788 -0.810  3.781   1.00 21.12 ? 131 ASN A O   1 
ATOM   910  C  CB  . ASN A 1 131 ? -18.585 -2.967  5.558   1.00 22.01 ? 131 ASN A CB  1 
ATOM   911  C  CG  . ASN A 1 131 ? -19.256 -1.628  5.718   1.00 26.62 ? 131 ASN A CG  1 
ATOM   912  O  OD1 . ASN A 1 131 ? -20.039 -1.223  4.866   1.00 24.93 ? 131 ASN A OD1 1 
ATOM   913  N  ND2 . ASN A 1 131 ? -18.907 -0.905  6.766   1.00 26.63 ? 131 ASN A ND2 1 
ATOM   914  N  N   . LYS A 1 132 ? -15.711 -1.975  5.367   1.00 19.79 ? 132 LYS A N   1 
ATOM   915  C  CA  . LYS A 1 132 ? -14.706 -0.947  5.574   1.00 18.39 ? 132 LYS A CA  1 
ATOM   916  C  C   . LYS A 1 132 ? -13.852 -0.731  4.322   1.00 20.31 ? 132 LYS A C   1 
ATOM   917  O  O   . LYS A 1 132 ? -13.579 0.413   3.942   1.00 18.66 ? 132 LYS A O   1 
ATOM   918  C  CB  . LYS A 1 132 ? -13.820 -1.324  6.765   1.00 20.60 ? 132 LYS A CB  1 
ATOM   919  C  CG  . LYS A 1 132 ? -12.719 -0.316  7.049   1.00 20.23 ? 132 LYS A CG  1 
ATOM   920  C  CD  . LYS A 1 132 ? -13.300 0.987   7.520   1.00 23.96 ? 132 LYS A CD  1 
ATOM   921  C  CE  . LYS A 1 132 ? -12.233 2.045   7.659   1.00 29.47 ? 132 LYS A CE  1 
ATOM   922  N  NZ  . LYS A 1 132 ? -12.858 3.275   8.227   1.00 38.68 ? 132 LYS A NZ  1 
ATOM   923  N  N   . LEU A 1 133 ? -13.439 -1.823  3.675   1.00 19.78 ? 133 LEU A N   1 
ATOM   924  C  CA  . LEU A 1 133 ? -12.577 -1.705  2.500   1.00 19.31 ? 133 LEU A CA  1 
ATOM   925  C  C   . LEU A 1 133 ? -13.323 -0.965  1.397   1.00 21.96 ? 133 LEU A C   1 
ATOM   926  O  O   . LEU A 1 133 ? -12.762 -0.131  0.692   1.00 19.63 ? 133 LEU A O   1 
ATOM   927  C  CB  . LEU A 1 133 ? -12.114 -3.084  2.024   1.00 18.78 ? 133 LEU A CB  1 
ATOM   928  C  CG  . LEU A 1 133 ? -11.382 -3.123  0.688   1.00 21.43 ? 133 LEU A CG  1 
ATOM   929  C  CD1 . LEU A 1 133 ? -10.188 -2.168  0.694   1.00 22.19 ? 133 LEU A CD1 1 
ATOM   930  C  CD2 . LEU A 1 133 ? -10.944 -4.548  0.381   1.00 22.41 ? 133 LEU A CD2 1 
ATOM   931  N  N   . ASP A 1 134 ? -14.603 -1.274  1.255   1.00 21.19 ? 134 ASP A N   1 
ATOM   932  C  CA  . ASP A 1 134 ? -15.433 -0.573  0.284   1.00 21.32 ? 134 ASP A CA  1 
ATOM   933  C  C   . ASP A 1 134 ? -15.507 0.931   0.570   1.00 23.29 ? 134 ASP A C   1 
ATOM   934  O  O   . ASP A 1 134 ? -15.396 1.745   -0.353  1.00 24.43 ? 134 ASP A O   1 
ATOM   935  C  CB  . ASP A 1 134 ? -16.825 -1.189  0.266   1.00 20.66 ? 134 ASP A CB  1 
ATOM   936  C  CG  . ASP A 1 134 ? -17.776 -0.408  -0.590  1.00 23.68 ? 134 ASP A CG  1 
ATOM   937  O  OD1 . ASP A 1 134 ? -17.695 -0.541  -1.830  1.00 28.50 ? 134 ASP A OD1 1 
ATOM   938  O  OD2 . ASP A 1 134 ? -18.581 0.344   -0.015  1.00 25.33 ? 134 ASP A OD2 1 
ATOM   939  N  N   . GLU A 1 135 ? -15.657 1.312   1.841   1.00 19.31 ? 135 GLU A N   1 
ATOM   940  C  CA  . GLU A 1 135 ? -15.625 2.731   2.203   1.00 21.89 ? 135 GLU A CA  1 
ATOM   941  C  C   . GLU A 1 135 ? -14.279 3.378   1.885   1.00 21.17 ? 135 GLU A C   1 
ATOM   942  O  O   . GLU A 1 135 ? -14.235 4.518   1.415   1.00 22.56 ? 135 GLU A O   1 
ATOM   943  C  CB  . GLU A 1 135 ? -15.932 2.945   3.688   1.00 21.19 ? 135 GLU A CB  1 
ATOM   944  C  CG  . GLU A 1 135 ? -17.367 2.601   4.097   1.00 27.35 ? 135 GLU A CG  1 
ATOM   945  C  CD  . GLU A 1 135 ? -18.396 3.481   3.406   1.00 34.59 ? 135 GLU A CD  1 
ATOM   946  O  OE1 . GLU A 1 135 ? -18.161 4.711   3.285   1.00 35.27 ? 135 GLU A OE1 1 
ATOM   947  O  OE2 . GLU A 1 135 ? -19.447 2.945   2.984   1.00 35.40 ? 135 GLU A OE2 1 
ATOM   948  N  N   . LEU A 1 136 ? -13.183 2.666   2.147   1.00 18.54 ? 136 LEU A N   1 
ATOM   949  C  CA  . LEU A 1 136 ? -11.861 3.251   1.898   1.00 20.39 ? 136 LEU A CA  1 
ATOM   950  C  C   . LEU A 1 136 ? -11.606 3.460   0.419   1.00 19.43 ? 136 LEU A C   1 
ATOM   951  O  O   . LEU A 1 136 ? -11.090 4.504   0.002   1.00 22.13 ? 136 LEU A O   1 
ATOM   952  C  CB  . LEU A 1 136 ? -10.762 2.371   2.496   1.00 17.21 ? 136 LEU A CB  1 
ATOM   953  C  CG  . LEU A 1 136 ? -10.819 2.267   4.017   1.00 20.29 ? 136 LEU A CG  1 
ATOM   954  C  CD1 . LEU A 1 136 ? -9.742  1.303   4.511   1.00 21.68 ? 136 LEU A CD1 1 
ATOM   955  C  CD2 . LEU A 1 136 ? -10.675 3.626   4.691   1.00 21.92 ? 136 LEU A CD2 1 
ATOM   956  N  N   . ILE A 1 137 ? -11.945 2.453   -0.374  1.00 19.48 ? 137 ILE A N   1 
ATOM   957  C  CA  . ILE A 1 137 ? -11.760 2.527   -1.822  1.00 22.16 ? 137 ILE A CA  1 
ATOM   958  C  C   . ILE A 1 137 ? -12.549 3.697   -2.386  1.00 27.00 ? 137 ILE A C   1 
ATOM   959  O  O   . ILE A 1 137 ? -12.031 4.471   -3.190  1.00 23.06 ? 137 ILE A O   1 
ATOM   960  C  CB  . ILE A 1 137 ? -12.192 1.215   -2.508  1.00 23.29 ? 137 ILE A CB  1 
ATOM   961  C  CG1 . ILE A 1 137 ? -11.172 0.120   -2.193  1.00 26.26 ? 137 ILE A CG1 1 
ATOM   962  C  CG2 . ILE A 1 137 ? -12.342 1.392   -4.037  1.00 23.74 ? 137 ILE A CG2 1 
ATOM   963  C  CD1 . ILE A 1 137 ? -11.649 -1.276  -2.560  1.00 29.86 ? 137 ILE A CD1 1 
ATOM   964  N  N   . GLY A 1 138 ? -13.792 3.838   -1.941  1.00 21.14 ? 138 GLY A N   1 
ATOM   965  C  CA  . GLY A 1 138 ? -14.635 4.934   -2.392  1.00 25.18 ? 138 GLY A CA  1 
ATOM   966  C  C   . GLY A 1 138 ? -14.067 6.292   -2.031  1.00 27.10 ? 138 GLY A C   1 
ATOM   967  O  O   . GLY A 1 138 ? -13.996 7.211   -2.860  1.00 24.35 ? 138 GLY A O   1 
ATOM   968  N  N   . ARG A 1 139 ? -13.637 6.416   -0.783  1.00 21.91 ? 139 ARG A N   1 
ATOM   969  C  CA  . ARG A 1 139 ? -13.152 7.683   -0.277  1.00 19.55 ? 139 ARG A CA  1 
ATOM   970  C  C   . ARG A 1 139 ? -11.813 8.051   -0.907  1.00 20.82 ? 139 ARG A C   1 
ATOM   971  O  O   . ARG A 1 139 ? -11.580 9.218   -1.221  1.00 20.79 ? 139 ARG A O   1 
ATOM   972  C  CB  . ARG A 1 139 ? -13.032 7.618   1.239   1.00 20.73 ? 139 ARG A CB  1 
ATOM   973  C  CG  . ARG A 1 139 ? -12.478 8.853   1.871   1.00 22.20 ? 139 ARG A CG  1 
ATOM   974  C  CD  . ARG A 1 139 ? -13.290 10.074  1.526   1.00 22.84 ? 139 ARG A CD  1 
ATOM   975  N  NE  . ARG A 1 139 ? -12.767 11.223  2.245   1.00 24.75 ? 139 ARG A NE  1 
ATOM   976  C  CZ  . ARG A 1 139 ? -12.995 12.481  1.907   1.00 27.29 ? 139 ARG A CZ  1 
ATOM   977  N  NH1 . ARG A 1 139 ? -13.755 12.759  0.854   1.00 27.62 ? 139 ARG A NH1 1 
ATOM   978  N  NH2 . ARG A 1 139 ? -12.454 13.459  2.620   1.00 29.42 ? 139 ARG A NH2 1 
ATOM   979  N  N   . GLN A 1 140 ? -10.949 7.060   -1.112  1.00 18.26 ? 140 GLN A N   1 
ATOM   980  C  CA  . GLN A 1 140 ? -9.626  7.334   -1.674  1.00 17.28 ? 140 GLN A CA  1 
ATOM   981  C  C   . GLN A 1 140 ? -9.759  7.953   -3.065  1.00 21.61 ? 140 GLN A C   1 
ATOM   982  O  O   . GLN A 1 140 ? -9.000  8.856   -3.428  1.00 20.81 ? 140 GLN A O   1 
ATOM   983  C  CB  . GLN A 1 140 ? -8.772  6.067   -1.738  1.00 20.48 ? 140 GLN A CB  1 
ATOM   984  C  CG  . GLN A 1 140 ? -7.406  6.287   -2.396  1.00 20.87 ? 140 GLN A CG  1 
ATOM   985  C  CD  . GLN A 1 140 ? -6.512  7.257   -1.625  1.00 21.36 ? 140 GLN A CD  1 
ATOM   986  O  OE1 . GLN A 1 140 ? -6.711  7.503   -0.429  1.00 21.71 ? 140 GLN A OE1 1 
ATOM   987  N  NE2 . GLN A 1 140 ? -5.518  7.813   -2.314  1.00 20.96 ? 140 GLN A NE2 1 
ATOM   988  N  N   . TRP A 1 141 ? -10.726 7.477   -3.845  1.00 21.87 ? 141 TRP A N   1 
ATOM   989  C  CA  . TRP A 1 141 ? -10.930 8.050   -5.177  1.00 24.93 ? 141 TRP A CA  1 
ATOM   990  C  C   . TRP A 1 141 ? -11.257 9.527   -5.098  1.00 24.56 ? 141 TRP A C   1 
ATOM   991  O  O   . TRP A 1 141 ? -10.700 10.330  -5.850  1.00 24.15 ? 141 TRP A O   1 
ATOM   992  C  CB  . TRP A 1 141 ? -12.055 7.340   -5.932  1.00 26.09 ? 141 TRP A CB  1 
ATOM   993  C  CG  . TRP A 1 141 ? -12.450 8.089   -7.197  1.00 30.70 ? 141 TRP A CG  1 
ATOM   994  C  CD1 . TRP A 1 141 ? -13.446 9.018   -7.331  1.00 30.99 ? 141 TRP A CD1 1 
ATOM   995  C  CD2 . TRP A 1 141 ? -11.833 7.979   -8.480  1.00 30.17 ? 141 TRP A CD2 1 
ATOM   996  N  NE1 . TRP A 1 141 ? -13.490 9.485   -8.624  1.00 33.32 ? 141 TRP A NE1 1 
ATOM   997  C  CE2 . TRP A 1 141 ? -12.515 8.860   -9.350  1.00 30.99 ? 141 TRP A CE2 1 
ATOM   998  C  CE3 . TRP A 1 141 ? -10.783 7.211   -8.981  1.00 30.71 ? 141 TRP A CE3 1 
ATOM   999  C  CZ2 . TRP A 1 141 ? -12.168 8.999   -10.692 1.00 33.11 ? 141 TRP A CZ2 1 
ATOM   1000 C  CZ3 . TRP A 1 141 ? -10.439 7.349   -10.323 1.00 35.86 ? 141 TRP A CZ3 1 
ATOM   1001 C  CH2 . TRP A 1 141 ? -11.136 8.235   -11.161 1.00 34.81 ? 141 TRP A CH2 1 
ATOM   1002 N  N   . VAL A 1 142 ? -12.179 9.884   -4.205  1.00 23.26 ? 142 VAL A N   1 
ATOM   1003 C  CA  . VAL A 1 142 ? -12.611 11.270  -4.065  1.00 21.52 ? 142 VAL A CA  1 
ATOM   1004 C  C   . VAL A 1 142 ? -11.458 12.137  -3.600  1.00 22.07 ? 142 VAL A C   1 
ATOM   1005 O  O   . VAL A 1 142 ? -11.289 13.261  -4.062  1.00 21.50 ? 142 VAL A O   1 
ATOM   1006 C  CB  . VAL A 1 142 ? -13.787 11.417  -3.063  1.00 23.19 ? 142 VAL A CB  1 
ATOM   1007 C  CG1 . VAL A 1 142 ? -14.119 12.888  -2.824  1.00 27.35 ? 142 VAL A CG1 1 
ATOM   1008 C  CG2 . VAL A 1 142 ? -15.013 10.655  -3.557  1.00 24.47 ? 142 VAL A CG2 1 
ATOM   1009 N  N   . ILE A 1 143 ? -10.678 11.616  -2.656  1.00 18.75 ? 143 ILE A N   1 
ATOM   1010 C  CA  . ILE A 1 143 ? -9.493  12.332  -2.192  1.00 18.55 ? 143 ILE A CA  1 
ATOM   1011 C  C   . ILE A 1 143 ? -8.535  12.659  -3.338  1.00 18.82 ? 143 ILE A C   1 
ATOM   1012 O  O   . ILE A 1 143 ? -8.014  13.768  -3.428  1.00 20.66 ? 143 ILE A O   1 
ATOM   1013 C  CB  . ILE A 1 143 ? -8.745  11.515  -1.119  1.00 18.33 ? 143 ILE A CB  1 
ATOM   1014 C  CG1 . ILE A 1 143 ? -9.557  11.505  0.179   1.00 20.80 ? 143 ILE A CG1 1 
ATOM   1015 C  CG2 . ILE A 1 143 ? -7.357  12.082  -0.890  1.00 18.02 ? 143 ILE A CG2 1 
ATOM   1016 C  CD1 . ILE A 1 143 ? -9.053  10.498  1.249   1.00 20.16 ? 143 ILE A CD1 1 
ATOM   1017 N  N   . GLU A 1 144 ? -8.308  11.689  -4.210  1.00 20.65 ? 144 GLU A N   1 
ATOM   1018 C  CA  . GLU A 1 144 ? -7.385  11.878  -5.329  1.00 21.07 ? 144 GLU A CA  1 
ATOM   1019 C  C   . GLU A 1 144 ? -7.969  12.850  -6.340  1.00 23.74 ? 144 GLU A C   1 
ATOM   1020 O  O   . GLU A 1 144 ? -7.271  13.730  -6.844  1.00 23.58 ? 144 GLU A O   1 
ATOM   1021 C  CB  . GLU A 1 144 ? -7.056  10.548  -5.998  1.00 23.39 ? 144 GLU A CB  1 
ATOM   1022 C  CG  . GLU A 1 144 ? -6.226  9.612   -5.112  1.00 21.36 ? 144 GLU A CG  1 
ATOM   1023 C  CD  . GLU A 1 144 ? -5.843  8.321   -5.827  1.00 31.22 ? 144 GLU A CD  1 
ATOM   1024 O  OE1 . GLU A 1 144 ? -5.928  8.291   -7.078  1.00 35.87 ? 144 GLU A OE1 1 
ATOM   1025 O  OE2 . GLU A 1 144 ? -5.469  7.333   -5.150  1.00 27.88 ? 144 GLU A OE2 1 
ATOM   1026 N  N   . GLN A 1 145 ? -9.257  12.695  -6.623  1.00 20.10 ? 145 GLN A N   1 
ATOM   1027 C  CA  . GLN A 1 145 ? -9.932  13.556  -7.599  1.00 24.96 ? 145 GLN A CA  1 
ATOM   1028 C  C   . GLN A 1 145 ? -9.820  15.022  -7.205  1.00 29.24 ? 145 GLN A C   1 
ATOM   1029 O  O   . GLN A 1 145 ? -9.651  15.900  -8.057  1.00 29.19 ? 145 GLN A O   1 
ATOM   1030 C  CB  . GLN A 1 145 ? -11.397 13.152  -7.715  1.00 29.19 ? 145 GLN A CB  1 
ATOM   1031 C  CG  . GLN A 1 145 ? -11.968 13.186  -9.109  1.00 34.64 ? 145 GLN A CG  1 
ATOM   1032 C  CD  . GLN A 1 145 ? -13.461 12.947  -9.101  1.00 43.43 ? 145 GLN A CD  1 
ATOM   1033 O  OE1 . GLN A 1 145 ? -14.133 13.181  -8.090  1.00 49.60 ? 145 GLN A OE1 1 
ATOM   1034 N  NE2 . GLN A 1 145 ? -13.990 12.471  -10.217 1.00 41.85 ? 145 GLN A NE2 1 
ATOM   1035 N  N   . ARG A 1 146 ? -9.918  15.277  -5.905  1.00 26.97 ? 146 ARG A N   1 
ATOM   1036 C  CA  . ARG A 1 146 ? -9.867  16.638  -5.383  1.00 28.92 ? 146 ARG A CA  1 
ATOM   1037 C  C   . ARG A 1 146 ? -8.459  17.056  -4.982  1.00 27.00 ? 146 ARG A C   1 
ATOM   1038 O  O   . ARG A 1 146 ? -8.244  18.176  -4.517  1.00 29.67 ? 146 ARG A O   1 
ATOM   1039 C  CB  . ARG A 1 146 ? -10.819 16.774  -4.196  1.00 30.64 ? 146 ARG A CB  1 
ATOM   1040 C  CG  . ARG A 1 146 ? -12.234 16.346  -4.543  1.00 34.05 ? 146 ARG A CG  1 
ATOM   1041 C  CD  . ARG A 1 146 ? -13.241 16.867  -3.544  1.00 37.18 ? 146 ARG A CD  1 
ATOM   1042 N  NE  . ARG A 1 146 ? -14.561 16.302  -3.797  1.00 41.25 ? 146 ARG A NE  1 
ATOM   1043 C  CZ  . ARG A 1 146 ? -15.671 16.709  -3.195  1.00 40.75 ? 146 ARG A CZ  1 
ATOM   1044 N  NH1 . ARG A 1 146 ? -15.618 17.697  -2.309  1.00 42.95 ? 146 ARG A NH1 1 
ATOM   1045 N  NH2 . ARG A 1 146 ? -16.829 16.131  -3.480  1.00 40.84 ? 146 ARG A NH2 1 
ATOM   1046 N  N   . GLY A 1 147 ? -7.499  16.154  -5.166  1.00 23.64 ? 147 GLY A N   1 
ATOM   1047 C  CA  . GLY A 1 147 ? -6.108  16.437  -4.854  1.00 27.03 ? 147 GLY A CA  1 
ATOM   1048 C  C   . GLY A 1 147 ? -5.854  16.759  -3.392  1.00 32.38 ? 147 GLY A C   1 
ATOM   1049 O  O   . GLY A 1 147 ? -4.958  17.539  -3.071  1.00 33.65 ? 147 GLY A O   1 
ATOM   1050 N  N   . LEU A 1 148 ? -6.642  16.171  -2.499  1.00 30.73 ? 148 LEU A N   1 
ATOM   1051 C  CA  . LEU A 1 148 ? -6.475  16.460  -1.080  1.00 31.40 ? 148 LEU A CA  1 
ATOM   1052 C  C   . LEU A 1 148 ? -5.181  15.834  -0.569  1.00 33.73 ? 148 LEU A C   1 
ATOM   1053 O  O   . LEU A 1 148 ? -4.522  16.390  0.307   1.00 44.60 ? 148 LEU A O   1 
ATOM   1054 C  CB  . LEU A 1 148 ? -7.674  15.950  -0.275  1.00 30.01 ? 148 LEU A CB  1 
ATOM   1055 C  CG  . LEU A 1 148 ? -9.045  16.449  -0.742  1.00 31.69 ? 148 LEU A CG  1 
ATOM   1056 C  CD1 . LEU A 1 148 ? -10.133 15.939  0.167   1.00 31.77 ? 148 LEU A CD1 1 
ATOM   1057 C  CD2 . LEU A 1 148 ? -9.093  17.977  -0.821  1.00 35.37 ? 148 LEU A CD2 1 
HETATM 1058 ZN ZN  . ZN  B 2 .   ? -6.698  -9.693  3.590   1.00 30.00 ? 201 ZN  A ZN  1 
HETATM 1059 O  O   . HOH C 3 .   ? 16.097  -7.959  -3.001  1.00 34.84 ? 301 HOH A O   1 
HETATM 1060 O  O   . HOH C 3 .   ? -11.689 3.887   10.168  1.00 36.71 ? 302 HOH A O   1 
HETATM 1061 O  O   . HOH C 3 .   ? -26.061 -11.477 4.923   1.00 35.85 ? 303 HOH A O   1 
HETATM 1062 O  O   . HOH C 3 .   ? -16.268 -1.682  -3.351  1.00 30.19 ? 304 HOH A O   1 
HETATM 1063 O  O   . HOH C 3 .   ? 7.975   11.313  -7.971  1.00 29.24 ? 305 HOH A O   1 
HETATM 1064 O  O   . HOH C 3 .   ? -14.110 4.534   6.473   1.00 39.83 ? 306 HOH A O   1 
HETATM 1065 O  O   . HOH C 3 .   ? -19.927 6.424   3.758   1.00 35.61 ? 307 HOH A O   1 
HETATM 1066 O  O   . HOH C 3 .   ? -12.944 -8.675  10.186  1.00 30.70 ? 308 HOH A O   1 
HETATM 1067 O  O   . HOH C 3 .   ? 3.948   13.041  -5.466  1.00 38.28 ? 309 HOH A O   1 
HETATM 1068 O  O   . HOH C 3 .   ? -8.357  16.177  -10.264 1.00 38.78 ? 310 HOH A O   1 
HETATM 1069 O  O   . HOH C 3 .   ? -1.819  -5.515  -6.097  1.00 34.58 ? 311 HOH A O   1 
HETATM 1070 O  O   . HOH C 3 .   ? 2.084   -18.287 0.908   1.00 34.44 ? 312 HOH A O   1 
HETATM 1071 O  O   . HOH C 3 .   ? -5.712  14.862  -8.604  1.00 39.99 ? 313 HOH A O   1 
HETATM 1072 O  O   . HOH C 3 .   ? 2.941   17.228  -3.697  1.00 43.50 ? 314 HOH A O   1 
HETATM 1073 O  O   . HOH C 3 .   ? 13.554  6.730   -6.320  1.00 35.96 ? 315 HOH A O   1 
HETATM 1074 O  O   . HOH C 3 .   ? 12.870  -2.893  -5.919  1.00 25.97 ? 316 HOH A O   1 
HETATM 1075 O  O   . HOH C 3 .   ? -11.061 -10.844 -0.797  1.00 31.21 ? 317 HOH A O   1 
HETATM 1076 O  O   . HOH C 3 .   ? 11.512  10.283  1.405   1.00 37.66 ? 318 HOH A O   1 
HETATM 1077 O  O   . HOH C 3 .   ? 0.317   -5.199  -4.379  1.00 27.94 ? 319 HOH A O   1 
HETATM 1078 O  O   . HOH C 3 .   ? 7.082   15.963  -3.903  1.00 32.22 ? 320 HOH A O   1 
HETATM 1079 O  O   . HOH C 3 .   ? 12.721  21.360  -11.965 1.00 24.06 ? 321 HOH A O   1 
HETATM 1080 O  O   . HOH C 3 .   ? 7.461   -6.528  -5.735  1.00 24.07 ? 322 HOH A O   1 
HETATM 1081 O  O   . HOH C 3 .   ? 14.898  -2.690  1.719   1.00 33.20 ? 323 HOH A O   1 
HETATM 1082 O  O   . HOH C 3 .   ? 3.148   0.971   -12.448 1.00 43.85 ? 324 HOH A O   1 
HETATM 1083 O  O   . HOH C 3 .   ? -4.005  -9.583  3.200   1.00 30.00 ? 325 HOH A O   1 
HETATM 1084 O  O   . HOH C 3 .   ? 0.451   0.694   13.464  1.00 37.50 ? 326 HOH A O   1 
HETATM 1085 O  O   . HOH C 3 .   ? -17.032 -2.153  8.708   1.00 29.27 ? 327 HOH A O   1 
HETATM 1086 O  O   . HOH C 3 .   ? 6.095   -1.507  15.496  1.00 31.91 ? 328 HOH A O   1 
HETATM 1087 O  O   . HOH C 3 .   ? 5.967   9.410   0.547   1.00 22.94 ? 329 HOH A O   1 
HETATM 1088 O  O   . HOH C 3 .   ? -2.071  -7.807  11.205  1.00 27.57 ? 330 HOH A O   1 
HETATM 1089 O  O   . HOH C 3 .   ? -12.351 7.625   5.546   1.00 34.84 ? 331 HOH A O   1 
HETATM 1090 O  O   . HOH C 3 .   ? -3.261  8.721   11.575  1.00 31.57 ? 332 HOH A O   1 
HETATM 1091 O  O   . HOH C 3 .   ? -5.552  9.696   0.920   1.00 19.45 ? 333 HOH A O   1 
HETATM 1092 O  O   . HOH C 3 .   ? 4.459   14.951  -3.468  1.00 28.62 ? 334 HOH A O   1 
HETATM 1093 O  O   . HOH C 3 .   ? 5.862   8.598   3.215   1.00 30.67 ? 335 HOH A O   1 
HETATM 1094 O  O   . HOH C 3 .   ? -4.933  -7.910  10.683  1.00 33.49 ? 336 HOH A O   1 
HETATM 1095 O  O   . HOH C 3 .   ? 6.375   -13.768 -7.765  1.00 38.74 ? 337 HOH A O   1 
HETATM 1096 O  O   . HOH C 3 .   ? 8.559   10.123  0.404   1.00 33.71 ? 338 HOH A O   1 
HETATM 1097 O  O   . HOH C 3 .   ? 8.976   20.884  -12.597 1.00 30.63 ? 339 HOH A O   1 
HETATM 1098 O  O   . HOH C 3 .   ? 1.971   12.993  2.139   1.00 28.09 ? 340 HOH A O   1 
HETATM 1099 O  O   . HOH C 3 .   ? 0.351   -10.293 12.626  1.00 41.87 ? 341 HOH A O   1 
HETATM 1100 O  O   . HOH C 3 .   ? -12.166 8.493   12.001  1.00 39.47 ? 342 HOH A O   1 
HETATM 1101 O  O   . HOH C 3 .   ? -11.163 -14.701 6.792   1.00 40.37 ? 343 HOH A O   1 
HETATM 1102 O  O   . HOH C 3 .   ? 13.319  8.590   -2.829  1.00 35.42 ? 344 HOH A O   1 
HETATM 1103 O  O   . HOH C 3 .   ? -2.653  -9.322  5.881   1.00 22.74 ? 345 HOH A O   1 
HETATM 1104 O  O   . HOH C 3 .   ? -1.695  14.316  7.739   1.00 34.62 ? 346 HOH A O   1 
HETATM 1105 O  O   . HOH C 3 .   ? 3.549   5.576   12.020  1.00 26.33 ? 347 HOH A O   1 
HETATM 1106 O  O   . HOH C 3 .   ? 6.971   10.197  8.136   1.00 38.01 ? 348 HOH A O   1 
HETATM 1107 O  O   . HOH C 3 .   ? -9.782  3.963   -5.016  1.00 34.75 ? 349 HOH A O   1 
HETATM 1108 O  O   . HOH C 3 .   ? 10.269  -10.973 -0.937  1.00 30.92 ? 350 HOH A O   1 
HETATM 1109 O  O   . HOH C 3 .   ? -2.717  -10.926 -1.109  1.00 33.52 ? 351 HOH A O   1 
HETATM 1110 O  O   . HOH C 3 .   ? 8.019   4.969   -10.381 1.00 35.75 ? 352 HOH A O   1 
HETATM 1111 O  O   . HOH C 3 .   ? -14.992 -4.655  -0.317  1.00 25.17 ? 353 HOH A O   1 
HETATM 1112 O  O   . HOH C 3 .   ? 8.045   17.832  -1.849  1.00 30.83 ? 354 HOH A O   1 
HETATM 1113 O  O   . HOH C 3 .   ? -3.722  2.152   12.693  1.00 24.90 ? 355 HOH A O   1 
HETATM 1114 O  O   . HOH C 3 .   ? -15.212 6.535   -5.495  1.00 34.36 ? 356 HOH A O   1 
HETATM 1115 O  O   . HOH C 3 .   ? 0.670   2.792   -13.113 1.00 39.32 ? 357 HOH A O   1 
HETATM 1116 O  O   . HOH C 3 .   ? 11.473  6.084   4.462   1.00 29.15 ? 358 HOH A O   1 
HETATM 1117 O  O   . HOH C 3 .   ? 7.600   7.666   5.005   1.00 37.76 ? 359 HOH A O   1 
HETATM 1118 O  O   . HOH C 3 .   ? 16.841  -5.246  -0.005  1.00 28.21 ? 360 HOH A O   1 
HETATM 1119 O  O   . HOH C 3 .   ? -5.423  -11.148 3.257   1.00 30.00 ? 361 HOH A O   1 
HETATM 1120 O  O   . HOH C 3 .   ? 14.924  0.556   0.692   1.00 34.01 ? 362 HOH A O   1 
HETATM 1121 O  O   . HOH C 3 .   ? 1.221   -10.461 -11.265 1.00 51.39 ? 363 HOH A O   1 
HETATM 1122 O  O   . HOH C 3 .   ? -7.877  5.597   -5.880  1.00 37.91 ? 364 HOH A O   1 
HETATM 1123 O  O   . HOH C 3 .   ? 6.830   -1.330  -15.575 1.00 37.59 ? 365 HOH A O   1 
HETATM 1124 O  O   . HOH C 3 .   ? -5.393  -7.031  -2.566  1.00 37.95 ? 366 HOH A O   1 
HETATM 1125 O  O   . HOH C 3 .   ? -8.356  -6.412  -2.395  1.00 37.12 ? 367 HOH A O   1 
HETATM 1126 O  O   . HOH C 3 .   ? -4.268  -8.656  -0.491  1.00 36.20 ? 368 HOH A O   1 
HETATM 1127 O  O   . HOH C 3 .   ? 11.124  19.749  -13.790 1.00 29.25 ? 369 HOH A O   1 
HETATM 1128 O  O   . HOH C 3 .   ? 18.061  -7.257  -1.398  1.00 41.31 ? 370 HOH A O   1 
HETATM 1129 O  O   . HOH C 3 .   ? -10.564 -7.803  -1.362  1.00 24.34 ? 371 HOH A O   1 
HETATM 1130 O  O   . HOH C 3 .   ? 0.544   14.424  4.317   1.00 35.94 ? 372 HOH A O   1 
HETATM 1131 O  O   . HOH C 3 .   ? -13.935 6.133   4.746   1.00 40.87 ? 373 HOH A O   1 
HETATM 1132 O  O   . HOH C 3 .   ? -14.729 -2.912  -2.279  1.00 30.06 ? 374 HOH A O   1 
HETATM 1133 O  O   . HOH C 3 .   ? 8.662   -13.079 0.201   1.00 30.75 ? 375 HOH A O   1 
HETATM 1134 O  O   . HOH C 3 .   ? -9.510  17.941  -11.463 1.00 40.23 ? 376 HOH A O   1 
HETATM 1135 O  O   . HOH C 3 .   ? 12.646  -11.316 -2.635  1.00 42.68 ? 377 HOH A O   1 
HETATM 1136 O  O   . HOH C 3 .   ? 1.898   16.379  5.288   1.00 46.53 ? 378 HOH A O   1 
HETATM 1137 O  O   . HOH C 3 .   ? 3.697   16.603  6.645   1.00 45.54 ? 379 HOH A O   1 
HETATM 1138 O  O   . HOH C 3 .   ? 15.822  8.874   -2.811  1.00 47.45 ? 380 HOH A O   1 
# 
